data_2XU6
# 
_entry.id   2XU6 
# 
_audit_conform.dict_name       mmcif_pdbx.dic 
_audit_conform.dict_version    5.398 
_audit_conform.dict_location   http://mmcif.pdb.org/dictionaries/ascii/mmcif_pdbx.dic 
# 
loop_
_database_2.database_id 
_database_2.database_code 
_database_2.pdbx_database_accession 
_database_2.pdbx_DOI 
PDB   2XU6         pdb_00002xu6 10.2210/pdb2xu6/pdb 
PDBE  EBI-45779    ?            ?                   
WWPDB D_1290045779 ?            ?                   
# 
loop_
_pdbx_audit_revision_history.ordinal 
_pdbx_audit_revision_history.data_content_type 
_pdbx_audit_revision_history.major_revision 
_pdbx_audit_revision_history.minor_revision 
_pdbx_audit_revision_history.revision_date 
1 'Structure model' 1 0 2010-10-27 
2 'Structure model' 1 1 2011-05-08 
3 'Structure model' 1 2 2011-07-13 
4 'Structure model' 1 3 2024-11-06 
# 
_pdbx_audit_revision_details.ordinal             1 
_pdbx_audit_revision_details.revision_ordinal    1 
_pdbx_audit_revision_details.data_content_type   'Structure model' 
_pdbx_audit_revision_details.provider            repository 
_pdbx_audit_revision_details.type                'Initial release' 
_pdbx_audit_revision_details.description         ? 
_pdbx_audit_revision_details.details             ? 
# 
loop_
_pdbx_audit_revision_group.ordinal 
_pdbx_audit_revision_group.revision_ordinal 
_pdbx_audit_revision_group.data_content_type 
_pdbx_audit_revision_group.group 
1 2 'Structure model' 'Version format compliance' 
2 3 'Structure model' 'Version format compliance' 
3 4 'Structure model' 'Data collection'           
4 4 'Structure model' 'Database references'       
5 4 'Structure model' 'Derived calculations'      
6 4 'Structure model' Other                       
7 4 'Structure model' 'Structure summary'         
# 
loop_
_pdbx_audit_revision_category.ordinal 
_pdbx_audit_revision_category.revision_ordinal 
_pdbx_audit_revision_category.data_content_type 
_pdbx_audit_revision_category.category 
1 4 'Structure model' chem_comp_atom            
2 4 'Structure model' chem_comp_bond            
3 4 'Structure model' database_2                
4 4 'Structure model' pdbx_database_status      
5 4 'Structure model' pdbx_entry_details        
6 4 'Structure model' pdbx_modification_feature 
7 4 'Structure model' struct_conn               
# 
loop_
_pdbx_audit_revision_item.ordinal 
_pdbx_audit_revision_item.revision_ordinal 
_pdbx_audit_revision_item.data_content_type 
_pdbx_audit_revision_item.item 
1 4 'Structure model' '_database_2.pdbx_DOI'                         
2 4 'Structure model' '_database_2.pdbx_database_accession'          
3 4 'Structure model' '_pdbx_database_status.status_code_sf'         
4 4 'Structure model' '_pdbx_entry_details.has_protein_modification' 
5 4 'Structure model' '_struct_conn.pdbx_leaving_atom_flag'          
# 
_pdbx_database_status.status_code                     REL 
_pdbx_database_status.entry_id                        2XU6 
_pdbx_database_status.deposit_site                    PDBE 
_pdbx_database_status.process_site                    PDBE 
_pdbx_database_status.SG_entry                        . 
_pdbx_database_status.recvd_initial_deposition_date   2010-10-14 
_pdbx_database_status.pdb_format_compatible           Y 
_pdbx_database_status.status_code_sf                  REL 
_pdbx_database_status.status_code_mr                  ? 
_pdbx_database_status.status_code_cs                  ? 
_pdbx_database_status.methods_development_category    ? 
_pdbx_database_status.status_code_nmr_data            ? 
# 
loop_
_audit_author.name 
_audit_author.pdbx_ordinal 
'Koirala, S.'    1 
'Bui, H.T.'      2 
'Schubert, H.L.' 3 
'Eckert, D.M.'   4 
'Hill, C.P.'     5 
'Kay, M.S.'      6 
'Shaw, J.M.'     7 
# 
_citation.id                        primary 
_citation.title                     
'Molecular Architecture of a Dynamin Adaptor: Implications for Assembly of Mitochondrial Fission Complexes' 
_citation.journal_abbrev            'J.Cell Biol.' 
_citation.journal_volume            191 
_citation.page_first                1127 
_citation.page_last                 ? 
_citation.year                      2010 
_citation.journal_id_ASTM           JCLBA3 
_citation.country                   US 
_citation.journal_id_ISSN           0021-9525 
_citation.journal_id_CSD            2019 
_citation.book_publisher            ? 
_citation.pdbx_database_id_PubMed   21149566 
_citation.pdbx_database_id_DOI      10.1083/JCB.201005046 
# 
loop_
_citation_author.citation_id 
_citation_author.name 
_citation_author.ordinal 
_citation_author.identifier_ORCID 
primary 'Koirala, S.'    1 ? 
primary 'Bui, H.T.'      2 ? 
primary 'Schubert, H.L.' 3 ? 
primary 'Eckert, D.M.'   4 ? 
primary 'Hill, C.P.'     5 ? 
primary 'Kay, M.S.'      6 ? 
primary 'Shaw, J.M.'     7 ? 
# 
loop_
_entity.id 
_entity.type 
_entity.src_method 
_entity.pdbx_description 
_entity.formula_weight 
_entity.pdbx_number_of_molecules 
_entity.pdbx_ec 
_entity.pdbx_mutation 
_entity.pdbx_fragment 
_entity.details 
1 polymer man 'MDV1 COILED COIL' 8536.310 2  ? YES 'COILED COIL, RESIDUES 231-300' ? 
2 water   nat water              18.015   21 ? ?   ?                               ? 
# 
_entity_poly.entity_id                      1 
_entity_poly.type                           'polypeptide(L)' 
_entity_poly.nstd_linkage                   no 
_entity_poly.nstd_monomer                   yes 
_entity_poly.pdbx_seq_one_letter_code       'GPQTLVNSLEFLNIQKNST(MSE)SEIRDIEVEVENLRQKKEKLLGKIANIEQNQL(MSE)LEDNLKQIDDRLDFLEEYG' 
_entity_poly.pdbx_seq_one_letter_code_can   GPQTLVNSLEFLNIQKNSTMSEIRDIEVEVENLRQKKEKLLGKIANIEQNQLMLEDNLKQIDDRLDFLEEYG 
_entity_poly.pdbx_strand_id                 A,B 
_entity_poly.pdbx_target_identifier         ? 
# 
_pdbx_entity_nonpoly.entity_id   2 
_pdbx_entity_nonpoly.name        water 
_pdbx_entity_nonpoly.comp_id     HOH 
# 
loop_
_entity_poly_seq.entity_id 
_entity_poly_seq.num 
_entity_poly_seq.mon_id 
_entity_poly_seq.hetero 
1 1  GLY n 
1 2  PRO n 
1 3  GLN n 
1 4  THR n 
1 5  LEU n 
1 6  VAL n 
1 7  ASN n 
1 8  SER n 
1 9  LEU n 
1 10 GLU n 
1 11 PHE n 
1 12 LEU n 
1 13 ASN n 
1 14 ILE n 
1 15 GLN n 
1 16 LYS n 
1 17 ASN n 
1 18 SER n 
1 19 THR n 
1 20 MSE n 
1 21 SER n 
1 22 GLU n 
1 23 ILE n 
1 24 ARG n 
1 25 ASP n 
1 26 ILE n 
1 27 GLU n 
1 28 VAL n 
1 29 GLU n 
1 30 VAL n 
1 31 GLU n 
1 32 ASN n 
1 33 LEU n 
1 34 ARG n 
1 35 GLN n 
1 36 LYS n 
1 37 LYS n 
1 38 GLU n 
1 39 LYS n 
1 40 LEU n 
1 41 LEU n 
1 42 GLY n 
1 43 LYS n 
1 44 ILE n 
1 45 ALA n 
1 46 ASN n 
1 47 ILE n 
1 48 GLU n 
1 49 GLN n 
1 50 ASN n 
1 51 GLN n 
1 52 LEU n 
1 53 MSE n 
1 54 LEU n 
1 55 GLU n 
1 56 ASP n 
1 57 ASN n 
1 58 LEU n 
1 59 LYS n 
1 60 GLN n 
1 61 ILE n 
1 62 ASP n 
1 63 ASP n 
1 64 ARG n 
1 65 LEU n 
1 66 ASP n 
1 67 PHE n 
1 68 LEU n 
1 69 GLU n 
1 70 GLU n 
1 71 TYR n 
1 72 GLY n 
# 
_entity_src_gen.entity_id                          1 
_entity_src_gen.pdbx_src_id                        1 
_entity_src_gen.pdbx_alt_source_flag               sample 
_entity_src_gen.pdbx_seq_type                      ? 
_entity_src_gen.pdbx_beg_seq_num                   ? 
_entity_src_gen.pdbx_end_seq_num                   ? 
_entity_src_gen.gene_src_common_name               
;BAKER'S YEAST
;
_entity_src_gen.gene_src_genus                     ? 
_entity_src_gen.pdbx_gene_src_gene                 ? 
_entity_src_gen.gene_src_species                   ? 
_entity_src_gen.gene_src_strain                    ? 
_entity_src_gen.gene_src_tissue                    ? 
_entity_src_gen.gene_src_tissue_fraction           ? 
_entity_src_gen.gene_src_details                   ? 
_entity_src_gen.pdbx_gene_src_fragment             ? 
_entity_src_gen.pdbx_gene_src_scientific_name      'SACCHAROMYCES CEREVISIAE' 
_entity_src_gen.pdbx_gene_src_ncbi_taxonomy_id     4932 
_entity_src_gen.pdbx_gene_src_variant              ? 
_entity_src_gen.pdbx_gene_src_cell_line            ? 
_entity_src_gen.pdbx_gene_src_atcc                 ? 
_entity_src_gen.pdbx_gene_src_organ                ? 
_entity_src_gen.pdbx_gene_src_organelle            ? 
_entity_src_gen.pdbx_gene_src_cell                 ? 
_entity_src_gen.pdbx_gene_src_cellular_location    ? 
_entity_src_gen.host_org_common_name               ? 
_entity_src_gen.pdbx_host_org_scientific_name      'ESCHERICHIA COLI' 
_entity_src_gen.pdbx_host_org_ncbi_taxonomy_id     469008 
_entity_src_gen.host_org_genus                     ? 
_entity_src_gen.pdbx_host_org_gene                 ? 
_entity_src_gen.pdbx_host_org_organ                ? 
_entity_src_gen.host_org_species                   ? 
_entity_src_gen.pdbx_host_org_tissue               ? 
_entity_src_gen.pdbx_host_org_tissue_fraction      ? 
_entity_src_gen.pdbx_host_org_strain               'BL21(DE3)' 
_entity_src_gen.pdbx_host_org_variant              RIPL 
_entity_src_gen.pdbx_host_org_cell_line            ? 
_entity_src_gen.pdbx_host_org_atcc                 ? 
_entity_src_gen.pdbx_host_org_culture_collection   ? 
_entity_src_gen.pdbx_host_org_cell                 ? 
_entity_src_gen.pdbx_host_org_organelle            ? 
_entity_src_gen.pdbx_host_org_cellular_location    ? 
_entity_src_gen.pdbx_host_org_vector_type          PLASMID 
_entity_src_gen.pdbx_host_org_vector               PMAL-C2X 
_entity_src_gen.host_org_details                   ? 
_entity_src_gen.expression_system_id               ? 
_entity_src_gen.plasmid_name                       ? 
_entity_src_gen.plasmid_details                    ? 
_entity_src_gen.pdbx_description                   ? 
# 
loop_
_chem_comp.id 
_chem_comp.type 
_chem_comp.mon_nstd_flag 
_chem_comp.name 
_chem_comp.pdbx_synonyms 
_chem_comp.formula 
_chem_comp.formula_weight 
ALA 'L-peptide linking' y ALANINE          ? 'C3 H7 N O2'     89.093  
ARG 'L-peptide linking' y ARGININE         ? 'C6 H15 N4 O2 1' 175.209 
ASN 'L-peptide linking' y ASPARAGINE       ? 'C4 H8 N2 O3'    132.118 
ASP 'L-peptide linking' y 'ASPARTIC ACID'  ? 'C4 H7 N O4'     133.103 
GLN 'L-peptide linking' y GLUTAMINE        ? 'C5 H10 N2 O3'   146.144 
GLU 'L-peptide linking' y 'GLUTAMIC ACID'  ? 'C5 H9 N O4'     147.129 
GLY 'peptide linking'   y GLYCINE          ? 'C2 H5 N O2'     75.067  
HOH non-polymer         . WATER            ? 'H2 O'           18.015  
ILE 'L-peptide linking' y ISOLEUCINE       ? 'C6 H13 N O2'    131.173 
LEU 'L-peptide linking' y LEUCINE          ? 'C6 H13 N O2'    131.173 
LYS 'L-peptide linking' y LYSINE           ? 'C6 H15 N2 O2 1' 147.195 
MSE 'L-peptide linking' n SELENOMETHIONINE ? 'C5 H11 N O2 Se' 196.106 
PHE 'L-peptide linking' y PHENYLALANINE    ? 'C9 H11 N O2'    165.189 
PRO 'L-peptide linking' y PROLINE          ? 'C5 H9 N O2'     115.130 
SER 'L-peptide linking' y SERINE           ? 'C3 H7 N O3'     105.093 
THR 'L-peptide linking' y THREONINE        ? 'C4 H9 N O3'     119.119 
TYR 'L-peptide linking' y TYROSINE         ? 'C9 H11 N O3'    181.189 
VAL 'L-peptide linking' y VALINE           ? 'C5 H11 N O2'    117.146 
# 
loop_
_pdbx_poly_seq_scheme.asym_id 
_pdbx_poly_seq_scheme.entity_id 
_pdbx_poly_seq_scheme.seq_id 
_pdbx_poly_seq_scheme.mon_id 
_pdbx_poly_seq_scheme.ndb_seq_num 
_pdbx_poly_seq_scheme.pdb_seq_num 
_pdbx_poly_seq_scheme.auth_seq_num 
_pdbx_poly_seq_scheme.pdb_mon_id 
_pdbx_poly_seq_scheme.auth_mon_id 
_pdbx_poly_seq_scheme.pdb_strand_id 
_pdbx_poly_seq_scheme.pdb_ins_code 
_pdbx_poly_seq_scheme.hetero 
A 1 1  GLY 1  229 229 GLY GLY A . n 
A 1 2  PRO 2  230 230 PRO PRO A . n 
A 1 3  GLN 3  231 231 GLN GLN A . n 
A 1 4  THR 4  232 232 THR THR A . n 
A 1 5  LEU 5  233 233 LEU LEU A . n 
A 1 6  VAL 6  234 234 VAL VAL A . n 
A 1 7  ASN 7  235 235 ASN ASN A . n 
A 1 8  SER 8  236 236 SER SER A . n 
A 1 9  LEU 9  237 237 LEU LEU A . n 
A 1 10 GLU 10 238 238 GLU GLU A . n 
A 1 11 PHE 11 239 239 PHE PHE A . n 
A 1 12 LEU 12 240 240 LEU LEU A . n 
A 1 13 ASN 13 241 241 ASN ASN A . n 
A 1 14 ILE 14 242 242 ILE ILE A . n 
A 1 15 GLN 15 243 243 GLN GLN A . n 
A 1 16 LYS 16 244 244 LYS LYS A . n 
A 1 17 ASN 17 245 245 ASN ASN A . n 
A 1 18 SER 18 246 246 SER SER A . n 
A 1 19 THR 19 247 247 THR THR A . n 
A 1 20 MSE 20 248 248 MSE MSE A . n 
A 1 21 SER 21 249 249 SER SER A . n 
A 1 22 GLU 22 250 250 GLU GLU A . n 
A 1 23 ILE 23 251 251 ILE ILE A . n 
A 1 24 ARG 24 252 252 ARG ARG A . n 
A 1 25 ASP 25 253 253 ASP ASP A . n 
A 1 26 ILE 26 254 254 ILE ILE A . n 
A 1 27 GLU 27 255 255 GLU GLU A . n 
A 1 28 VAL 28 256 256 VAL VAL A . n 
A 1 29 GLU 29 257 257 GLU GLU A . n 
A 1 30 VAL 30 258 258 VAL VAL A . n 
A 1 31 GLU 31 259 259 GLU GLU A . n 
A 1 32 ASN 32 260 260 ASN ASN A . n 
A 1 33 LEU 33 261 261 LEU LEU A . n 
A 1 34 ARG 34 262 262 ARG ARG A . n 
A 1 35 GLN 35 263 263 GLN GLN A . n 
A 1 36 LYS 36 264 264 LYS LYS A . n 
A 1 37 LYS 37 265 265 LYS LYS A . n 
A 1 38 GLU 38 266 266 GLU GLU A . n 
A 1 39 LYS 39 267 267 LYS LYS A . n 
A 1 40 LEU 40 268 268 LEU LEU A . n 
A 1 41 LEU 41 269 269 LEU LEU A . n 
A 1 42 GLY 42 270 270 GLY GLY A . n 
A 1 43 LYS 43 271 271 LYS LYS A . n 
A 1 44 ILE 44 272 272 ILE ILE A . n 
A 1 45 ALA 45 273 273 ALA ALA A . n 
A 1 46 ASN 46 274 274 ASN ASN A . n 
A 1 47 ILE 47 275 275 ILE ILE A . n 
A 1 48 GLU 48 276 276 GLU GLU A . n 
A 1 49 GLN 49 277 277 GLN GLN A . n 
A 1 50 ASN 50 278 278 ASN ASN A . n 
A 1 51 GLN 51 279 279 GLN GLN A . n 
A 1 52 LEU 52 280 280 LEU LEU A . n 
A 1 53 MSE 53 281 281 MSE MSE A . n 
A 1 54 LEU 54 282 282 LEU LEU A . n 
A 1 55 GLU 55 283 283 GLU GLU A . n 
A 1 56 ASP 56 284 284 ASP ASP A . n 
A 1 57 ASN 57 285 285 ASN ASN A . n 
A 1 58 LEU 58 286 286 LEU LEU A . n 
A 1 59 LYS 59 287 287 LYS LYS A . n 
A 1 60 GLN 60 288 288 GLN GLN A . n 
A 1 61 ILE 61 289 289 ILE ILE A . n 
A 1 62 ASP 62 290 290 ASP ASP A . n 
A 1 63 ASP 63 291 291 ASP ASP A . n 
A 1 64 ARG 64 292 ?   ?   ?   A . n 
A 1 65 LEU 65 293 ?   ?   ?   A . n 
A 1 66 ASP 66 294 ?   ?   ?   A . n 
A 1 67 PHE 67 295 ?   ?   ?   A . n 
A 1 68 LEU 68 296 ?   ?   ?   A . n 
A 1 69 GLU 69 297 ?   ?   ?   A . n 
A 1 70 GLU 70 298 ?   ?   ?   A . n 
A 1 71 TYR 71 299 ?   ?   ?   A . n 
A 1 72 GLY 72 300 ?   ?   ?   A . n 
B 1 1  GLY 1  229 229 GLY GLY B . n 
B 1 2  PRO 2  230 230 PRO PRO B . n 
B 1 3  GLN 3  231 231 GLN GLN B . n 
B 1 4  THR 4  232 232 THR THR B . n 
B 1 5  LEU 5  233 233 LEU LEU B . n 
B 1 6  VAL 6  234 234 VAL VAL B . n 
B 1 7  ASN 7  235 235 ASN ASN B . n 
B 1 8  SER 8  236 236 SER SER B . n 
B 1 9  LEU 9  237 237 LEU LEU B . n 
B 1 10 GLU 10 238 238 GLU GLU B . n 
B 1 11 PHE 11 239 239 PHE PHE B . n 
B 1 12 LEU 12 240 240 LEU LEU B . n 
B 1 13 ASN 13 241 241 ASN ASN B . n 
B 1 14 ILE 14 242 242 ILE ILE B . n 
B 1 15 GLN 15 243 243 GLN GLN B . n 
B 1 16 LYS 16 244 244 LYS LYS B . n 
B 1 17 ASN 17 245 245 ASN ASN B . n 
B 1 18 SER 18 246 246 SER SER B . n 
B 1 19 THR 19 247 247 THR THR B . n 
B 1 20 MSE 20 248 248 MSE MSE B . n 
B 1 21 SER 21 249 249 SER SER B . n 
B 1 22 GLU 22 250 250 GLU GLU B . n 
B 1 23 ILE 23 251 251 ILE ILE B . n 
B 1 24 ARG 24 252 252 ARG ARG B . n 
B 1 25 ASP 25 253 253 ASP ASP B . n 
B 1 26 ILE 26 254 254 ILE ILE B . n 
B 1 27 GLU 27 255 255 GLU GLU B . n 
B 1 28 VAL 28 256 256 VAL VAL B . n 
B 1 29 GLU 29 257 257 GLU GLU B . n 
B 1 30 VAL 30 258 258 VAL VAL B . n 
B 1 31 GLU 31 259 259 GLU GLU B . n 
B 1 32 ASN 32 260 260 ASN ASN B . n 
B 1 33 LEU 33 261 261 LEU LEU B . n 
B 1 34 ARG 34 262 262 ARG ARG B . n 
B 1 35 GLN 35 263 263 GLN GLN B . n 
B 1 36 LYS 36 264 264 LYS LYS B . n 
B 1 37 LYS 37 265 265 LYS LYS B . n 
B 1 38 GLU 38 266 266 GLU GLU B . n 
B 1 39 LYS 39 267 267 LYS LYS B . n 
B 1 40 LEU 40 268 268 LEU LEU B . n 
B 1 41 LEU 41 269 269 LEU LEU B . n 
B 1 42 GLY 42 270 270 GLY GLY B . n 
B 1 43 LYS 43 271 271 LYS LYS B . n 
B 1 44 ILE 44 272 272 ILE ILE B . n 
B 1 45 ALA 45 273 273 ALA ALA B . n 
B 1 46 ASN 46 274 274 ASN ASN B . n 
B 1 47 ILE 47 275 275 ILE ILE B . n 
B 1 48 GLU 48 276 276 GLU GLU B . n 
B 1 49 GLN 49 277 277 GLN GLN B . n 
B 1 50 ASN 50 278 278 ASN ASN B . n 
B 1 51 GLN 51 279 279 GLN GLN B . n 
B 1 52 LEU 52 280 280 LEU LEU B . n 
B 1 53 MSE 53 281 281 MSE MSE B . n 
B 1 54 LEU 54 282 282 LEU LEU B . n 
B 1 55 GLU 55 283 283 GLU GLU B . n 
B 1 56 ASP 56 284 284 ASP ASP B . n 
B 1 57 ASN 57 285 285 ASN ASN B . n 
B 1 58 LEU 58 286 286 LEU LEU B . n 
B 1 59 LYS 59 287 287 LYS LYS B . n 
B 1 60 GLN 60 288 288 GLN GLN B . n 
B 1 61 ILE 61 289 289 ILE ILE B . n 
B 1 62 ASP 62 290 290 ASP ASP B . n 
B 1 63 ASP 63 291 291 ASP ASP B . n 
B 1 64 ARG 64 292 292 ARG ARG B . n 
B 1 65 LEU 65 293 ?   ?   ?   B . n 
B 1 66 ASP 66 294 ?   ?   ?   B . n 
B 1 67 PHE 67 295 ?   ?   ?   B . n 
B 1 68 LEU 68 296 ?   ?   ?   B . n 
B 1 69 GLU 69 297 ?   ?   ?   B . n 
B 1 70 GLU 70 298 ?   ?   ?   B . n 
B 1 71 TYR 71 299 ?   ?   ?   B . n 
B 1 72 GLY 72 300 ?   ?   ?   B . n 
# 
loop_
_pdbx_nonpoly_scheme.asym_id 
_pdbx_nonpoly_scheme.entity_id 
_pdbx_nonpoly_scheme.mon_id 
_pdbx_nonpoly_scheme.ndb_seq_num 
_pdbx_nonpoly_scheme.pdb_seq_num 
_pdbx_nonpoly_scheme.auth_seq_num 
_pdbx_nonpoly_scheme.pdb_mon_id 
_pdbx_nonpoly_scheme.auth_mon_id 
_pdbx_nonpoly_scheme.pdb_strand_id 
_pdbx_nonpoly_scheme.pdb_ins_code 
C 2 HOH 1  2001 2001 HOH HOH A . 
C 2 HOH 2  2002 2002 HOH HOH A . 
C 2 HOH 3  2003 2003 HOH HOH A . 
C 2 HOH 4  2004 2004 HOH HOH A . 
C 2 HOH 5  2005 2005 HOH HOH A . 
C 2 HOH 6  2006 2006 HOH HOH A . 
C 2 HOH 7  2007 2007 HOH HOH A . 
C 2 HOH 8  2008 2008 HOH HOH A . 
C 2 HOH 9  2009 2009 HOH HOH A . 
C 2 HOH 10 2010 2010 HOH HOH A . 
C 2 HOH 11 2011 2011 HOH HOH A . 
D 2 HOH 1  2001 2001 HOH HOH B . 
D 2 HOH 2  2002 2002 HOH HOH B . 
D 2 HOH 3  2003 2003 HOH HOH B . 
D 2 HOH 4  2004 2004 HOH HOH B . 
D 2 HOH 5  2005 2005 HOH HOH B . 
D 2 HOH 6  2006 2006 HOH HOH B . 
D 2 HOH 7  2007 2007 HOH HOH B . 
D 2 HOH 8  2008 2008 HOH HOH B . 
D 2 HOH 9  2009 2009 HOH HOH B . 
D 2 HOH 10 2010 2010 HOH HOH B . 
# 
loop_
_software.name 
_software.classification 
_software.version 
_software.citation_id 
_software.pdbx_ordinal 
REFMAC   refinement       5.5.0062 ? 1 
HKL-2000 'data reduction' .        ? 2 
HKL-2000 'data scaling'   .        ? 3 
SOLVE    phasing          .        ? 4 
# 
_cell.entry_id           2XU6 
_cell.length_a           41.380 
_cell.length_b           41.380 
_cell.length_c           227.378 
_cell.angle_alpha        90.00 
_cell.angle_beta         90.00 
_cell.angle_gamma        90.00 
_cell.Z_PDB              16 
_cell.pdbx_unique_axis   ? 
# 
_symmetry.entry_id                         2XU6 
_symmetry.space_group_name_H-M             'P 41 21 2' 
_symmetry.pdbx_full_space_group_name_H-M   ? 
_symmetry.cell_setting                     ? 
_symmetry.Int_Tables_number                92 
# 
_exptl.entry_id          2XU6 
_exptl.method            'X-RAY DIFFRACTION' 
_exptl.crystals_number   1 
# 
_exptl_crystal.id                    1 
_exptl_crystal.density_meas          ? 
_exptl_crystal.density_Matthews      2.85 
_exptl_crystal.density_percent_sol   56.85 
_exptl_crystal.description           NONE 
# 
_exptl_crystal_grow.crystal_id      1 
_exptl_crystal_grow.method          ? 
_exptl_crystal_grow.temp            ? 
_exptl_crystal_grow.temp_details    ? 
_exptl_crystal_grow.pH              7.5 
_exptl_crystal_grow.pdbx_pH_range   ? 
_exptl_crystal_grow.pdbx_details    '16% PEG 3350 0.1 M BIS-TRIS-PROPANE, PH 7.5 0.4 M NACL' 
# 
_diffrn.id                     1 
_diffrn.ambient_temp           287 
_diffrn.ambient_temp_details   ? 
_diffrn.crystal_id             1 
# 
_diffrn_detector.diffrn_id              1 
_diffrn_detector.detector               CCD 
_diffrn_detector.type                   'ADSC QUANTUM 315r' 
_diffrn_detector.pdbx_collection_date   2009-02-02 
_diffrn_detector.details                'RH COATED FLAT MIRROR.' 
# 
_diffrn_radiation.diffrn_id                        1 
_diffrn_radiation.wavelength_id                    1 
_diffrn_radiation.pdbx_monochromatic_or_laue_m_l   M 
_diffrn_radiation.monochromator                    'SIDE SCATTERING I-BEAM BENT SINGLE CRYSTAL ASYMMETRIC CUT 4.9650 DEG' 
_diffrn_radiation.pdbx_diffrn_protocol             MAD 
_diffrn_radiation.pdbx_scattering_type             x-ray 
# 
_diffrn_radiation_wavelength.id           1 
_diffrn_radiation_wavelength.wavelength   0.97982 
_diffrn_radiation_wavelength.wt           1.0 
# 
_diffrn_source.diffrn_id                   1 
_diffrn_source.source                      SYNCHROTRON 
_diffrn_source.type                        'SSRL BEAMLINE BL7-1' 
_diffrn_source.pdbx_synchrotron_site       SSRL 
_diffrn_source.pdbx_synchrotron_beamline   BL7-1 
_diffrn_source.pdbx_wavelength             0.97982 
_diffrn_source.pdbx_wavelength_list        ? 
# 
_reflns.pdbx_diffrn_id               1 
_reflns.pdbx_ordinal                 1 
_reflns.entry_id                     2XU6 
_reflns.observed_criterion_sigma_I   0.0 
_reflns.observed_criterion_sigma_F   ? 
_reflns.d_resolution_low             38.00 
_reflns.d_resolution_high            2.70 
_reflns.number_obs                   10392 
_reflns.number_all                   ? 
_reflns.percent_possible_obs         99.2 
_reflns.pdbx_Rmerge_I_obs            0.05 
_reflns.pdbx_Rsym_value              ? 
_reflns.pdbx_netI_over_sigmaI        10.00 
_reflns.B_iso_Wilson_estimate        60.8 
_reflns.pdbx_redundancy              1.8 
# 
_reflns_shell.pdbx_diffrn_id         1 
_reflns_shell.pdbx_ordinal           1 
_reflns_shell.d_res_high             2.70 
_reflns_shell.d_res_low              2.79 
_reflns_shell.percent_possible_all   99.2 
_reflns_shell.Rmerge_I_obs           0.27 
_reflns_shell.pdbx_Rsym_value        ? 
_reflns_shell.meanI_over_sigI_obs    2.40 
_reflns_shell.pdbx_redundancy        1.7 
# 
_refine.pdbx_refine_id                           'X-RAY DIFFRACTION' 
_refine.entry_id                                 2XU6 
_refine.pdbx_diffrn_id                           1 
_refine.pdbx_TLS_residual_ADP_flag               ? 
_refine.ls_number_reflns_obs                     5730 
_refine.ls_number_reflns_all                     ? 
_refine.pdbx_ls_sigma_I                          ? 
_refine.pdbx_ls_sigma_F                          . 
_refine.pdbx_data_cutoff_high_absF               ? 
_refine.pdbx_data_cutoff_low_absF                ? 
_refine.pdbx_data_cutoff_high_rms_absF           ? 
_refine.ls_d_res_low                             38.00 
_refine.ls_d_res_high                            2.70 
_refine.ls_percent_reflns_obs                    99.11 
_refine.ls_R_factor_obs                          0.27251 
_refine.ls_R_factor_all                          ? 
_refine.ls_R_factor_R_work                       0.27040 
_refine.ls_R_factor_R_free                       0.31381 
_refine.ls_R_factor_R_free_error                 ? 
_refine.ls_R_factor_R_free_error_details         ? 
_refine.ls_percent_reflns_R_free                 4.6 
_refine.ls_number_reflns_R_free                  278 
_refine.ls_number_parameters                     ? 
_refine.ls_number_restraints                     ? 
_refine.occupancy_min                            ? 
_refine.occupancy_max                            ? 
_refine.correlation_coeff_Fo_to_Fc               0.917 
_refine.correlation_coeff_Fo_to_Fc_free          0.915 
_refine.B_iso_mean                               57.684 
_refine.aniso_B[1][1]                            0.99 
_refine.aniso_B[2][2]                            0.99 
_refine.aniso_B[3][3]                            -1.97 
_refine.aniso_B[1][2]                            0.00 
_refine.aniso_B[1][3]                            0.00 
_refine.aniso_B[2][3]                            0.00 
_refine.solvent_model_details                    MASK 
_refine.solvent_model_param_ksol                 ? 
_refine.solvent_model_param_bsol                 ? 
_refine.pdbx_solvent_vdw_probe_radii             1.20 
_refine.pdbx_solvent_ion_probe_radii             0.80 
_refine.pdbx_solvent_shrinkage_radii             0.80 
_refine.pdbx_ls_cross_valid_method               THROUGHOUT 
_refine.details                                  
'HYDROGENS HAVE BEEN ADDED IN THE RIDING POSITIONS. U VALUES REFINED INDIVIDUALLY.' 
_refine.pdbx_starting_model                      NONE 
_refine.pdbx_method_to_determine_struct          MAD 
_refine.pdbx_isotropic_thermal_model             ? 
_refine.pdbx_stereochemistry_target_values       'MAXIMUM LIKELIHOOD WITH PHASES' 
_refine.pdbx_stereochem_target_val_spec_case     ? 
_refine.pdbx_R_Free_selection_details            RANDOM 
_refine.pdbx_overall_ESU_R                       0.704 
_refine.pdbx_overall_ESU_R_Free                  0.382 
_refine.overall_SU_ML                            0.287 
_refine.pdbx_overall_phase_error                 ? 
_refine.overall_SU_B                             14.906 
_refine.overall_SU_R_Cruickshank_DPI             ? 
_refine.pdbx_overall_SU_R_free_Cruickshank_DPI   ? 
_refine.pdbx_overall_SU_R_Blow_DPI               ? 
_refine.pdbx_overall_SU_R_free_Blow_DPI          ? 
# 
_refine_hist.pdbx_refine_id                   'X-RAY DIFFRACTION' 
_refine_hist.cycle_id                         LAST 
_refine_hist.pdbx_number_atoms_protein        1031 
_refine_hist.pdbx_number_atoms_nucleic_acid   0 
_refine_hist.pdbx_number_atoms_ligand         0 
_refine_hist.number_atoms_solvent             21 
_refine_hist.number_atoms_total               1052 
_refine_hist.d_res_high                       2.70 
_refine_hist.d_res_low                        38.00 
# 
loop_
_refine_ls_restr.type 
_refine_ls_restr.dev_ideal 
_refine_ls_restr.dev_ideal_target 
_refine_ls_restr.weight 
_refine_ls_restr.number 
_refine_ls_restr.pdbx_refine_id 
_refine_ls_restr.pdbx_restraint_function 
r_bond_refined_d             0.014  0.022  ? 1114 'X-RAY DIFFRACTION' ? 
r_bond_other_d               ?      ?      ? ?    'X-RAY DIFFRACTION' ? 
r_angle_refined_deg          1.502  1.994  ? 1512 'X-RAY DIFFRACTION' ? 
r_angle_other_deg            ?      ?      ? ?    'X-RAY DIFFRACTION' ? 
r_dihedral_angle_1_deg       5.317  5.000  ? 146  'X-RAY DIFFRACTION' ? 
r_dihedral_angle_2_deg       38.778 28.060 ? 67   'X-RAY DIFFRACTION' ? 
r_dihedral_angle_3_deg       23.875 15.000 ? 250  'X-RAY DIFFRACTION' ? 
r_dihedral_angle_4_deg       20.464 15.000 ? 5    'X-RAY DIFFRACTION' ? 
r_chiral_restr               0.094  0.200  ? 177  'X-RAY DIFFRACTION' ? 
r_gen_planes_refined         0.006  0.020  ? 838  'X-RAY DIFFRACTION' ? 
r_gen_planes_other           ?      ?      ? ?    'X-RAY DIFFRACTION' ? 
r_nbd_refined                ?      ?      ? ?    'X-RAY DIFFRACTION' ? 
r_nbd_other                  ?      ?      ? ?    'X-RAY DIFFRACTION' ? 
r_nbtor_refined              ?      ?      ? ?    'X-RAY DIFFRACTION' ? 
r_nbtor_other                ?      ?      ? ?    'X-RAY DIFFRACTION' ? 
r_xyhbond_nbd_refined        ?      ?      ? ?    'X-RAY DIFFRACTION' ? 
r_xyhbond_nbd_other          ?      ?      ? ?    'X-RAY DIFFRACTION' ? 
r_metal_ion_refined          ?      ?      ? ?    'X-RAY DIFFRACTION' ? 
r_metal_ion_other            ?      ?      ? ?    'X-RAY DIFFRACTION' ? 
r_symmetry_vdw_refined       ?      ?      ? ?    'X-RAY DIFFRACTION' ? 
r_symmetry_vdw_other         ?      ?      ? ?    'X-RAY DIFFRACTION' ? 
r_symmetry_hbond_refined     ?      ?      ? ?    'X-RAY DIFFRACTION' ? 
r_symmetry_hbond_other       ?      ?      ? ?    'X-RAY DIFFRACTION' ? 
r_symmetry_metal_ion_refined ?      ?      ? ?    'X-RAY DIFFRACTION' ? 
r_symmetry_metal_ion_other   ?      ?      ? ?    'X-RAY DIFFRACTION' ? 
r_mcbond_it                  0.694  1.500  ? 667  'X-RAY DIFFRACTION' ? 
r_mcbond_other               ?      ?      ? ?    'X-RAY DIFFRACTION' ? 
r_mcangle_it                 1.376  2.000  ? 1096 'X-RAY DIFFRACTION' ? 
r_mcangle_other              ?      ?      ? ?    'X-RAY DIFFRACTION' ? 
r_scbond_it                  2.227  3.000  ? 447  'X-RAY DIFFRACTION' ? 
r_scbond_other               ?      ?      ? ?    'X-RAY DIFFRACTION' ? 
r_scangle_it                 4.133  4.500  ? 404  'X-RAY DIFFRACTION' ? 
r_scangle_other              ?      ?      ? ?    'X-RAY DIFFRACTION' ? 
r_long_range_B_refined       ?      ?      ? ?    'X-RAY DIFFRACTION' ? 
r_long_range_B_other         ?      ?      ? ?    'X-RAY DIFFRACTION' ? 
r_rigid_bond_restr           ?      ?      ? ?    'X-RAY DIFFRACTION' ? 
r_sphericity_free            ?      ?      ? ?    'X-RAY DIFFRACTION' ? 
r_sphericity_bonded          ?      ?      ? ?    'X-RAY DIFFRACTION' ? 
# 
_refine_ls_shell.pdbx_refine_id                   'X-RAY DIFFRACTION' 
_refine_ls_shell.pdbx_total_number_of_bins_used   20 
_refine_ls_shell.d_res_high                       2.700 
_refine_ls_shell.d_res_low                        2.770 
_refine_ls_shell.number_reflns_R_work             419 
_refine_ls_shell.R_factor_R_work                  0.390 
_refine_ls_shell.percent_reflns_obs               99.55 
_refine_ls_shell.R_factor_R_free                  0.436 
_refine_ls_shell.R_factor_R_free_error            ? 
_refine_ls_shell.percent_reflns_R_free            ? 
_refine_ls_shell.number_reflns_R_free             22 
_refine_ls_shell.number_reflns_all                ? 
_refine_ls_shell.R_factor_all                     ? 
# 
_struct_ncs_oper.id             1 
_struct_ncs_oper.code           given 
_struct_ncs_oper.details        ? 
_struct_ncs_oper.matrix[1][1]   -0.28603302 
_struct_ncs_oper.matrix[1][2]   0.23993516 
_struct_ncs_oper.matrix[1][3]   0.92739503 
_struct_ncs_oper.matrix[2][1]   0.22931035 
_struct_ncs_oper.matrix[2][2]   -0.92296272 
_struct_ncs_oper.matrix[2][3]   0.30986923 
_struct_ncs_oper.matrix[3][1]   0.93070555 
_struct_ncs_oper.matrix[3][2]   0.30149344 
_struct_ncs_oper.matrix[3][3]   0.20899574 
_struct_ncs_oper.vector[1]      -0.48300 
_struct_ncs_oper.vector[2]      0.46405 
_struct_ncs_oper.vector[3]      0.71302 
# 
_struct.entry_id                  2XU6 
_struct.title                     'MDV1 coiled coil domain' 
_struct.pdbx_model_details        ? 
_struct.pdbx_CASP_flag            ? 
_struct.pdbx_model_type_details   ? 
# 
_struct_keywords.entry_id        2XU6 
_struct_keywords.pdbx_keywords   'PROTEIN BINDING' 
_struct_keywords.text            'PROTEIN BINDING, MITOCHONDRIAL OUTER MEMBRANE, ADAPTER PROTEIN, ORGANELLE DIVISION' 
# 
loop_
_struct_asym.id 
_struct_asym.pdbx_blank_PDB_chainid_flag 
_struct_asym.pdbx_modified 
_struct_asym.entity_id 
_struct_asym.details 
A N N 1 ? 
B N N 1 ? 
C N N 2 ? 
D N N 2 ? 
# 
_struct_ref.id                         1 
_struct_ref.db_name                    UNP 
_struct_ref.db_code                    MDV1_YEAST 
_struct_ref.entity_id                  1 
_struct_ref.pdbx_seq_one_letter_code   ? 
_struct_ref.pdbx_align_begin           ? 
_struct_ref.pdbx_db_accession          P47025 
_struct_ref.pdbx_db_isoform            ? 
# 
loop_
_struct_ref_seq.align_id 
_struct_ref_seq.ref_id 
_struct_ref_seq.pdbx_PDB_id_code 
_struct_ref_seq.pdbx_strand_id 
_struct_ref_seq.seq_align_beg 
_struct_ref_seq.pdbx_seq_align_beg_ins_code 
_struct_ref_seq.seq_align_end 
_struct_ref_seq.pdbx_seq_align_end_ins_code 
_struct_ref_seq.pdbx_db_accession 
_struct_ref_seq.db_align_beg 
_struct_ref_seq.pdbx_db_align_beg_ins_code 
_struct_ref_seq.db_align_end 
_struct_ref_seq.pdbx_db_align_end_ins_code 
_struct_ref_seq.pdbx_auth_seq_align_beg 
_struct_ref_seq.pdbx_auth_seq_align_end 
1 1 2XU6 A 3 ? 72 ? P47025 231 ? 300 ? 231 300 
2 1 2XU6 B 3 ? 72 ? P47025 231 ? 300 ? 231 300 
# 
loop_
_struct_ref_seq_dif.align_id 
_struct_ref_seq_dif.pdbx_pdb_id_code 
_struct_ref_seq_dif.mon_id 
_struct_ref_seq_dif.pdbx_pdb_strand_id 
_struct_ref_seq_dif.seq_num 
_struct_ref_seq_dif.pdbx_pdb_ins_code 
_struct_ref_seq_dif.pdbx_seq_db_name 
_struct_ref_seq_dif.pdbx_seq_db_accession_code 
_struct_ref_seq_dif.db_mon_id 
_struct_ref_seq_dif.pdbx_seq_db_seq_num 
_struct_ref_seq_dif.details 
_struct_ref_seq_dif.pdbx_auth_seq_num 
_struct_ref_seq_dif.pdbx_ordinal 
1 2XU6 GLY A 1  ? UNP P47025 ?   ?   'expression tag'      229 1 
1 2XU6 PRO A 2  ? UNP P47025 ?   ?   'expression tag'      230 2 
1 2XU6 MSE A 20 ? UNP P47025 LEU 248 'engineered mutation' 248 3 
1 2XU6 MSE A 53 ? UNP P47025 LEU 281 'engineered mutation' 281 4 
2 2XU6 GLY B 1  ? UNP P47025 ?   ?   'expression tag'      229 5 
2 2XU6 PRO B 2  ? UNP P47025 ?   ?   'expression tag'      230 6 
2 2XU6 MSE B 20 ? UNP P47025 LEU 248 'engineered mutation' 248 7 
2 2XU6 MSE B 53 ? UNP P47025 LEU 281 'engineered mutation' 281 8 
# 
_pdbx_struct_assembly.id                   1 
_pdbx_struct_assembly.details              author_and_software_defined_assembly 
_pdbx_struct_assembly.method_details       PISA 
_pdbx_struct_assembly.oligomeric_details   dimeric 
_pdbx_struct_assembly.oligomeric_count     2 
# 
loop_
_pdbx_struct_assembly_prop.biol_id 
_pdbx_struct_assembly_prop.type 
_pdbx_struct_assembly_prop.value 
_pdbx_struct_assembly_prop.details 
1 'ABSA (A^2)' 3170  ? 
1 MORE         -30.2 ? 
1 'SSA (A^2)'  9360  ? 
# 
_pdbx_struct_assembly_gen.assembly_id       1 
_pdbx_struct_assembly_gen.oper_expression   1 
_pdbx_struct_assembly_gen.asym_id_list      A,B,C,D 
# 
_pdbx_struct_oper_list.id                   1 
_pdbx_struct_oper_list.type                 'identity operation' 
_pdbx_struct_oper_list.name                 1_555 
_pdbx_struct_oper_list.symmetry_operation   x,y,z 
_pdbx_struct_oper_list.matrix[1][1]         1.0000000000 
_pdbx_struct_oper_list.matrix[1][2]         0.0000000000 
_pdbx_struct_oper_list.matrix[1][3]         0.0000000000 
_pdbx_struct_oper_list.vector[1]            0.0000000000 
_pdbx_struct_oper_list.matrix[2][1]         0.0000000000 
_pdbx_struct_oper_list.matrix[2][2]         1.0000000000 
_pdbx_struct_oper_list.matrix[2][3]         0.0000000000 
_pdbx_struct_oper_list.vector[2]            0.0000000000 
_pdbx_struct_oper_list.matrix[3][1]         0.0000000000 
_pdbx_struct_oper_list.matrix[3][2]         0.0000000000 
_pdbx_struct_oper_list.matrix[3][3]         1.0000000000 
_pdbx_struct_oper_list.vector[3]            0.0000000000 
# 
_struct_biol.id   1 
# 
loop_
_struct_conf.conf_type_id 
_struct_conf.id 
_struct_conf.pdbx_PDB_helix_id 
_struct_conf.beg_label_comp_id 
_struct_conf.beg_label_asym_id 
_struct_conf.beg_label_seq_id 
_struct_conf.pdbx_beg_PDB_ins_code 
_struct_conf.end_label_comp_id 
_struct_conf.end_label_asym_id 
_struct_conf.end_label_seq_id 
_struct_conf.pdbx_end_PDB_ins_code 
_struct_conf.beg_auth_comp_id 
_struct_conf.beg_auth_asym_id 
_struct_conf.beg_auth_seq_id 
_struct_conf.end_auth_comp_id 
_struct_conf.end_auth_asym_id 
_struct_conf.end_auth_seq_id 
_struct_conf.pdbx_PDB_helix_class 
_struct_conf.details 
_struct_conf.pdbx_PDB_helix_length 
HELX_P HELX_P1 1 GLY A 1 ? ASP A 62 ? GLY A 229 ASP A 290 1 ? 62 
HELX_P HELX_P2 2 PRO B 2 ? ASP B 62 ? PRO B 230 ASP B 290 1 ? 61 
# 
_struct_conf_type.id          HELX_P 
_struct_conf_type.criteria    ? 
_struct_conf_type.reference   ? 
# 
loop_
_struct_conn.id 
_struct_conn.conn_type_id 
_struct_conn.pdbx_leaving_atom_flag 
_struct_conn.pdbx_PDB_id 
_struct_conn.ptnr1_label_asym_id 
_struct_conn.ptnr1_label_comp_id 
_struct_conn.ptnr1_label_seq_id 
_struct_conn.ptnr1_label_atom_id 
_struct_conn.pdbx_ptnr1_label_alt_id 
_struct_conn.pdbx_ptnr1_PDB_ins_code 
_struct_conn.pdbx_ptnr1_standard_comp_id 
_struct_conn.ptnr1_symmetry 
_struct_conn.ptnr2_label_asym_id 
_struct_conn.ptnr2_label_comp_id 
_struct_conn.ptnr2_label_seq_id 
_struct_conn.ptnr2_label_atom_id 
_struct_conn.pdbx_ptnr2_label_alt_id 
_struct_conn.pdbx_ptnr2_PDB_ins_code 
_struct_conn.ptnr1_auth_asym_id 
_struct_conn.ptnr1_auth_comp_id 
_struct_conn.ptnr1_auth_seq_id 
_struct_conn.ptnr2_auth_asym_id 
_struct_conn.ptnr2_auth_comp_id 
_struct_conn.ptnr2_auth_seq_id 
_struct_conn.ptnr2_symmetry 
_struct_conn.pdbx_ptnr3_label_atom_id 
_struct_conn.pdbx_ptnr3_label_seq_id 
_struct_conn.pdbx_ptnr3_label_comp_id 
_struct_conn.pdbx_ptnr3_label_asym_id 
_struct_conn.pdbx_ptnr3_label_alt_id 
_struct_conn.pdbx_ptnr3_PDB_ins_code 
_struct_conn.details 
_struct_conn.pdbx_dist_value 
_struct_conn.pdbx_value_order 
_struct_conn.pdbx_role 
covale1 covale both ? A THR 19 C ? ? ? 1_555 A MSE 20 N ? ? A THR 247 A MSE 248 1_555 ? ? ? ? ? ? ? 1.331 ? ? 
covale2 covale both ? A MSE 20 C ? ? ? 1_555 A SER 21 N ? ? A MSE 248 A SER 249 1_555 ? ? ? ? ? ? ? 1.327 ? ? 
covale3 covale both ? A LEU 52 C ? ? ? 1_555 A MSE 53 N ? ? A LEU 280 A MSE 281 1_555 ? ? ? ? ? ? ? 1.333 ? ? 
covale4 covale both ? A MSE 53 C ? ? ? 1_555 A LEU 54 N ? ? A MSE 281 A LEU 282 1_555 ? ? ? ? ? ? ? 1.326 ? ? 
covale5 covale both ? B THR 19 C ? ? ? 1_555 B MSE 20 N ? ? B THR 247 B MSE 248 1_555 ? ? ? ? ? ? ? 1.329 ? ? 
covale6 covale both ? B MSE 20 C ? ? ? 1_555 B SER 21 N ? ? B MSE 248 B SER 249 1_555 ? ? ? ? ? ? ? 1.320 ? ? 
covale7 covale both ? B LEU 52 C ? ? ? 1_555 B MSE 53 N ? ? B LEU 280 B MSE 281 1_555 ? ? ? ? ? ? ? 1.325 ? ? 
covale8 covale both ? B MSE 53 C ? ? ? 1_555 B LEU 54 N ? ? B MSE 281 B LEU 282 1_555 ? ? ? ? ? ? ? 1.321 ? ? 
# 
_struct_conn_type.id          covale 
_struct_conn_type.criteria    ? 
_struct_conn_type.reference   ? 
# 
loop_
_pdbx_modification_feature.ordinal 
_pdbx_modification_feature.label_comp_id 
_pdbx_modification_feature.label_asym_id 
_pdbx_modification_feature.label_seq_id 
_pdbx_modification_feature.label_alt_id 
_pdbx_modification_feature.modified_residue_label_comp_id 
_pdbx_modification_feature.modified_residue_label_asym_id 
_pdbx_modification_feature.modified_residue_label_seq_id 
_pdbx_modification_feature.modified_residue_label_alt_id 
_pdbx_modification_feature.auth_comp_id 
_pdbx_modification_feature.auth_asym_id 
_pdbx_modification_feature.auth_seq_id 
_pdbx_modification_feature.PDB_ins_code 
_pdbx_modification_feature.symmetry 
_pdbx_modification_feature.modified_residue_auth_comp_id 
_pdbx_modification_feature.modified_residue_auth_asym_id 
_pdbx_modification_feature.modified_residue_auth_seq_id 
_pdbx_modification_feature.modified_residue_PDB_ins_code 
_pdbx_modification_feature.modified_residue_symmetry 
_pdbx_modification_feature.comp_id_linking_atom 
_pdbx_modification_feature.modified_residue_id_linking_atom 
_pdbx_modification_feature.modified_residue_id 
_pdbx_modification_feature.ref_pcm_id 
_pdbx_modification_feature.ref_comp_id 
_pdbx_modification_feature.type 
_pdbx_modification_feature.category 
1 MSE A 20 ? . . . . MSE A 248 ? 1_555 . . . . . . . MET 1 MSE Selenomethionine 'Named protein modification' 
2 MSE A 53 ? . . . . MSE A 281 ? 1_555 . . . . . . . MET 1 MSE Selenomethionine 'Named protein modification' 
3 MSE B 20 ? . . . . MSE B 248 ? 1_555 . . . . . . . MET 1 MSE Selenomethionine 'Named protein modification' 
4 MSE B 53 ? . . . . MSE B 281 ? 1_555 . . . . . . . MET 1 MSE Selenomethionine 'Named protein modification' 
# 
_pdbx_entry_details.entry_id                   2XU6 
_pdbx_entry_details.compound_details           ? 
_pdbx_entry_details.source_details             ? 
_pdbx_entry_details.nonpolymer_details         ? 
_pdbx_entry_details.sequence_details           
;SEMET DERIVATIVE L248M, L281M
ADDITIONAL MET RESIDUES ADDED FOR SEMET PHASING.
;
_pdbx_entry_details.has_ligand_of_interest     ? 
_pdbx_entry_details.has_protein_modification   Y 
# 
loop_
_pdbx_validate_torsion.id 
_pdbx_validate_torsion.PDB_model_num 
_pdbx_validate_torsion.auth_comp_id 
_pdbx_validate_torsion.auth_asym_id 
_pdbx_validate_torsion.auth_seq_id 
_pdbx_validate_torsion.PDB_ins_code 
_pdbx_validate_torsion.label_alt_id 
_pdbx_validate_torsion.phi 
_pdbx_validate_torsion.psi 
1 1 LEU B 282 ? ? -99.31  -66.37 
2 1 GLU B 283 ? ? -38.19  -27.03 
3 1 ASP B 291 ? ? -154.20 7.51   
# 
loop_
_pdbx_struct_mod_residue.id 
_pdbx_struct_mod_residue.label_asym_id 
_pdbx_struct_mod_residue.label_comp_id 
_pdbx_struct_mod_residue.label_seq_id 
_pdbx_struct_mod_residue.auth_asym_id 
_pdbx_struct_mod_residue.auth_comp_id 
_pdbx_struct_mod_residue.auth_seq_id 
_pdbx_struct_mod_residue.PDB_ins_code 
_pdbx_struct_mod_residue.parent_comp_id 
_pdbx_struct_mod_residue.details 
1 A MSE 20 A MSE 248 ? MET SELENOMETHIONINE 
2 A MSE 53 A MSE 281 ? MET SELENOMETHIONINE 
3 B MSE 20 B MSE 248 ? MET SELENOMETHIONINE 
4 B MSE 53 B MSE 281 ? MET SELENOMETHIONINE 
# 
loop_
_pdbx_unobs_or_zero_occ_residues.id 
_pdbx_unobs_or_zero_occ_residues.PDB_model_num 
_pdbx_unobs_or_zero_occ_residues.polymer_flag 
_pdbx_unobs_or_zero_occ_residues.occupancy_flag 
_pdbx_unobs_or_zero_occ_residues.auth_asym_id 
_pdbx_unobs_or_zero_occ_residues.auth_comp_id 
_pdbx_unobs_or_zero_occ_residues.auth_seq_id 
_pdbx_unobs_or_zero_occ_residues.PDB_ins_code 
_pdbx_unobs_or_zero_occ_residues.label_asym_id 
_pdbx_unobs_or_zero_occ_residues.label_comp_id 
_pdbx_unobs_or_zero_occ_residues.label_seq_id 
1  1 Y 1 A ARG 292 ? A ARG 64 
2  1 Y 1 A LEU 293 ? A LEU 65 
3  1 Y 1 A ASP 294 ? A ASP 66 
4  1 Y 1 A PHE 295 ? A PHE 67 
5  1 Y 1 A LEU 296 ? A LEU 68 
6  1 Y 1 A GLU 297 ? A GLU 69 
7  1 Y 1 A GLU 298 ? A GLU 70 
8  1 Y 1 A TYR 299 ? A TYR 71 
9  1 Y 1 A GLY 300 ? A GLY 72 
10 1 Y 1 B LEU 293 ? B LEU 65 
11 1 Y 1 B ASP 294 ? B ASP 66 
12 1 Y 1 B PHE 295 ? B PHE 67 
13 1 Y 1 B LEU 296 ? B LEU 68 
14 1 Y 1 B GLU 297 ? B GLU 69 
15 1 Y 1 B GLU 298 ? B GLU 70 
16 1 Y 1 B TYR 299 ? B TYR 71 
17 1 Y 1 B GLY 300 ? B GLY 72 
# 
loop_
_chem_comp_atom.comp_id 
_chem_comp_atom.atom_id 
_chem_comp_atom.type_symbol 
_chem_comp_atom.pdbx_aromatic_flag 
_chem_comp_atom.pdbx_stereo_config 
_chem_comp_atom.pdbx_ordinal 
ALA N    N  N N 1   
ALA CA   C  N S 2   
ALA C    C  N N 3   
ALA O    O  N N 4   
ALA CB   C  N N 5   
ALA OXT  O  N N 6   
ALA H    H  N N 7   
ALA H2   H  N N 8   
ALA HA   H  N N 9   
ALA HB1  H  N N 10  
ALA HB2  H  N N 11  
ALA HB3  H  N N 12  
ALA HXT  H  N N 13  
ARG N    N  N N 14  
ARG CA   C  N S 15  
ARG C    C  N N 16  
ARG O    O  N N 17  
ARG CB   C  N N 18  
ARG CG   C  N N 19  
ARG CD   C  N N 20  
ARG NE   N  N N 21  
ARG CZ   C  N N 22  
ARG NH1  N  N N 23  
ARG NH2  N  N N 24  
ARG OXT  O  N N 25  
ARG H    H  N N 26  
ARG H2   H  N N 27  
ARG HA   H  N N 28  
ARG HB2  H  N N 29  
ARG HB3  H  N N 30  
ARG HG2  H  N N 31  
ARG HG3  H  N N 32  
ARG HD2  H  N N 33  
ARG HD3  H  N N 34  
ARG HE   H  N N 35  
ARG HH11 H  N N 36  
ARG HH12 H  N N 37  
ARG HH21 H  N N 38  
ARG HH22 H  N N 39  
ARG HXT  H  N N 40  
ASN N    N  N N 41  
ASN CA   C  N S 42  
ASN C    C  N N 43  
ASN O    O  N N 44  
ASN CB   C  N N 45  
ASN CG   C  N N 46  
ASN OD1  O  N N 47  
ASN ND2  N  N N 48  
ASN OXT  O  N N 49  
ASN H    H  N N 50  
ASN H2   H  N N 51  
ASN HA   H  N N 52  
ASN HB2  H  N N 53  
ASN HB3  H  N N 54  
ASN HD21 H  N N 55  
ASN HD22 H  N N 56  
ASN HXT  H  N N 57  
ASP N    N  N N 58  
ASP CA   C  N S 59  
ASP C    C  N N 60  
ASP O    O  N N 61  
ASP CB   C  N N 62  
ASP CG   C  N N 63  
ASP OD1  O  N N 64  
ASP OD2  O  N N 65  
ASP OXT  O  N N 66  
ASP H    H  N N 67  
ASP H2   H  N N 68  
ASP HA   H  N N 69  
ASP HB2  H  N N 70  
ASP HB3  H  N N 71  
ASP HD2  H  N N 72  
ASP HXT  H  N N 73  
GLN N    N  N N 74  
GLN CA   C  N S 75  
GLN C    C  N N 76  
GLN O    O  N N 77  
GLN CB   C  N N 78  
GLN CG   C  N N 79  
GLN CD   C  N N 80  
GLN OE1  O  N N 81  
GLN NE2  N  N N 82  
GLN OXT  O  N N 83  
GLN H    H  N N 84  
GLN H2   H  N N 85  
GLN HA   H  N N 86  
GLN HB2  H  N N 87  
GLN HB3  H  N N 88  
GLN HG2  H  N N 89  
GLN HG3  H  N N 90  
GLN HE21 H  N N 91  
GLN HE22 H  N N 92  
GLN HXT  H  N N 93  
GLU N    N  N N 94  
GLU CA   C  N S 95  
GLU C    C  N N 96  
GLU O    O  N N 97  
GLU CB   C  N N 98  
GLU CG   C  N N 99  
GLU CD   C  N N 100 
GLU OE1  O  N N 101 
GLU OE2  O  N N 102 
GLU OXT  O  N N 103 
GLU H    H  N N 104 
GLU H2   H  N N 105 
GLU HA   H  N N 106 
GLU HB2  H  N N 107 
GLU HB3  H  N N 108 
GLU HG2  H  N N 109 
GLU HG3  H  N N 110 
GLU HE2  H  N N 111 
GLU HXT  H  N N 112 
GLY N    N  N N 113 
GLY CA   C  N N 114 
GLY C    C  N N 115 
GLY O    O  N N 116 
GLY OXT  O  N N 117 
GLY H    H  N N 118 
GLY H2   H  N N 119 
GLY HA2  H  N N 120 
GLY HA3  H  N N 121 
GLY HXT  H  N N 122 
HOH O    O  N N 123 
HOH H1   H  N N 124 
HOH H2   H  N N 125 
ILE N    N  N N 126 
ILE CA   C  N S 127 
ILE C    C  N N 128 
ILE O    O  N N 129 
ILE CB   C  N S 130 
ILE CG1  C  N N 131 
ILE CG2  C  N N 132 
ILE CD1  C  N N 133 
ILE OXT  O  N N 134 
ILE H    H  N N 135 
ILE H2   H  N N 136 
ILE HA   H  N N 137 
ILE HB   H  N N 138 
ILE HG12 H  N N 139 
ILE HG13 H  N N 140 
ILE HG21 H  N N 141 
ILE HG22 H  N N 142 
ILE HG23 H  N N 143 
ILE HD11 H  N N 144 
ILE HD12 H  N N 145 
ILE HD13 H  N N 146 
ILE HXT  H  N N 147 
LEU N    N  N N 148 
LEU CA   C  N S 149 
LEU C    C  N N 150 
LEU O    O  N N 151 
LEU CB   C  N N 152 
LEU CG   C  N N 153 
LEU CD1  C  N N 154 
LEU CD2  C  N N 155 
LEU OXT  O  N N 156 
LEU H    H  N N 157 
LEU H2   H  N N 158 
LEU HA   H  N N 159 
LEU HB2  H  N N 160 
LEU HB3  H  N N 161 
LEU HG   H  N N 162 
LEU HD11 H  N N 163 
LEU HD12 H  N N 164 
LEU HD13 H  N N 165 
LEU HD21 H  N N 166 
LEU HD22 H  N N 167 
LEU HD23 H  N N 168 
LEU HXT  H  N N 169 
LYS N    N  N N 170 
LYS CA   C  N S 171 
LYS C    C  N N 172 
LYS O    O  N N 173 
LYS CB   C  N N 174 
LYS CG   C  N N 175 
LYS CD   C  N N 176 
LYS CE   C  N N 177 
LYS NZ   N  N N 178 
LYS OXT  O  N N 179 
LYS H    H  N N 180 
LYS H2   H  N N 181 
LYS HA   H  N N 182 
LYS HB2  H  N N 183 
LYS HB3  H  N N 184 
LYS HG2  H  N N 185 
LYS HG3  H  N N 186 
LYS HD2  H  N N 187 
LYS HD3  H  N N 188 
LYS HE2  H  N N 189 
LYS HE3  H  N N 190 
LYS HZ1  H  N N 191 
LYS HZ2  H  N N 192 
LYS HZ3  H  N N 193 
LYS HXT  H  N N 194 
MSE N    N  N N 195 
MSE CA   C  N S 196 
MSE C    C  N N 197 
MSE O    O  N N 198 
MSE OXT  O  N N 199 
MSE CB   C  N N 200 
MSE CG   C  N N 201 
MSE SE   SE N N 202 
MSE CE   C  N N 203 
MSE H    H  N N 204 
MSE H2   H  N N 205 
MSE HA   H  N N 206 
MSE HXT  H  N N 207 
MSE HB2  H  N N 208 
MSE HB3  H  N N 209 
MSE HG2  H  N N 210 
MSE HG3  H  N N 211 
MSE HE1  H  N N 212 
MSE HE2  H  N N 213 
MSE HE3  H  N N 214 
PHE N    N  N N 215 
PHE CA   C  N S 216 
PHE C    C  N N 217 
PHE O    O  N N 218 
PHE CB   C  N N 219 
PHE CG   C  Y N 220 
PHE CD1  C  Y N 221 
PHE CD2  C  Y N 222 
PHE CE1  C  Y N 223 
PHE CE2  C  Y N 224 
PHE CZ   C  Y N 225 
PHE OXT  O  N N 226 
PHE H    H  N N 227 
PHE H2   H  N N 228 
PHE HA   H  N N 229 
PHE HB2  H  N N 230 
PHE HB3  H  N N 231 
PHE HD1  H  N N 232 
PHE HD2  H  N N 233 
PHE HE1  H  N N 234 
PHE HE2  H  N N 235 
PHE HZ   H  N N 236 
PHE HXT  H  N N 237 
PRO N    N  N N 238 
PRO CA   C  N S 239 
PRO C    C  N N 240 
PRO O    O  N N 241 
PRO CB   C  N N 242 
PRO CG   C  N N 243 
PRO CD   C  N N 244 
PRO OXT  O  N N 245 
PRO H    H  N N 246 
PRO HA   H  N N 247 
PRO HB2  H  N N 248 
PRO HB3  H  N N 249 
PRO HG2  H  N N 250 
PRO HG3  H  N N 251 
PRO HD2  H  N N 252 
PRO HD3  H  N N 253 
PRO HXT  H  N N 254 
SER N    N  N N 255 
SER CA   C  N S 256 
SER C    C  N N 257 
SER O    O  N N 258 
SER CB   C  N N 259 
SER OG   O  N N 260 
SER OXT  O  N N 261 
SER H    H  N N 262 
SER H2   H  N N 263 
SER HA   H  N N 264 
SER HB2  H  N N 265 
SER HB3  H  N N 266 
SER HG   H  N N 267 
SER HXT  H  N N 268 
THR N    N  N N 269 
THR CA   C  N S 270 
THR C    C  N N 271 
THR O    O  N N 272 
THR CB   C  N R 273 
THR OG1  O  N N 274 
THR CG2  C  N N 275 
THR OXT  O  N N 276 
THR H    H  N N 277 
THR H2   H  N N 278 
THR HA   H  N N 279 
THR HB   H  N N 280 
THR HG1  H  N N 281 
THR HG21 H  N N 282 
THR HG22 H  N N 283 
THR HG23 H  N N 284 
THR HXT  H  N N 285 
TYR N    N  N N 286 
TYR CA   C  N S 287 
TYR C    C  N N 288 
TYR O    O  N N 289 
TYR CB   C  N N 290 
TYR CG   C  Y N 291 
TYR CD1  C  Y N 292 
TYR CD2  C  Y N 293 
TYR CE1  C  Y N 294 
TYR CE2  C  Y N 295 
TYR CZ   C  Y N 296 
TYR OH   O  N N 297 
TYR OXT  O  N N 298 
TYR H    H  N N 299 
TYR H2   H  N N 300 
TYR HA   H  N N 301 
TYR HB2  H  N N 302 
TYR HB3  H  N N 303 
TYR HD1  H  N N 304 
TYR HD2  H  N N 305 
TYR HE1  H  N N 306 
TYR HE2  H  N N 307 
TYR HH   H  N N 308 
TYR HXT  H  N N 309 
VAL N    N  N N 310 
VAL CA   C  N S 311 
VAL C    C  N N 312 
VAL O    O  N N 313 
VAL CB   C  N N 314 
VAL CG1  C  N N 315 
VAL CG2  C  N N 316 
VAL OXT  O  N N 317 
VAL H    H  N N 318 
VAL H2   H  N N 319 
VAL HA   H  N N 320 
VAL HB   H  N N 321 
VAL HG11 H  N N 322 
VAL HG12 H  N N 323 
VAL HG13 H  N N 324 
VAL HG21 H  N N 325 
VAL HG22 H  N N 326 
VAL HG23 H  N N 327 
VAL HXT  H  N N 328 
# 
loop_
_chem_comp_bond.comp_id 
_chem_comp_bond.atom_id_1 
_chem_comp_bond.atom_id_2 
_chem_comp_bond.value_order 
_chem_comp_bond.pdbx_aromatic_flag 
_chem_comp_bond.pdbx_stereo_config 
_chem_comp_bond.pdbx_ordinal 
ALA N   CA   sing N N 1   
ALA N   H    sing N N 2   
ALA N   H2   sing N N 3   
ALA CA  C    sing N N 4   
ALA CA  CB   sing N N 5   
ALA CA  HA   sing N N 6   
ALA C   O    doub N N 7   
ALA C   OXT  sing N N 8   
ALA CB  HB1  sing N N 9   
ALA CB  HB2  sing N N 10  
ALA CB  HB3  sing N N 11  
ALA OXT HXT  sing N N 12  
ARG N   CA   sing N N 13  
ARG N   H    sing N N 14  
ARG N   H2   sing N N 15  
ARG CA  C    sing N N 16  
ARG CA  CB   sing N N 17  
ARG CA  HA   sing N N 18  
ARG C   O    doub N N 19  
ARG C   OXT  sing N N 20  
ARG CB  CG   sing N N 21  
ARG CB  HB2  sing N N 22  
ARG CB  HB3  sing N N 23  
ARG CG  CD   sing N N 24  
ARG CG  HG2  sing N N 25  
ARG CG  HG3  sing N N 26  
ARG CD  NE   sing N N 27  
ARG CD  HD2  sing N N 28  
ARG CD  HD3  sing N N 29  
ARG NE  CZ   sing N N 30  
ARG NE  HE   sing N N 31  
ARG CZ  NH1  sing N N 32  
ARG CZ  NH2  doub N N 33  
ARG NH1 HH11 sing N N 34  
ARG NH1 HH12 sing N N 35  
ARG NH2 HH21 sing N N 36  
ARG NH2 HH22 sing N N 37  
ARG OXT HXT  sing N N 38  
ASN N   CA   sing N N 39  
ASN N   H    sing N N 40  
ASN N   H2   sing N N 41  
ASN CA  C    sing N N 42  
ASN CA  CB   sing N N 43  
ASN CA  HA   sing N N 44  
ASN C   O    doub N N 45  
ASN C   OXT  sing N N 46  
ASN CB  CG   sing N N 47  
ASN CB  HB2  sing N N 48  
ASN CB  HB3  sing N N 49  
ASN CG  OD1  doub N N 50  
ASN CG  ND2  sing N N 51  
ASN ND2 HD21 sing N N 52  
ASN ND2 HD22 sing N N 53  
ASN OXT HXT  sing N N 54  
ASP N   CA   sing N N 55  
ASP N   H    sing N N 56  
ASP N   H2   sing N N 57  
ASP CA  C    sing N N 58  
ASP CA  CB   sing N N 59  
ASP CA  HA   sing N N 60  
ASP C   O    doub N N 61  
ASP C   OXT  sing N N 62  
ASP CB  CG   sing N N 63  
ASP CB  HB2  sing N N 64  
ASP CB  HB3  sing N N 65  
ASP CG  OD1  doub N N 66  
ASP CG  OD2  sing N N 67  
ASP OD2 HD2  sing N N 68  
ASP OXT HXT  sing N N 69  
GLN N   CA   sing N N 70  
GLN N   H    sing N N 71  
GLN N   H2   sing N N 72  
GLN CA  C    sing N N 73  
GLN CA  CB   sing N N 74  
GLN CA  HA   sing N N 75  
GLN C   O    doub N N 76  
GLN C   OXT  sing N N 77  
GLN CB  CG   sing N N 78  
GLN CB  HB2  sing N N 79  
GLN CB  HB3  sing N N 80  
GLN CG  CD   sing N N 81  
GLN CG  HG2  sing N N 82  
GLN CG  HG3  sing N N 83  
GLN CD  OE1  doub N N 84  
GLN CD  NE2  sing N N 85  
GLN NE2 HE21 sing N N 86  
GLN NE2 HE22 sing N N 87  
GLN OXT HXT  sing N N 88  
GLU N   CA   sing N N 89  
GLU N   H    sing N N 90  
GLU N   H2   sing N N 91  
GLU CA  C    sing N N 92  
GLU CA  CB   sing N N 93  
GLU CA  HA   sing N N 94  
GLU C   O    doub N N 95  
GLU C   OXT  sing N N 96  
GLU CB  CG   sing N N 97  
GLU CB  HB2  sing N N 98  
GLU CB  HB3  sing N N 99  
GLU CG  CD   sing N N 100 
GLU CG  HG2  sing N N 101 
GLU CG  HG3  sing N N 102 
GLU CD  OE1  doub N N 103 
GLU CD  OE2  sing N N 104 
GLU OE2 HE2  sing N N 105 
GLU OXT HXT  sing N N 106 
GLY N   CA   sing N N 107 
GLY N   H    sing N N 108 
GLY N   H2   sing N N 109 
GLY CA  C    sing N N 110 
GLY CA  HA2  sing N N 111 
GLY CA  HA3  sing N N 112 
GLY C   O    doub N N 113 
GLY C   OXT  sing N N 114 
GLY OXT HXT  sing N N 115 
HOH O   H1   sing N N 116 
HOH O   H2   sing N N 117 
ILE N   CA   sing N N 118 
ILE N   H    sing N N 119 
ILE N   H2   sing N N 120 
ILE CA  C    sing N N 121 
ILE CA  CB   sing N N 122 
ILE CA  HA   sing N N 123 
ILE C   O    doub N N 124 
ILE C   OXT  sing N N 125 
ILE CB  CG1  sing N N 126 
ILE CB  CG2  sing N N 127 
ILE CB  HB   sing N N 128 
ILE CG1 CD1  sing N N 129 
ILE CG1 HG12 sing N N 130 
ILE CG1 HG13 sing N N 131 
ILE CG2 HG21 sing N N 132 
ILE CG2 HG22 sing N N 133 
ILE CG2 HG23 sing N N 134 
ILE CD1 HD11 sing N N 135 
ILE CD1 HD12 sing N N 136 
ILE CD1 HD13 sing N N 137 
ILE OXT HXT  sing N N 138 
LEU N   CA   sing N N 139 
LEU N   H    sing N N 140 
LEU N   H2   sing N N 141 
LEU CA  C    sing N N 142 
LEU CA  CB   sing N N 143 
LEU CA  HA   sing N N 144 
LEU C   O    doub N N 145 
LEU C   OXT  sing N N 146 
LEU CB  CG   sing N N 147 
LEU CB  HB2  sing N N 148 
LEU CB  HB3  sing N N 149 
LEU CG  CD1  sing N N 150 
LEU CG  CD2  sing N N 151 
LEU CG  HG   sing N N 152 
LEU CD1 HD11 sing N N 153 
LEU CD1 HD12 sing N N 154 
LEU CD1 HD13 sing N N 155 
LEU CD2 HD21 sing N N 156 
LEU CD2 HD22 sing N N 157 
LEU CD2 HD23 sing N N 158 
LEU OXT HXT  sing N N 159 
LYS N   CA   sing N N 160 
LYS N   H    sing N N 161 
LYS N   H2   sing N N 162 
LYS CA  C    sing N N 163 
LYS CA  CB   sing N N 164 
LYS CA  HA   sing N N 165 
LYS C   O    doub N N 166 
LYS C   OXT  sing N N 167 
LYS CB  CG   sing N N 168 
LYS CB  HB2  sing N N 169 
LYS CB  HB3  sing N N 170 
LYS CG  CD   sing N N 171 
LYS CG  HG2  sing N N 172 
LYS CG  HG3  sing N N 173 
LYS CD  CE   sing N N 174 
LYS CD  HD2  sing N N 175 
LYS CD  HD3  sing N N 176 
LYS CE  NZ   sing N N 177 
LYS CE  HE2  sing N N 178 
LYS CE  HE3  sing N N 179 
LYS NZ  HZ1  sing N N 180 
LYS NZ  HZ2  sing N N 181 
LYS NZ  HZ3  sing N N 182 
LYS OXT HXT  sing N N 183 
MSE N   CA   sing N N 184 
MSE N   H    sing N N 185 
MSE N   H2   sing N N 186 
MSE CA  C    sing N N 187 
MSE CA  CB   sing N N 188 
MSE CA  HA   sing N N 189 
MSE C   O    doub N N 190 
MSE C   OXT  sing N N 191 
MSE OXT HXT  sing N N 192 
MSE CB  CG   sing N N 193 
MSE CB  HB2  sing N N 194 
MSE CB  HB3  sing N N 195 
MSE CG  SE   sing N N 196 
MSE CG  HG2  sing N N 197 
MSE CG  HG3  sing N N 198 
MSE SE  CE   sing N N 199 
MSE CE  HE1  sing N N 200 
MSE CE  HE2  sing N N 201 
MSE CE  HE3  sing N N 202 
PHE N   CA   sing N N 203 
PHE N   H    sing N N 204 
PHE N   H2   sing N N 205 
PHE CA  C    sing N N 206 
PHE CA  CB   sing N N 207 
PHE CA  HA   sing N N 208 
PHE C   O    doub N N 209 
PHE C   OXT  sing N N 210 
PHE CB  CG   sing N N 211 
PHE CB  HB2  sing N N 212 
PHE CB  HB3  sing N N 213 
PHE CG  CD1  doub Y N 214 
PHE CG  CD2  sing Y N 215 
PHE CD1 CE1  sing Y N 216 
PHE CD1 HD1  sing N N 217 
PHE CD2 CE2  doub Y N 218 
PHE CD2 HD2  sing N N 219 
PHE CE1 CZ   doub Y N 220 
PHE CE1 HE1  sing N N 221 
PHE CE2 CZ   sing Y N 222 
PHE CE2 HE2  sing N N 223 
PHE CZ  HZ   sing N N 224 
PHE OXT HXT  sing N N 225 
PRO N   CA   sing N N 226 
PRO N   CD   sing N N 227 
PRO N   H    sing N N 228 
PRO CA  C    sing N N 229 
PRO CA  CB   sing N N 230 
PRO CA  HA   sing N N 231 
PRO C   O    doub N N 232 
PRO C   OXT  sing N N 233 
PRO CB  CG   sing N N 234 
PRO CB  HB2  sing N N 235 
PRO CB  HB3  sing N N 236 
PRO CG  CD   sing N N 237 
PRO CG  HG2  sing N N 238 
PRO CG  HG3  sing N N 239 
PRO CD  HD2  sing N N 240 
PRO CD  HD3  sing N N 241 
PRO OXT HXT  sing N N 242 
SER N   CA   sing N N 243 
SER N   H    sing N N 244 
SER N   H2   sing N N 245 
SER CA  C    sing N N 246 
SER CA  CB   sing N N 247 
SER CA  HA   sing N N 248 
SER C   O    doub N N 249 
SER C   OXT  sing N N 250 
SER CB  OG   sing N N 251 
SER CB  HB2  sing N N 252 
SER CB  HB3  sing N N 253 
SER OG  HG   sing N N 254 
SER OXT HXT  sing N N 255 
THR N   CA   sing N N 256 
THR N   H    sing N N 257 
THR N   H2   sing N N 258 
THR CA  C    sing N N 259 
THR CA  CB   sing N N 260 
THR CA  HA   sing N N 261 
THR C   O    doub N N 262 
THR C   OXT  sing N N 263 
THR CB  OG1  sing N N 264 
THR CB  CG2  sing N N 265 
THR CB  HB   sing N N 266 
THR OG1 HG1  sing N N 267 
THR CG2 HG21 sing N N 268 
THR CG2 HG22 sing N N 269 
THR CG2 HG23 sing N N 270 
THR OXT HXT  sing N N 271 
TYR N   CA   sing N N 272 
TYR N   H    sing N N 273 
TYR N   H2   sing N N 274 
TYR CA  C    sing N N 275 
TYR CA  CB   sing N N 276 
TYR CA  HA   sing N N 277 
TYR C   O    doub N N 278 
TYR C   OXT  sing N N 279 
TYR CB  CG   sing N N 280 
TYR CB  HB2  sing N N 281 
TYR CB  HB3  sing N N 282 
TYR CG  CD1  doub Y N 283 
TYR CG  CD2  sing Y N 284 
TYR CD1 CE1  sing Y N 285 
TYR CD1 HD1  sing N N 286 
TYR CD2 CE2  doub Y N 287 
TYR CD2 HD2  sing N N 288 
TYR CE1 CZ   doub Y N 289 
TYR CE1 HE1  sing N N 290 
TYR CE2 CZ   sing Y N 291 
TYR CE2 HE2  sing N N 292 
TYR CZ  OH   sing N N 293 
TYR OH  HH   sing N N 294 
TYR OXT HXT  sing N N 295 
VAL N   CA   sing N N 296 
VAL N   H    sing N N 297 
VAL N   H2   sing N N 298 
VAL CA  C    sing N N 299 
VAL CA  CB   sing N N 300 
VAL CA  HA   sing N N 301 
VAL C   O    doub N N 302 
VAL C   OXT  sing N N 303 
VAL CB  CG1  sing N N 304 
VAL CB  CG2  sing N N 305 
VAL CB  HB   sing N N 306 
VAL CG1 HG11 sing N N 307 
VAL CG1 HG12 sing N N 308 
VAL CG1 HG13 sing N N 309 
VAL CG2 HG21 sing N N 310 
VAL CG2 HG22 sing N N 311 
VAL CG2 HG23 sing N N 312 
VAL OXT HXT  sing N N 313 
# 
_atom_sites.entry_id                    2XU6 
_atom_sites.fract_transf_matrix[1][1]   0.01671128 
_atom_sites.fract_transf_matrix[1][2]   -0.00272280 
_atom_sites.fract_transf_matrix[1][3]   0.01724283 
_atom_sites.fract_transf_matrix[2][1]   -0.00296744 
_atom_sites.fract_transf_matrix[2][2]   0.02307972 
_atom_sites.fract_transf_matrix[2][3]   0.00652047 
_atom_sites.fract_transf_matrix[3][1]   -0.00313069 
_atom_sites.fract_transf_matrix[3][2]   -0.00120594 
_atom_sites.fract_transf_matrix[3][3]   0.00284375 
_atom_sites.fract_transf_vector[1]      -0.126409 
_atom_sites.fract_transf_vector[2]      0.147467 
_atom_sites.fract_transf_vector[3]      0.463804 
# 
loop_
_atom_type.symbol 
C  
N  
O  
SE 
# 
loop_
_atom_site.group_PDB 
_atom_site.id 
_atom_site.type_symbol 
_atom_site.label_atom_id 
_atom_site.label_alt_id 
_atom_site.label_comp_id 
_atom_site.label_asym_id 
_atom_site.label_entity_id 
_atom_site.label_seq_id 
_atom_site.pdbx_PDB_ins_code 
_atom_site.Cartn_x 
_atom_site.Cartn_y 
_atom_site.Cartn_z 
_atom_site.occupancy 
_atom_site.B_iso_or_equiv 
_atom_site.pdbx_formal_charge 
_atom_site.auth_seq_id 
_atom_site.auth_comp_id 
_atom_site.auth_asym_id 
_atom_site.auth_atom_id 
_atom_site.pdbx_PDB_model_num 
ATOM   1    N  N   . GLY A 1 1  ? -32.203 17.546  25.010  1.00 53.78  ? 229  GLY A N   1 
ATOM   2    C  CA  . GLY A 1 1  ? -32.997 18.428  24.105  1.00 53.64  ? 229  GLY A CA  1 
ATOM   3    C  C   . GLY A 1 1  ? -32.187 18.806  22.876  1.00 53.33  ? 229  GLY A C   1 
ATOM   4    O  O   . GLY A 1 1  ? -31.122 18.249  22.657  1.00 53.42  ? 229  GLY A O   1 
ATOM   5    N  N   . PRO A 1 2  ? -32.673 19.774  22.082  1.00 53.14  ? 230  PRO A N   1 
ATOM   6    C  CA  . PRO A 1 2  ? -32.031 20.098  20.793  1.00 52.88  ? 230  PRO A CA  1 
ATOM   7    C  C   . PRO A 1 2  ? -30.570 20.567  20.934  1.00 52.34  ? 230  PRO A C   1 
ATOM   8    O  O   . PRO A 1 2  ? -29.772 20.389  20.011  1.00 52.05  ? 230  PRO A O   1 
ATOM   9    C  CB  . PRO A 1 2  ? -32.902 21.239  20.240  1.00 52.93  ? 230  PRO A CB  1 
ATOM   10   C  CG  . PRO A 1 2  ? -33.406 21.943  21.496  1.00 53.50  ? 230  PRO A CG  1 
ATOM   11   C  CD  . PRO A 1 2  ? -33.668 20.795  22.477  1.00 53.12  ? 230  PRO A CD  1 
ATOM   12   N  N   . GLN A 1 3  ? -30.223 21.172  22.065  1.00 51.88  ? 231  GLN A N   1 
ATOM   13   C  CA  . GLN A 1 3  ? -28.857 21.591  22.257  1.00 51.72  ? 231  GLN A CA  1 
ATOM   14   C  C   . GLN A 1 3  ? -28.012 20.349  22.436  1.00 51.74  ? 231  GLN A C   1 
ATOM   15   O  O   . GLN A 1 3  ? -27.081 20.125  21.675  1.00 52.14  ? 231  GLN A O   1 
ATOM   16   C  CB  . GLN A 1 3  ? -28.706 22.532  23.440  1.00 51.19  ? 231  GLN A CB  1 
ATOM   17   C  CG  . GLN A 1 3  ? -27.378 23.217  23.450  1.00 51.93  ? 231  GLN A CG  1 
ATOM   18   C  CD  . GLN A 1 3  ? -27.090 23.927  22.141  1.00 51.97  ? 231  GLN A CD  1 
ATOM   19   O  OE1 . GLN A 1 3  ? -27.791 24.848  21.762  1.00 52.08  ? 231  GLN A OE1 1 
ATOM   20   N  NE2 . GLN A 1 3  ? -26.051 23.492  21.444  1.00 53.60  ? 231  GLN A NE2 1 
ATOM   21   N  N   . THR A 1 4  ? -28.363 19.534  23.423  1.00 51.62  ? 232  THR A N   1 
ATOM   22   C  CA  . THR A 1 4  ? -27.701 18.267  23.659  1.00 51.91  ? 232  THR A CA  1 
ATOM   23   C  C   . THR A 1 4  ? -27.487 17.486  22.369  1.00 51.85  ? 232  THR A C   1 
ATOM   24   O  O   . THR A 1 4  ? -26.425 16.933  22.148  1.00 52.58  ? 232  THR A O   1 
ATOM   25   C  CB  . THR A 1 4  ? -28.499 17.427  24.645  1.00 51.78  ? 232  THR A CB  1 
ATOM   26   O  OG1 . THR A 1 4  ? -27.953 17.633  25.946  1.00 53.18  ? 232  THR A OG1 1 
ATOM   27   C  CG2 . THR A 1 4  ? -28.420 15.935  24.310  1.00 52.73  ? 232  THR A CG2 1 
ATOM   28   N  N   . LEU A 1 5  ? -28.501 17.465  21.520  1.00 51.62  ? 233  LEU A N   1 
ATOM   29   C  CA  A LEU A 1 5  ? -28.455 16.765  20.250  0.50 51.29  ? 233  LEU A CA  1 
ATOM   30   C  CA  B LEU A 1 5  ? -28.418 16.739  20.268  0.50 51.39  ? 233  LEU A CA  1 
ATOM   31   C  C   . LEU A 1 5  ? -27.536 17.468  19.273  1.00 51.21  ? 233  LEU A C   1 
ATOM   32   O  O   . LEU A 1 5  ? -26.905 16.836  18.458  1.00 52.21  ? 233  LEU A O   1 
ATOM   33   C  CB  A LEU A 1 5  ? -29.853 16.681  19.654  0.50 51.05  ? 233  LEU A CB  1 
ATOM   34   C  CB  B LEU A 1 5  ? -29.806 16.466  19.684  0.50 51.23  ? 233  LEU A CB  1 
ATOM   35   C  CG  A LEU A 1 5  ? -30.065 15.430  18.819  0.50 51.42  ? 233  LEU A CG  1 
ATOM   36   C  CG  B LEU A 1 5  ? -30.633 15.512  20.560  0.50 52.05  ? 233  LEU A CG  1 
ATOM   37   C  CD1 A LEU A 1 5  ? -31.442 14.875  19.075  0.50 52.29  ? 233  LEU A CD1 1 
ATOM   38   C  CD1 B LEU A 1 5  ? -31.973 15.201  19.917  0.50 52.94  ? 233  LEU A CD1 1 
ATOM   39   C  CD2 A LEU A 1 5  ? -29.846 15.709  17.361  0.50 51.24  ? 233  LEU A CD2 1 
ATOM   40   C  CD2 B LEU A 1 5  ? -29.865 14.223  20.880  0.50 51.16  ? 233  LEU A CD2 1 
ATOM   41   N  N   . VAL A 1 6  ? -27.477 18.789  19.334  1.00 50.73  ? 234  VAL A N   1 
ATOM   42   C  CA  . VAL A 1 6  ? -26.618 19.501  18.398  1.00 50.17  ? 234  VAL A CA  1 
ATOM   43   C  C   . VAL A 1 6  ? -25.144 19.348  18.810  1.00 49.94  ? 234  VAL A C   1 
ATOM   44   O  O   . VAL A 1 6  ? -24.297 19.022  17.980  1.00 49.80  ? 234  VAL A O   1 
ATOM   45   C  CB  . VAL A 1 6  ? -27.083 20.958  18.170  1.00 50.18  ? 234  VAL A CB  1 
ATOM   46   C  CG1 . VAL A 1 6  ? -25.948 21.835  17.690  1.00 50.17  ? 234  VAL A CG1 1 
ATOM   47   C  CG2 . VAL A 1 6  ? -28.217 20.969  17.152  1.00 50.07  ? 234  VAL A CG2 1 
ATOM   48   N  N   . ASN A 1 7  ? -24.867 19.563  20.094  1.00 49.33  ? 235  ASN A N   1 
ATOM   49   C  CA  . ASN A 1 7  ? -23.578 19.272  20.697  1.00 49.03  ? 235  ASN A CA  1 
ATOM   50   C  C   . ASN A 1 7  ? -23.060 17.870  20.410  1.00 49.32  ? 235  ASN A C   1 
ATOM   51   O  O   . ASN A 1 7  ? -21.856 17.657  20.272  1.00 49.66  ? 235  ASN A O   1 
ATOM   52   C  CB  . ASN A 1 7  ? -23.682 19.423  22.208  1.00 48.70  ? 235  ASN A CB  1 
ATOM   53   C  CG  . ASN A 1 7  ? -23.948 20.841  22.630  1.00 48.26  ? 235  ASN A CG  1 
ATOM   54   O  OD1 . ASN A 1 7  ? -23.928 21.754  21.810  1.00 46.42  ? 235  ASN A OD1 1 
ATOM   55   N  ND2 . ASN A 1 7  ? -24.204 21.035  23.916  1.00 47.80  ? 235  ASN A ND2 1 
ATOM   56   N  N   . SER A 1 8  ? -23.969 16.909  20.365  1.00 49.38  ? 236  SER A N   1 
ATOM   57   C  CA  . SER A 1 8  ? -23.587 15.534  20.168  1.00 49.35  ? 236  SER A CA  1 
ATOM   58   C  C   . SER A 1 8  ? -23.246 15.278  18.725  1.00 50.33  ? 236  SER A C   1 
ATOM   59   O  O   . SER A 1 8  ? -22.205 14.705  18.449  1.00 50.47  ? 236  SER A O   1 
ATOM   60   C  CB  . SER A 1 8  ? -24.650 14.580  20.670  1.00 48.48  ? 236  SER A CB  1 
ATOM   61   O  OG  . SER A 1 8  ? -24.347 14.254  22.010  1.00 47.96  ? 236  SER A OG  1 
ATOM   62   N  N   . LEU A 1 9  ? -24.100 15.711  17.803  1.00 51.38  ? 237  LEU A N   1 
ATOM   63   C  CA  . LEU A 1 9  ? -23.816 15.549  16.391  1.00 52.86  ? 237  LEU A CA  1 
ATOM   64   C  C   . LEU A 1 9  ? -22.467 16.190  16.032  1.00 54.05  ? 237  LEU A C   1 
ATOM   65   O  O   . LEU A 1 9  ? -21.645 15.584  15.349  1.00 54.99  ? 237  LEU A O   1 
ATOM   66   C  CB  . LEU A 1 9  ? -24.951 16.109  15.533  1.00 52.71  ? 237  LEU A CB  1 
ATOM   67   C  CG  . LEU A 1 9  ? -26.278 15.330  15.540  1.00 54.20  ? 237  LEU A CG  1 
ATOM   68   C  CD1 . LEU A 1 9  ? -27.452 16.199  15.107  1.00 54.22  ? 237  LEU A CD1 1 
ATOM   69   C  CD2 . LEU A 1 9  ? -26.217 14.085  14.675  1.00 55.39  ? 237  LEU A CD2 1 
ATOM   70   N  N   . GLU A 1 10 ? -22.222 17.395  16.530  1.00 55.11  ? 238  GLU A N   1 
ATOM   71   C  CA  . GLU A 1 10 ? -20.996 18.111  16.242  1.00 55.86  ? 238  GLU A CA  1 
ATOM   72   C  C   . GLU A 1 10 ? -19.767 17.353  16.717  1.00 55.22  ? 238  GLU A C   1 
ATOM   73   O  O   . GLU A 1 10 ? -18.795 17.244  15.991  1.00 55.68  ? 238  GLU A O   1 
ATOM   74   C  CB  . GLU A 1 10 ? -21.057 19.477  16.897  1.00 56.66  ? 238  GLU A CB  1 
ATOM   75   C  CG  . GLU A 1 10 ? -19.801 20.297  16.742  1.00 61.32  ? 238  GLU A CG  1 
ATOM   76   C  CD  . GLU A 1 10 ? -19.825 21.517  17.643  1.00 67.74  ? 238  GLU A CD  1 
ATOM   77   O  OE1 . GLU A 1 10 ? -20.920 22.152  17.748  1.00 69.10  ? 238  GLU A OE1 1 
ATOM   78   O  OE2 . GLU A 1 10 ? -18.755 21.824  18.251  1.00 70.06  ? 238  GLU A OE2 1 
ATOM   79   N  N   . PHE A 1 11 ? -19.817 16.832  17.933  1.00 54.63  ? 239  PHE A N   1 
ATOM   80   C  CA  . PHE A 1 11 ? -18.726 16.074  18.495  1.00 54.34  ? 239  PHE A CA  1 
ATOM   81   C  C   . PHE A 1 11 ? -18.419 14.905  17.588  1.00 55.19  ? 239  PHE A C   1 
ATOM   82   O  O   . PHE A 1 11 ? -17.315 14.788  17.096  1.00 56.09  ? 239  PHE A O   1 
ATOM   83   C  CB  . PHE A 1 11 ? -19.120 15.593  19.872  1.00 53.86  ? 239  PHE A CB  1 
ATOM   84   C  CG  . PHE A 1 11 ? -18.118 14.694  20.538  1.00 53.27  ? 239  PHE A CG  1 
ATOM   85   C  CD1 . PHE A 1 11 ? -17.123 15.222  21.343  1.00 53.15  ? 239  PHE A CD1 1 
ATOM   86   C  CD2 . PHE A 1 11 ? -18.222 13.308  20.427  1.00 53.91  ? 239  PHE A CD2 1 
ATOM   87   C  CE1 . PHE A 1 11 ? -16.214 14.392  22.009  1.00 54.10  ? 239  PHE A CE1 1 
ATOM   88   C  CE2 . PHE A 1 11 ? -17.326 12.468  21.087  1.00 54.04  ? 239  PHE A CE2 1 
ATOM   89   C  CZ  . PHE A 1 11 ? -16.319 13.013  21.883  1.00 54.63  ? 239  PHE A CZ  1 
ATOM   90   N  N   . LEU A 1 12 ? -19.399 14.045  17.352  1.00 55.79  ? 240  LEU A N   1 
ATOM   91   C  CA  . LEU A 1 12 ? -19.252 12.917  16.426  1.00 55.83  ? 240  LEU A CA  1 
ATOM   92   C  C   . LEU A 1 12 ? -18.574 13.350  15.150  1.00 55.59  ? 240  LEU A C   1 
ATOM   93   O  O   . LEU A 1 12 ? -17.762 12.607  14.592  1.00 55.98  ? 240  LEU A O   1 
ATOM   94   C  CB  . LEU A 1 12 ? -20.613 12.308  16.064  1.00 55.66  ? 240  LEU A CB  1 
ATOM   95   C  CG  . LEU A 1 12 ? -21.294 11.547  17.193  1.00 56.36  ? 240  LEU A CG  1 
ATOM   96   C  CD1 . LEU A 1 12 ? -22.669 11.167  16.725  1.00 59.24  ? 240  LEU A CD1 1 
ATOM   97   C  CD2 . LEU A 1 12 ? -20.504 10.317  17.633  1.00 57.08  ? 240  LEU A CD2 1 
ATOM   98   N  N   . ASN A 1 13 ? -18.912 14.547  14.696  1.00 54.90  ? 241  ASN A N   1 
ATOM   99   C  CA  . ASN A 1 13 ? -18.402 15.027  13.445  1.00 54.98  ? 241  ASN A CA  1 
ATOM   100  C  C   . ASN A 1 13 ? -16.929 15.386  13.515  1.00 54.70  ? 241  ASN A C   1 
ATOM   101  O  O   . ASN A 1 13 ? -16.176 15.096  12.593  1.00 54.57  ? 241  ASN A O   1 
ATOM   102  C  CB  . ASN A 1 13 ? -19.217 16.195  12.968  1.00 55.31  ? 241  ASN A CB  1 
ATOM   103  C  CG  . ASN A 1 13 ? -19.450 16.142  11.519  1.00 56.23  ? 241  ASN A CG  1 
ATOM   104  O  OD1 . ASN A 1 13 ? -20.287 15.367  11.045  1.00 58.21  ? 241  ASN A OD1 1 
ATOM   105  N  ND2 . ASN A 1 13 ? -18.707 16.957  10.772  1.00 57.34  ? 241  ASN A ND2 1 
ATOM   106  N  N   . ILE A 1 14 ? -16.516 16.016  14.604  1.00 54.56  ? 242  ILE A N   1 
ATOM   107  C  CA  . ILE A 1 14 ? -15.096 16.133  14.907  1.00 54.74  ? 242  ILE A CA  1 
ATOM   108  C  C   . ILE A 1 14 ? -14.409 14.777  14.721  1.00 54.90  ? 242  ILE A C   1 
ATOM   109  O  O   . ILE A 1 14 ? -13.494 14.657  13.909  1.00 55.61  ? 242  ILE A O   1 
ATOM   110  C  CB  . ILE A 1 14 ? -14.849 16.707  16.320  1.00 54.74  ? 242  ILE A CB  1 
ATOM   111  C  CG1 . ILE A 1 14 ? -14.847 18.245  16.273  1.00 56.20  ? 242  ILE A CG1 1 
ATOM   112  C  CG2 . ILE A 1 14 ? -13.530 16.210  16.920  1.00 54.55  ? 242  ILE A CG2 1 
ATOM   113  C  CD1 . ILE A 1 14 ? -16.148 18.925  16.756  1.00 57.45  ? 242  ILE A CD1 1 
ATOM   114  N  N   . GLN A 1 15 ? -14.861 13.755  15.444  1.00 54.77  ? 243  GLN A N   1 
ATOM   115  C  CA  . GLN A 1 15 ? -14.340 12.406  15.277  1.00 54.53  ? 243  GLN A CA  1 
ATOM   116  C  C   . GLN A 1 15 ? -14.307 11.985  13.808  1.00 55.13  ? 243  GLN A C   1 
ATOM   117  O  O   . GLN A 1 15 ? -13.336 11.423  13.352  1.00 55.23  ? 243  GLN A O   1 
ATOM   118  C  CB  . GLN A 1 15 ? -15.179 11.411  16.050  1.00 53.58  ? 243  GLN A CB  1 
ATOM   119  C  CG  . GLN A 1 15 ? -15.054 11.489  17.539  1.00 52.72  ? 243  GLN A CG  1 
ATOM   120  C  CD  . GLN A 1 15 ? -15.896 10.405  18.209  1.00 52.32  ? 243  GLN A CD  1 
ATOM   121  O  OE1 . GLN A 1 15 ? -16.849 9.914   17.623  1.00 54.30  ? 243  GLN A OE1 1 
ATOM   122  N  NE2 . GLN A 1 15 ? -15.547 10.028  19.427  1.00 51.71  ? 243  GLN A NE2 1 
ATOM   123  N  N   . LYS A 1 16 ? -15.369 12.254  13.064  1.00 56.02  ? 244  LYS A N   1 
ATOM   124  C  CA  . LYS A 1 16 ? -15.438 11.821  11.684  1.00 56.68  ? 244  LYS A CA  1 
ATOM   125  C  C   . LYS A 1 16 ? -14.276 12.445  10.944  1.00 57.06  ? 244  LYS A C   1 
ATOM   126  O  O   . LYS A 1 16 ? -13.421 11.731  10.469  1.00 57.79  ? 244  LYS A O   1 
ATOM   127  C  CB  . LYS A 1 16 ? -16.774 12.211  11.069  1.00 56.97  ? 244  LYS A CB  1 
ATOM   128  C  CG  . LYS A 1 16 ? -16.979 11.832  9.621   1.00 58.36  ? 244  LYS A CG  1 
ATOM   129  C  CD  . LYS A 1 16 ? -18.175 12.590  9.095   1.00 61.02  ? 244  LYS A CD  1 
ATOM   130  C  CE  . LYS A 1 16 ? -19.166 11.665  8.400   1.00 63.91  ? 244  LYS A CE  1 
ATOM   131  N  NZ  . LYS A 1 16 ? -20.593 12.103  8.674   1.00 65.84  ? 244  LYS A NZ  1 
ATOM   132  N  N   . ASN A 1 17 ? -14.221 13.768  10.879  1.00 57.42  ? 245  ASN A N   1 
ATOM   133  C  CA  . ASN A 1 17 ? -13.155 14.452  10.163  1.00 58.14  ? 245  ASN A CA  1 
ATOM   134  C  C   . ASN A 1 17 ? -11.773 13.972  10.536  1.00 58.20  ? 245  ASN A C   1 
ATOM   135  O  O   . ASN A 1 17 ? -10.948 13.670  9.669   1.00 59.28  ? 245  ASN A O   1 
ATOM   136  C  CB  . ASN A 1 17 ? -13.202 15.936  10.433  1.00 58.64  ? 245  ASN A CB  1 
ATOM   137  C  CG  . ASN A 1 17 ? -14.474 16.559  9.963   1.00 61.47  ? 245  ASN A CG  1 
ATOM   138  O  OD1 . ASN A 1 17 ? -15.164 16.023  9.083   1.00 65.50  ? 245  ASN A OD1 1 
ATOM   139  N  ND2 . ASN A 1 17 ? -14.809 17.707  10.543  1.00 64.77  ? 245  ASN A ND2 1 
ATOM   140  N  N   . SER A 1 18 ? -11.516 13.926  11.829  1.00 57.37  ? 246  SER A N   1 
ATOM   141  C  CA  . SER A 1 18 ? -10.262 13.460  12.320  1.00 56.58  ? 246  SER A CA  1 
ATOM   142  C  C   . SER A 1 18 ? -10.033 11.999  11.939  1.00 56.84  ? 246  SER A C   1 
ATOM   143  O  O   . SER A 1 18 ? -8.890  11.554  11.876  1.00 57.72  ? 246  SER A O   1 
ATOM   144  C  CB  . SER A 1 18 ? -10.198 13.660  13.830  1.00 56.39  ? 246  SER A CB  1 
ATOM   145  O  OG  . SER A 1 18 ? -9.695  12.499  14.453  1.00 55.13  ? 246  SER A OG  1 
ATOM   146  N  N   . THR A 1 19 ? -11.089 11.240  11.671  1.00 56.85  ? 247  THR A N   1 
ATOM   147  C  CA  . THR A 1 19 ? -10.889 9.855   11.247  1.00 57.14  ? 247  THR A CA  1 
ATOM   148  C  C   . THR A 1 19 ? -10.557 9.849   9.770   1.00 57.77  ? 247  THR A C   1 
ATOM   149  O  O   . THR A 1 19 ? -9.615  9.176   9.359   1.00 57.56  ? 247  THR A O   1 
ATOM   150  C  CB  . THR A 1 19 ? -12.074 8.922   11.577  1.00 56.77  ? 247  THR A CB  1 
ATOM   151  O  OG1 . THR A 1 19 ? -12.052 8.631   12.970  1.00 56.84  ? 247  THR A OG1 1 
ATOM   152  C  CG2 . THR A 1 19 ? -11.951 7.592   10.864  1.00 56.86  ? 247  THR A CG2 1 
HETATM 153  N  N   . MSE A 1 20 ? -11.304 10.621  8.985   1.00 58.52  ? 248  MSE A N   1 
HETATM 154  C  CA  . MSE A 1 20 ? -11.009 10.785  7.576   1.00 60.03  ? 248  MSE A CA  1 
HETATM 155  C  C   . MSE A 1 20 ? -9.592  11.287  7.360   1.00 60.62  ? 248  MSE A C   1 
HETATM 156  O  O   . MSE A 1 20 ? -9.076  11.245  6.248   1.00 60.75  ? 248  MSE A O   1 
HETATM 157  C  CB  . MSE A 1 20 ? -11.924 11.800  6.970   1.00 60.31  ? 248  MSE A CB  1 
HETATM 158  C  CG  . MSE A 1 20 ? -13.360 11.544  7.214   1.00 63.78  ? 248  MSE A CG  1 
HETATM 159  SE SE  . MSE A 1 20 ? -14.396 12.866  6.239   0.65 71.76  ? 248  MSE A SE  1 
HETATM 160  C  CE  . MSE A 1 20 ? -13.367 14.526  6.604   1.00 70.00  ? 248  MSE A CE  1 
ATOM   161  N  N   . SER A 1 21 ? -8.958  11.768  8.423   1.00 61.34  ? 249  SER A N   1 
ATOM   162  C  CA  . SER A 1 21 ? -7.615  12.293  8.308   1.00 61.47  ? 249  SER A CA  1 
ATOM   163  C  C   . SER A 1 21 ? -6.577  11.191  8.370   1.00 61.76  ? 249  SER A C   1 
ATOM   164  O  O   . SER A 1 21 ? -5.647  11.185  7.580   1.00 61.88  ? 249  SER A O   1 
ATOM   165  C  CB  . SER A 1 21 ? -7.349  13.344  9.361   1.00 61.17  ? 249  SER A CB  1 
ATOM   166  O  OG  . SER A 1 21 ? -6.325  14.189  8.899   1.00 61.42  ? 249  SER A OG  1 
ATOM   167  N  N   . GLU A 1 22 ? -6.727  10.259  9.299   1.00 62.34  ? 250  GLU A N   1 
ATOM   168  C  CA  . GLU A 1 22 ? -5.889  9.059   9.278   1.00 63.32  ? 250  GLU A CA  1 
ATOM   169  C  C   . GLU A 1 22 ? -6.063  8.292   7.975   1.00 62.93  ? 250  GLU A C   1 
ATOM   170  O  O   . GLU A 1 22 ? -5.151  7.625   7.507   1.00 63.42  ? 250  GLU A O   1 
ATOM   171  C  CB  . GLU A 1 22 ? -6.232  8.114   10.422  1.00 63.89  ? 250  GLU A CB  1 
ATOM   172  C  CG  . GLU A 1 22 ? -5.807  8.563   11.796  1.00 67.09  ? 250  GLU A CG  1 
ATOM   173  C  CD  . GLU A 1 22 ? -6.702  7.949   12.858  1.00 71.76  ? 250  GLU A CD  1 
ATOM   174  O  OE1 . GLU A 1 22 ? -7.850  8.444   13.025  1.00 73.51  ? 250  GLU A OE1 1 
ATOM   175  O  OE2 . GLU A 1 22 ? -6.272  6.962   13.510  1.00 73.65  ? 250  GLU A OE2 1 
ATOM   176  N  N   . ILE A 1 23 ? -7.243  8.366   7.387   1.00 62.51  ? 251  ILE A N   1 
ATOM   177  C  CA  . ILE A 1 23 ? -7.448  7.662   6.155   1.00 62.07  ? 251  ILE A CA  1 
ATOM   178  C  C   . ILE A 1 23 ? -6.633  8.286   5.022   1.00 62.05  ? 251  ILE A C   1 
ATOM   179  O  O   . ILE A 1 23 ? -6.034  7.561   4.240   1.00 62.30  ? 251  ILE A O   1 
ATOM   180  C  CB  . ILE A 1 23 ? -8.919  7.526   5.828   1.00 61.96  ? 251  ILE A CB  1 
ATOM   181  C  CG1 . ILE A 1 23 ? -9.555  6.557   6.831   1.00 61.78  ? 251  ILE A CG1 1 
ATOM   182  C  CG2 . ILE A 1 23 ? -9.102  7.031   4.395   1.00 61.64  ? 251  ILE A CG2 1 
ATOM   183  C  CD1 . ILE A 1 23 ? -11.069 6.487   6.745   1.00 61.60  ? 251  ILE A CD1 1 
ATOM   184  N  N   . ARG A 1 24 ? -6.583  9.613   4.959   1.00 61.96  ? 252  ARG A N   1 
ATOM   185  C  CA  . ARG A 1 24 ? -5.741  10.317  3.998   1.00 61.68  ? 252  ARG A CA  1 
ATOM   186  C  C   . ARG A 1 24 ? -4.260  10.074  4.274   1.00 61.23  ? 252  ARG A C   1 
ATOM   187  O  O   . ARG A 1 24 ? -3.458  9.996   3.354   1.00 61.09  ? 252  ARG A O   1 
ATOM   188  C  CB  . ARG A 1 24 ? -6.038  11.803  4.016   1.00 61.92  ? 252  ARG A CB  1 
ATOM   189  C  CG  . ARG A 1 24 ? -7.156  12.229  3.071   1.00 64.96  ? 252  ARG A CG  1 
ATOM   190  C  CD  . ARG A 1 24 ? -7.451  13.765  3.156   1.00 69.86  ? 252  ARG A CD  1 
ATOM   191  N  NE  . ARG A 1 24 ? -8.631  14.085  3.984   1.00 73.50  ? 252  ARG A NE  1 
ATOM   192  C  CZ  . ARG A 1 24 ? -8.610  14.488  5.266   1.00 75.13  ? 252  ARG A CZ  1 
ATOM   193  N  NH1 . ARG A 1 24 ? -7.462  14.651  5.931   1.00 74.16  ? 252  ARG A NH1 1 
ATOM   194  N  NH2 . ARG A 1 24 ? -9.761  14.728  5.895   1.00 76.65  ? 252  ARG A NH2 1 
ATOM   195  N  N   . ASP A 1 25 ? -3.901  9.940   5.541   1.00 60.92  ? 253  ASP A N   1 
ATOM   196  C  CA  . ASP A 1 25 ? -2.538  9.581   5.910   1.00 61.17  ? 253  ASP A CA  1 
ATOM   197  C  C   . ASP A 1 25 ? -2.097  8.189   5.456   1.00 61.07  ? 253  ASP A C   1 
ATOM   198  O  O   . ASP A 1 25 ? -0.986  8.016   4.971   1.00 61.75  ? 253  ASP A O   1 
ATOM   199  C  CB  . ASP A 1 25 ? -2.360  9.668   7.416   1.00 61.34  ? 253  ASP A CB  1 
ATOM   200  C  CG  . ASP A 1 25 ? -2.290  11.082  7.903   1.00 62.88  ? 253  ASP A CG  1 
ATOM   201  O  OD1 . ASP A 1 25 ? -2.340  12.004  7.049   1.00 64.83  ? 253  ASP A OD1 1 
ATOM   202  O  OD2 . ASP A 1 25 ? -2.176  11.269  9.139   1.00 63.64  ? 253  ASP A OD2 1 
ATOM   203  N  N   . ILE A 1 26 ? -2.938  7.187   5.657   1.00 60.58  ? 254  ILE A N   1 
ATOM   204  C  CA  . ILE A 1 26 ? -2.624  5.861   5.189   1.00 60.07  ? 254  ILE A CA  1 
ATOM   205  C  C   . ILE A 1 26 ? -2.469  5.935   3.669   1.00 59.96  ? 254  ILE A C   1 
ATOM   206  O  O   . ILE A 1 26 ? -1.492  5.442   3.120   1.00 60.58  ? 254  ILE A O   1 
ATOM   207  C  CB  . ILE A 1 26 ? -3.725  4.861   5.594   1.00 60.15  ? 254  ILE A CB  1 
ATOM   208  C  CG1 . ILE A 1 26 ? -3.705  4.651   7.108   1.00 60.11  ? 254  ILE A CG1 1 
ATOM   209  C  CG2 . ILE A 1 26 ? -3.570  3.535   4.861   1.00 60.08  ? 254  ILE A CG2 1 
ATOM   210  C  CD1 . ILE A 1 26 ? -4.747  3.651   7.632   1.00 61.09  ? 254  ILE A CD1 1 
ATOM   211  N  N   . GLU A 1 27 ? -3.406  6.592   2.994   1.00 59.35  ? 255  GLU A N   1 
ATOM   212  C  CA  . GLU A 1 27 ? -3.411  6.611   1.544   1.00 59.04  ? 255  GLU A CA  1 
ATOM   213  C  C   . GLU A 1 27 ? -2.129  7.187   0.954   1.00 59.22  ? 255  GLU A C   1 
ATOM   214  O  O   . GLU A 1 27 ? -1.692  6.774   -0.110  1.00 59.47  ? 255  GLU A O   1 
ATOM   215  C  CB  . GLU A 1 27 ? -4.620  7.358   1.019   1.00 58.58  ? 255  GLU A CB  1 
ATOM   216  C  CG  . GLU A 1 27 ? -5.885  6.558   1.085   1.00 59.24  ? 255  GLU A CG  1 
ATOM   217  C  CD  . GLU A 1 27 ? -7.110  7.377   0.727   1.00 61.23  ? 255  GLU A CD  1 
ATOM   218  O  OE1 . GLU A 1 27 ? -7.012  8.617   0.644   1.00 62.73  ? 255  GLU A OE1 1 
ATOM   219  O  OE2 . GLU A 1 27 ? -8.191  6.788   0.528   1.00 62.33  ? 255  GLU A OE2 1 
ATOM   220  N  N   . VAL A 1 28 ? -1.530  8.144   1.644   1.00 59.30  ? 256  VAL A N   1 
ATOM   221  C  CA  . VAL A 1 28 ? -0.257  8.692   1.211   1.00 59.25  ? 256  VAL A CA  1 
ATOM   222  C  C   . VAL A 1 28 ? 0.841   7.656   1.423   1.00 59.75  ? 256  VAL A C   1 
ATOM   223  O  O   . VAL A 1 28 ? 1.592   7.369   0.495   1.00 60.32  ? 256  VAL A O   1 
ATOM   224  C  CB  . VAL A 1 28 ? 0.055   10.014  1.909   1.00 58.88  ? 256  VAL A CB  1 
ATOM   225  C  CG1 . VAL A 1 28 ? 1.506   10.408  1.711   1.00 58.54  ? 256  VAL A CG1 1 
ATOM   226  C  CG2 . VAL A 1 28 ? -0.857  11.079  1.364   1.00 59.08  ? 256  VAL A CG2 1 
ATOM   227  N  N   . GLU A 1 29 ? 0.915   7.086   2.622   1.00 59.62  ? 257  GLU A N   1 
ATOM   228  C  CA  . GLU A 1 29 ? 1.858   6.025   2.915   1.00 59.95  ? 257  GLU A CA  1 
ATOM   229  C  C   . GLU A 1 29 ? 1.789   4.905   1.884   1.00 59.37  ? 257  GLU A C   1 
ATOM   230  O  O   . GLU A 1 29 ? 2.816   4.348   1.493   1.00 59.52  ? 257  GLU A O   1 
ATOM   231  C  CB  . GLU A 1 29 ? 1.561   5.438   4.279   1.00 60.37  ? 257  GLU A CB  1 
ATOM   232  C  CG  . GLU A 1 29 ? 2.494   5.874   5.389   1.00 64.83  ? 257  GLU A CG  1 
ATOM   233  C  CD  . GLU A 1 29 ? 2.796   4.721   6.359   1.00 70.35  ? 257  GLU A CD  1 
ATOM   234  O  OE1 . GLU A 1 29 ? 2.987   3.574   5.881   1.00 72.58  ? 257  GLU A OE1 1 
ATOM   235  O  OE2 . GLU A 1 29 ? 2.846   4.954   7.595   1.00 73.25  ? 257  GLU A OE2 1 
ATOM   236  N  N   . VAL A 1 30 ? 0.575   4.576   1.448   1.00 58.45  ? 258  VAL A N   1 
ATOM   237  C  CA  . VAL A 1 30 ? 0.382   3.487   0.505   1.00 57.40  ? 258  VAL A CA  1 
ATOM   238  C  C   . VAL A 1 30 ? 0.831   3.900   -0.893  1.00 57.03  ? 258  VAL A C   1 
ATOM   239  O  O   . VAL A 1 30 ? 1.369   3.102   -1.630  1.00 57.19  ? 258  VAL A O   1 
ATOM   240  C  CB  . VAL A 1 30 ? -1.065  2.972   0.518   1.00 57.18  ? 258  VAL A CB  1 
ATOM   241  C  CG1 . VAL A 1 30 ? -1.295  1.925   -0.570  1.00 56.11  ? 258  VAL A CG1 1 
ATOM   242  C  CG2 . VAL A 1 30 ? -1.374  2.375   1.872   1.00 56.56  ? 258  VAL A CG2 1 
ATOM   243  N  N   . GLU A 1 31 ? 0.635   5.155   -1.246  1.00 56.75  ? 259  GLU A N   1 
ATOM   244  C  CA  . GLU A 1 31 ? 1.105   5.634   -2.520  1.00 56.65  ? 259  GLU A CA  1 
ATOM   245  C  C   . GLU A 1 31 ? 2.623   5.481   -2.595  1.00 56.25  ? 259  GLU A C   1 
ATOM   246  O  O   . GLU A 1 31 ? 3.156   4.988   -3.585  1.00 55.98  ? 259  GLU A O   1 
ATOM   247  C  CB  . GLU A 1 31 ? 0.673   7.081   -2.730  1.00 56.96  ? 259  GLU A CB  1 
ATOM   248  C  CG  . GLU A 1 31 ? 0.831   7.634   -4.169  1.00 59.94  ? 259  GLU A CG  1 
ATOM   249  C  CD  . GLU A 1 31 ? 0.529   6.616   -5.271  1.00 64.35  ? 259  GLU A CD  1 
ATOM   250  O  OE1 . GLU A 1 31 ? -0.393  5.778   -5.087  1.00 66.65  ? 259  GLU A OE1 1 
ATOM   251  O  OE2 . GLU A 1 31 ? 1.224   6.653   -6.325  1.00 66.18  ? 259  GLU A OE2 1 
ATOM   252  N  N   . ASN A 1 32 ? 3.303   5.866   -1.519  1.00 55.73  ? 260  ASN A N   1 
ATOM   253  C  CA  . ASN A 1 32 ? 4.746   5.804   -1.451  1.00 54.85  ? 260  ASN A CA  1 
ATOM   254  C  C   . ASN A 1 32 ? 5.238   4.411   -1.574  1.00 54.07  ? 260  ASN A C   1 
ATOM   255  O  O   . ASN A 1 32 ? 6.198   4.193   -2.274  1.00 54.55  ? 260  ASN A O   1 
ATOM   256  C  CB  . ASN A 1 32 ? 5.270   6.412   -0.161  1.00 55.27  ? 260  ASN A CB  1 
ATOM   257  C  CG  . ASN A 1 32 ? 4.809   7.835   0.023   1.00 57.50  ? 260  ASN A CG  1 
ATOM   258  O  OD1 . ASN A 1 32 ? 4.645   8.576   -0.954  1.00 58.56  ? 260  ASN A OD1 1 
ATOM   259  N  ND2 . ASN A 1 32 ? 4.556   8.227   1.279   1.00 60.80  ? 260  ASN A ND2 1 
ATOM   260  N  N   . LEU A 1 33 ? 4.599   3.461   -0.908  1.00 53.33  ? 261  LEU A N   1 
ATOM   261  C  CA  . LEU A 1 33 ? 5.034   2.070   -1.030  1.00 52.96  ? 261  LEU A CA  1 
ATOM   262  C  C   . LEU A 1 33 ? 4.783   1.511   -2.429  1.00 52.97  ? 261  LEU A C   1 
ATOM   263  O  O   . LEU A 1 33 ? 5.453   0.577   -2.861  1.00 53.34  ? 261  LEU A O   1 
ATOM   264  C  CB  . LEU A 1 33 ? 4.397   1.170   0.028   1.00 52.78  ? 261  LEU A CB  1 
ATOM   265  C  CG  . LEU A 1 33 ? 4.712   1.502   1.495   1.00 53.21  ? 261  LEU A CG  1 
ATOM   266  C  CD1 . LEU A 1 33 ? 3.890   0.604   2.391   1.00 53.69  ? 261  LEU A CD1 1 
ATOM   267  C  CD2 . LEU A 1 33 ? 6.204   1.434   1.852   1.00 50.99  ? 261  LEU A CD2 1 
ATOM   268  N  N   . ARG A 1 34 ? 3.831   2.084   -3.148  1.00 52.62  ? 262  ARG A N   1 
ATOM   269  C  CA  . ARG A 1 34 ? 3.582   1.618   -4.473  1.00 52.37  ? 262  ARG A CA  1 
ATOM   270  C  C   . ARG A 1 34 ? 4.635   2.108   -5.420  1.00 52.16  ? 262  ARG A C   1 
ATOM   271  O  O   . ARG A 1 34 ? 5.163   1.333   -6.190  1.00 52.62  ? 262  ARG A O   1 
ATOM   272  C  CB  . ARG A 1 34 ? 2.187   1.960   -4.923  1.00 52.51  ? 262  ARG A CB  1 
ATOM   273  C  CG  . ARG A 1 34 ? 1.273   0.902   -4.434  1.00 54.78  ? 262  ARG A CG  1 
ATOM   274  C  CD  . ARG A 1 34 ? -0.099  1.036   -4.960  1.00 59.00  ? 262  ARG A CD  1 
ATOM   275  N  NE  . ARG A 1 34 ? -1.015  0.461   -3.988  1.00 63.71  ? 262  ARG A NE  1 
ATOM   276  C  CZ  . ARG A 1 34 ? -2.312  0.265   -4.202  1.00 68.60  ? 262  ARG A CZ  1 
ATOM   277  N  NH1 . ARG A 1 34 ? -2.858  0.580   -5.382  1.00 70.69  ? 262  ARG A NH1 1 
ATOM   278  N  NH2 . ARG A 1 34 ? -3.069  -0.255  -3.236  1.00 69.72  ? 262  ARG A NH2 1 
ATOM   279  N  N   . GLN A 1 35 ? 4.961   3.383   -5.343  1.00 51.96  ? 263  GLN A N   1 
ATOM   280  C  CA  . GLN A 1 35 ? 6.053   3.921   -6.103  1.00 52.51  ? 263  GLN A CA  1 
ATOM   281  C  C   . GLN A 1 35 ? 7.363   3.210   -5.784  1.00 52.53  ? 263  GLN A C   1 
ATOM   282  O  O   . GLN A 1 35 ? 8.241   3.124   -6.640  1.00 53.58  ? 263  GLN A O   1 
ATOM   283  C  CB  . GLN A 1 35 ? 6.247   5.375   -5.761  1.00 52.75  ? 263  GLN A CB  1 
ATOM   284  C  CG  . GLN A 1 35 ? 5.190   6.295   -6.278  1.00 55.91  ? 263  GLN A CG  1 
ATOM   285  C  CD  . GLN A 1 35 ? 5.213   7.645   -5.550  1.00 59.89  ? 263  GLN A CD  1 
ATOM   286  O  OE1 . GLN A 1 35 ? 6.203   8.008   -4.878  1.00 59.59  ? 263  GLN A OE1 1 
ATOM   287  N  NE2 . GLN A 1 35 ? 4.111   8.389   -5.669  1.00 62.09  ? 263  GLN A NE2 1 
ATOM   288  N  N   . LYS A 1 36 ? 7.512   2.722   -4.557  1.00 51.76  ? 264  LYS A N   1 
ATOM   289  C  CA  . LYS A 1 36 ? 8.736   2.059   -4.149  1.00 51.11  ? 264  LYS A CA  1 
ATOM   290  C  C   . LYS A 1 36 ? 8.772   0.689   -4.804  1.00 50.07  ? 264  LYS A C   1 
ATOM   291  O  O   . LYS A 1 36 ? 9.809   0.234   -5.265  1.00 50.33  ? 264  LYS A O   1 
ATOM   292  C  CB  . LYS A 1 36 ? 8.765   1.892   -2.639  1.00 51.58  ? 264  LYS A CB  1 
ATOM   293  C  CG  . LYS A 1 36 ? 9.936   2.568   -2.004  1.00 55.76  ? 264  LYS A CG  1 
ATOM   294  C  CD  . LYS A 1 36 ? 10.709  1.614   -1.100  1.00 61.81  ? 264  LYS A CD  1 
ATOM   295  C  CE  . LYS A 1 36 ? 12.232  1.836   -1.261  1.00 64.11  ? 264  LYS A CE  1 
ATOM   296  N  NZ  . LYS A 1 36 ? 12.995  0.535   -1.222  1.00 65.52  ? 264  LYS A NZ  1 
ATOM   297  N  N   . LYS A 1 37 ? 7.622   0.032   -4.843  1.00 48.43  ? 265  LYS A N   1 
ATOM   298  C  CA  . LYS A 1 37 ? 7.523   -1.283  -5.408  1.00 46.58  ? 265  LYS A CA  1 
ATOM   299  C  C   . LYS A 1 37 ? 7.645   -1.177  -6.928  1.00 45.73  ? 265  LYS A C   1 
ATOM   300  O  O   . LYS A 1 37 ? 8.162   -2.097  -7.572  1.00 45.64  ? 265  LYS A O   1 
ATOM   301  C  CB  . LYS A 1 37 ? 6.200   -1.910  -4.989  1.00 46.32  ? 265  LYS A CB  1 
ATOM   302  C  CG  . LYS A 1 37 ? 6.022   -3.370  -5.338  1.00 45.91  ? 265  LYS A CG  1 
ATOM   303  C  CD  . LYS A 1 37 ? 4.524   -3.726  -5.391  1.00 45.42  ? 265  LYS A CD  1 
ATOM   304  C  CE  . LYS A 1 37 ? 4.322   -5.232  -5.498  1.00 46.09  ? 265  LYS A CE  1 
ATOM   305  N  NZ  . LYS A 1 37 ? 2.953   -5.654  -5.884  1.00 44.63  ? 265  LYS A NZ  1 
ATOM   306  N  N   . GLU A 1 38 ? 7.174   -0.074  -7.507  1.00 44.74  ? 266  GLU A N   1 
ATOM   307  C  CA  A GLU A 1 38 ? 7.288   0.112   -8.946  0.50 44.56  ? 266  GLU A CA  1 
ATOM   308  C  CA  B GLU A 1 38 ? 7.289   0.129   -8.945  0.50 44.42  ? 266  GLU A CA  1 
ATOM   309  C  C   . GLU A 1 38 ? 8.768   0.158   -9.298  1.00 44.72  ? 266  GLU A C   1 
ATOM   310  O  O   . GLU A 1 38 ? 9.228   -0.587  -10.180 1.00 45.10  ? 266  GLU A O   1 
ATOM   311  C  CB  A GLU A 1 38 ? 6.585   1.387   -9.428  0.50 44.55  ? 266  GLU A CB  1 
ATOM   312  C  CB  B GLU A 1 38 ? 6.606   1.435   -9.373  0.50 44.32  ? 266  GLU A CB  1 
ATOM   313  C  CG  A GLU A 1 38 ? 5.047   1.343   -9.466  0.50 43.50  ? 266  GLU A CG  1 
ATOM   314  C  CG  B GLU A 1 38 ? 6.550   1.676   -10.889 0.50 42.52  ? 266  GLU A CG  1 
ATOM   315  C  CD  A GLU A 1 38 ? 4.495   0.038   -9.989  0.50 41.47  ? 266  GLU A CD  1 
ATOM   316  C  CD  B GLU A 1 38 ? 5.878   2.988   -11.246 0.50 39.93  ? 266  GLU A CD  1 
ATOM   317  O  OE1 A GLU A 1 38 ? 3.796   0.046   -11.027 0.50 40.57  ? 266  GLU A OE1 1 
ATOM   318  O  OE1 B GLU A 1 38 ? 4.685   3.155   -10.956 0.50 38.96  ? 266  GLU A OE1 1 
ATOM   319  O  OE2 A GLU A 1 38 ? 4.765   -0.998  -9.355  0.50 41.20  ? 266  GLU A OE2 1 
ATOM   320  O  OE2 B GLU A 1 38 ? 6.542   3.858   -11.830 0.50 39.98  ? 266  GLU A OE2 1 
ATOM   321  N  N   . LYS A 1 39 ? 9.524   0.994   -8.590  1.00 44.25  ? 267  LYS A N   1 
ATOM   322  C  CA  . LYS A 1 39 ? 10.943  1.082   -8.838  1.00 44.41  ? 267  LYS A CA  1 
ATOM   323  C  C   . LYS A 1 39 ? 11.644  -0.246  -8.660  1.00 44.11  ? 267  LYS A C   1 
ATOM   324  O  O   . LYS A 1 39 ? 12.475  -0.639  -9.465  1.00 44.96  ? 267  LYS A O   1 
ATOM   325  C  CB  . LYS A 1 39 ? 11.569  2.152   -7.976  1.00 44.85  ? 267  LYS A CB  1 
ATOM   326  C  CG  . LYS A 1 39 ? 11.458  3.505   -8.624  1.00 48.62  ? 267  LYS A CG  1 
ATOM   327  C  CD  . LYS A 1 39 ? 11.172  4.617   -7.618  1.00 55.61  ? 267  LYS A CD  1 
ATOM   328  C  CE  . LYS A 1 39 ? 10.759  5.934   -8.353  1.00 59.86  ? 267  LYS A CE  1 
ATOM   329  N  NZ  . LYS A 1 39 ? 9.702   6.722   -7.605  1.00 61.86  ? 267  LYS A NZ  1 
ATOM   330  N  N   . LEU A 1 40 ? 11.306  -0.964  -7.615  1.00 43.98  ? 268  LEU A N   1 
ATOM   331  C  CA  . LEU A 1 40 ? 11.956  -2.228  -7.365  1.00 43.48  ? 268  LEU A CA  1 
ATOM   332  C  C   . LEU A 1 40 ? 11.670  -3.213  -8.473  1.00 43.01  ? 268  LEU A C   1 
ATOM   333  O  O   . LEU A 1 40 ? 12.489  -4.074  -8.767  1.00 43.42  ? 268  LEU A O   1 
ATOM   334  C  CB  . LEU A 1 40 ? 11.504  -2.791  -6.019  1.00 43.81  ? 268  LEU A CB  1 
ATOM   335  C  CG  . LEU A 1 40 ? 12.251  -2.208  -4.820  1.00 44.33  ? 268  LEU A CG  1 
ATOM   336  C  CD1 . LEU A 1 40 ? 11.383  -2.323  -3.585  1.00 45.30  ? 268  LEU A CD1 1 
ATOM   337  C  CD2 . LEU A 1 40 ? 13.555  -2.932  -4.631  1.00 45.17  ? 268  LEU A CD2 1 
ATOM   338  N  N   . LEU A 1 41 ? 10.496  -3.101  -9.080  1.00 42.55  ? 269  LEU A N   1 
ATOM   339  C  CA  . LEU A 1 41 ? 10.118  -4.021  -10.140 1.00 41.40  ? 269  LEU A CA  1 
ATOM   340  C  C   . LEU A 1 41 ? 10.873  -3.655  -11.417 1.00 41.50  ? 269  LEU A C   1 
ATOM   341  O  O   . LEU A 1 41 ? 11.277  -4.529  -12.178 1.00 40.69  ? 269  LEU A O   1 
ATOM   342  C  CB  . LEU A 1 41 ? 8.611   -4.015  -10.334 1.00 40.95  ? 269  LEU A CB  1 
ATOM   343  C  CG  . LEU A 1 41 ? 7.808   -5.001  -9.494  1.00 39.15  ? 269  LEU A CG  1 
ATOM   344  C  CD1 . LEU A 1 41 ? 6.355   -4.833  -9.859  1.00 38.25  ? 269  LEU A CD1 1 
ATOM   345  C  CD2 . LEU A 1 41 ? 8.240   -6.445  -9.735  1.00 37.51  ? 269  LEU A CD2 1 
ATOM   346  N  N   . GLY A 1 42 ? 11.088  -2.359  -11.618 1.00 41.49  ? 270  GLY A N   1 
ATOM   347  C  CA  . GLY A 1 42 ? 12.029  -1.886  -12.617 1.00 42.74  ? 270  GLY A CA  1 
ATOM   348  C  C   . GLY A 1 42 ? 13.383  -2.578  -12.485 1.00 43.89  ? 270  GLY A C   1 
ATOM   349  O  O   . GLY A 1 42 ? 13.952  -3.079  -13.474 1.00 44.23  ? 270  GLY A O   1 
ATOM   350  N  N   . LYS A 1 43 ? 13.894  -2.619  -11.257 1.00 44.34  ? 271  LYS A N   1 
ATOM   351  C  CA  . LYS A 1 43 ? 15.218  -3.132  -11.000 1.00 44.63  ? 271  LYS A CA  1 
ATOM   352  C  C   . LYS A 1 43 ? 15.232  -4.613  -11.251 1.00 44.47  ? 271  LYS A C   1 
ATOM   353  O  O   . LYS A 1 43 ? 16.241  -5.141  -11.668 1.00 45.20  ? 271  LYS A O   1 
ATOM   354  C  CB  . LYS A 1 43 ? 15.625  -2.844  -9.575  1.00 45.07  ? 271  LYS A CB  1 
ATOM   355  C  CG  . LYS A 1 43 ? 16.967  -3.403  -9.190  1.00 48.24  ? 271  LYS A CG  1 
ATOM   356  C  CD  . LYS A 1 43 ? 17.046  -3.598  -7.664  1.00 53.96  ? 271  LYS A CD  1 
ATOM   357  C  CE  . LYS A 1 43 ? 18.389  -3.141  -7.025  1.00 55.12  ? 271  LYS A CE  1 
ATOM   358  N  NZ  . LYS A 1 43 ? 18.360  -3.367  -5.538  1.00 56.15  ? 271  LYS A NZ  1 
ATOM   359  N  N   . ILE A 1 44 ? 14.123  -5.305  -11.027 1.00 44.18  ? 272  ILE A N   1 
ATOM   360  C  CA  . ILE A 1 44 ? 14.111  -6.737  -11.343 1.00 43.73  ? 272  ILE A CA  1 
ATOM   361  C  C   . ILE A 1 44 ? 14.422  -6.888  -12.820 1.00 44.23  ? 272  ILE A C   1 
ATOM   362  O  O   . ILE A 1 44 ? 15.125  -7.820  -13.205 1.00 45.16  ? 272  ILE A O   1 
ATOM   363  C  CB  . ILE A 1 44 ? 12.764  -7.420  -11.024 1.00 43.46  ? 272  ILE A CB  1 
ATOM   364  C  CG1 . ILE A 1 44 ? 12.412  -7.243  -9.537  1.00 43.37  ? 272  ILE A CG1 1 
ATOM   365  C  CG2 . ILE A 1 44 ? 12.770  -8.887  -11.447 1.00 41.59  ? 272  ILE A CG2 1 
ATOM   366  C  CD1 . ILE A 1 44 ? 13.337  -7.942  -8.585  1.00 43.61  ? 272  ILE A CD1 1 
ATOM   367  N  N   . ALA A 1 45 ? 13.901  -5.960  -13.628 1.00 43.72  ? 273  ALA A N   1 
ATOM   368  C  CA  . ALA A 1 45 ? 14.001  -6.011  -15.068 1.00 43.24  ? 273  ALA A CA  1 
ATOM   369  C  C   . ALA A 1 45 ? 15.442  -5.720  -15.501 1.00 43.61  ? 273  ALA A C   1 
ATOM   370  O  O   . ALA A 1 45 ? 16.024  -6.518  -16.236 1.00 43.58  ? 273  ALA A O   1 
ATOM   371  C  CB  . ALA A 1 45 ? 13.020  -5.036  -15.696 1.00 42.89  ? 273  ALA A CB  1 
ATOM   372  N  N   . ASN A 1 46 ? 16.007  -4.596  -15.049 1.00 43.55  ? 274  ASN A N   1 
ATOM   373  C  CA  A ASN A 1 46 ? 17.419  -4.302  -15.247 0.50 43.64  ? 274  ASN A CA  1 
ATOM   374  C  CA  B ASN A 1 46 ? 17.419  -4.304  -15.244 0.50 43.84  ? 274  ASN A CA  1 
ATOM   375  C  C   . ASN A 1 46 ? 18.319  -5.510  -14.937 1.00 44.05  ? 274  ASN A C   1 
ATOM   376  O  O   . ASN A 1 46 ? 19.260  -5.818  -15.690 1.00 44.63  ? 274  ASN A O   1 
ATOM   377  C  CB  A ASN A 1 46 ? 17.825  -3.107  -14.397 0.50 43.44  ? 274  ASN A CB  1 
ATOM   378  C  CB  B ASN A 1 46 ? 17.838  -3.142  -14.366 0.50 43.82  ? 274  ASN A CB  1 
ATOM   379  C  CG  A ASN A 1 46 ? 17.373  -1.789  -14.992 0.50 44.33  ? 274  ASN A CG  1 
ATOM   380  C  CG  B ASN A 1 46 ? 19.264  -2.720  -14.624 0.50 45.53  ? 274  ASN A CG  1 
ATOM   381  O  OD1 A ASN A 1 46 ? 17.250  -1.660  -16.212 0.50 45.51  ? 274  ASN A OD1 1 
ATOM   382  O  OD1 B ASN A 1 46 ? 19.547  -2.055  -15.622 0.50 48.02  ? 274  ASN A OD1 1 
ATOM   383  N  ND2 A ASN A 1 46 ? 17.130  -0.796  -14.133 0.50 44.64  ? 274  ASN A ND2 1 
ATOM   384  N  ND2 B ASN A 1 46 ? 20.182  -3.105  -13.728 0.50 46.37  ? 274  ASN A ND2 1 
ATOM   385  N  N   . ILE A 1 47 ? 18.036  -6.205  -13.838 1.00 43.75  ? 275  ILE A N   1 
ATOM   386  C  CA  . ILE A 1 47 ? 18.816  -7.376  -13.463 1.00 43.66  ? 275  ILE A CA  1 
ATOM   387  C  C   . ILE A 1 47 ? 18.730  -8.411  -14.566 1.00 43.95  ? 275  ILE A C   1 
ATOM   388  O  O   . ILE A 1 47 ? 19.729  -9.020  -14.926 1.00 44.68  ? 275  ILE A O   1 
ATOM   389  C  CB  . ILE A 1 47 ? 18.362  -7.993  -12.104 1.00 43.17  ? 275  ILE A CB  1 
ATOM   390  C  CG1 . ILE A 1 47 ? 18.847  -7.155  -10.935 1.00 43.43  ? 275  ILE A CG1 1 
ATOM   391  C  CG2 . ILE A 1 47 ? 18.886  -9.401  -11.915 1.00 42.74  ? 275  ILE A CG2 1 
ATOM   392  C  CD1 . ILE A 1 47 ? 18.043  -7.425  -9.631  1.00 46.46  ? 275  ILE A CD1 1 
ATOM   393  N  N   . GLU A 1 48 ? 17.538  -8.616  -15.105 1.00 44.44  ? 276  GLU A N   1 
ATOM   394  C  CA  . GLU A 1 48 ? 17.334  -9.701  -16.067 1.00 44.65  ? 276  GLU A CA  1 
ATOM   395  C  C   . GLU A 1 48 ? 17.781  -9.317  -17.469 1.00 44.90  ? 276  GLU A C   1 
ATOM   396  O  O   . GLU A 1 48 ? 18.273  -10.184 -18.195 1.00 43.76  ? 276  GLU A O   1 
ATOM   397  C  CB  . GLU A 1 48 ? 15.908  -10.262 -16.018 1.00 44.42  ? 276  GLU A CB  1 
ATOM   398  C  CG  . GLU A 1 48 ? 15.624  -11.020 -14.727 1.00 44.41  ? 276  GLU A CG  1 
ATOM   399  C  CD  . GLU A 1 48 ? 14.333  -11.794 -14.777 1.00 44.82  ? 276  GLU A CD  1 
ATOM   400  O  OE1 . GLU A 1 48 ? 13.317  -11.214 -15.189 1.00 46.59  ? 276  GLU A OE1 1 
ATOM   401  O  OE2 . GLU A 1 48 ? 14.321  -12.988 -14.408 1.00 44.11  ? 276  GLU A OE2 1 
ATOM   402  N  N   . GLN A 1 49 ? 17.647  -8.037  -17.834 1.00 45.77  ? 277  GLN A N   1 
ATOM   403  C  CA  A GLN A 1 49 ? 18.202  -7.561  -19.091 0.50 46.97  ? 277  GLN A CA  1 
ATOM   404  C  CA  B GLN A 1 49 ? 18.196  -7.581  -19.109 0.50 47.22  ? 277  GLN A CA  1 
ATOM   405  C  C   . GLN A 1 49 ? 19.664  -8.011  -19.078 1.00 47.80  ? 277  GLN A C   1 
ATOM   406  O  O   . GLN A 1 49 ? 20.116  -8.788  -19.951 1.00 48.12  ? 277  GLN A O   1 
ATOM   407  C  CB  A GLN A 1 49 ? 18.106  -6.030  -19.200 0.50 46.80  ? 277  GLN A CB  1 
ATOM   408  C  CB  B GLN A 1 49 ? 18.099  -6.054  -19.352 0.50 47.17  ? 277  GLN A CB  1 
ATOM   409  C  CG  A GLN A 1 49 ? 17.605  -5.533  -20.550 0.50 46.99  ? 277  GLN A CG  1 
ATOM   410  C  CG  B GLN A 1 49 ? 16.914  -5.272  -18.778 0.50 48.65  ? 277  GLN A CG  1 
ATOM   411  C  CD  A GLN A 1 49 ? 18.494  -4.457  -21.182 0.50 48.12  ? 277  GLN A CD  1 
ATOM   412  C  CD  B GLN A 1 49 ? 15.564  -5.583  -19.415 0.50 50.53  ? 277  GLN A CD  1 
ATOM   413  O  OE1 A GLN A 1 49 ? 18.754  -3.404  -20.587 0.50 47.97  ? 277  GLN A OE1 1 
ATOM   414  O  OE1 B GLN A 1 49 ? 15.206  -6.749  -19.612 0.50 51.49  ? 277  GLN A OE1 1 
ATOM   415  N  NE2 A GLN A 1 49 ? 18.953  -4.722  -22.411 0.50 46.90  ? 277  GLN A NE2 1 
ATOM   416  N  NE2 B GLN A 1 49 ? 14.788  -4.535  -19.700 0.50 50.69  ? 277  GLN A NE2 1 
ATOM   417  N  N   . ASN A 1 50 ? 20.389  -7.551  -18.049 1.00 48.51  ? 278  ASN A N   1 
ATOM   418  C  CA  . ASN A 1 50 ? 21.782  -7.924  -17.800 1.00 48.80  ? 278  ASN A CA  1 
ATOM   419  C  C   . ASN A 1 50 ? 22.034  -9.432  -17.844 1.00 47.99  ? 278  ASN A C   1 
ATOM   420  O  O   . ASN A 1 50 ? 22.857  -9.890  -18.603 1.00 48.21  ? 278  ASN A O   1 
ATOM   421  C  CB  . ASN A 1 50 ? 22.243  -7.341  -16.467 1.00 49.66  ? 278  ASN A CB  1 
ATOM   422  C  CG  . ASN A 1 50 ? 23.753  -7.317  -16.335 1.00 53.08  ? 278  ASN A CG  1 
ATOM   423  O  OD1 . ASN A 1 50 ? 24.462  -7.987  -17.095 1.00 58.08  ? 278  ASN A OD1 1 
ATOM   424  N  ND2 . ASN A 1 50 ? 24.264  -6.531  -15.386 1.00 54.76  ? 278  ASN A ND2 1 
ATOM   425  N  N   . GLN A 1 51 ? 21.321  -10.215 -17.065 1.00 47.66  ? 279  GLN A N   1 
ATOM   426  C  CA  . GLN A 1 51 ? 21.580  -11.637 -17.068 1.00 48.11  ? 279  GLN A CA  1 
ATOM   427  C  C   . GLN A 1 51 ? 21.504  -12.264 -18.454 1.00 49.21  ? 279  GLN A C   1 
ATOM   428  O  O   . GLN A 1 51 ? 22.363  -13.070 -18.820 1.00 49.60  ? 279  GLN A O   1 
ATOM   429  C  CB  . GLN A 1 51 ? 20.651  -12.362 -16.129 1.00 47.35  ? 279  GLN A CB  1 
ATOM   430  C  CG  . GLN A 1 51 ? 20.985  -12.081 -14.717 1.00 48.05  ? 279  GLN A CG  1 
ATOM   431  C  CD  . GLN A 1 51 ? 20.078  -12.779 -13.770 1.00 47.46  ? 279  GLN A CD  1 
ATOM   432  O  OE1 . GLN A 1 51 ? 18.872  -12.533 -13.771 1.00 47.26  ? 279  GLN A OE1 1 
ATOM   433  N  NE2 . GLN A 1 51 ? 20.644  -13.659 -12.939 1.00 45.85  ? 279  GLN A NE2 1 
ATOM   434  N  N   . LEU A 1 52 ? 20.474  -11.903 -19.225 1.00 50.18  ? 280  LEU A N   1 
ATOM   435  C  CA  A LEU A 1 52 ? 20.227  -12.402 -20.592 0.50 49.79  ? 280  LEU A CA  1 
ATOM   436  C  CA  B LEU A 1 52 ? 20.310  -12.549 -20.511 0.50 49.77  ? 280  LEU A CA  1 
ATOM   437  C  C   . LEU A 1 52 ? 21.488  -12.248 -21.428 1.00 49.80  ? 280  LEU A C   1 
ATOM   438  O  O   . LEU A 1 52 ? 21.935  -13.172 -22.115 1.00 50.12  ? 280  LEU A O   1 
ATOM   439  C  CB  A LEU A 1 52 ? 19.054  -11.608 -21.221 0.50 49.87  ? 280  LEU A CB  1 
ATOM   440  C  CB  B LEU A 1 52 ? 18.941  -12.285 -21.133 0.50 49.85  ? 280  LEU A CB  1 
ATOM   441  C  CG  A LEU A 1 52 ? 19.108  -10.949 -22.621 0.50 50.06  ? 280  LEU A CG  1 
ATOM   442  C  CG  B LEU A 1 52 ? 17.962  -13.379 -20.693 0.50 49.97  ? 280  LEU A CG  1 
ATOM   443  C  CD1 A LEU A 1 52 ? 18.521  -11.846 -23.718 0.50 49.53  ? 280  LEU A CD1 1 
ATOM   444  C  CD1 B LEU A 1 52 ? 16.511  -12.903 -20.747 0.50 49.99  ? 280  LEU A CD1 1 
ATOM   445  C  CD2 A LEU A 1 52 ? 18.440  -9.565  -22.634 0.50 49.02  ? 280  LEU A CD2 1 
ATOM   446  C  CD2 B LEU A 1 52 ? 18.180  -14.647 -21.517 0.50 49.82  ? 280  LEU A CD2 1 
HETATM 447  N  N   . MSE A 1 53 ? 22.037  -11.035 -21.376 1.00 49.22  ? 281  MSE A N   1 
HETATM 448  C  CA  . MSE A 1 53 ? 23.225  -10.724 -22.133 1.00 49.66  ? 281  MSE A CA  1 
HETATM 449  C  C   . MSE A 1 53 ? 24.380  -11.649 -21.725 1.00 50.68  ? 281  MSE A C   1 
HETATM 450  O  O   . MSE A 1 53 ? 24.834  -12.465 -22.527 1.00 51.48  ? 281  MSE A O   1 
HETATM 451  C  CB  . MSE A 1 53 ? 23.607  -9.285  -21.940 1.00 49.28  ? 281  MSE A CB  1 
HETATM 452  C  CG  . MSE A 1 53 ? 22.532  -8.375  -22.262 1.00 48.24  ? 281  MSE A CG  1 
HETATM 453  SE SE  . MSE A 1 53 ? 23.326  -6.685  -22.574 0.80 50.08  ? 281  MSE A SE  1 
HETATM 454  C  CE  . MSE A 1 53 ? 23.893  -6.872  -24.442 1.00 51.34  ? 281  MSE A CE  1 
ATOM   455  N  N   . LEU A 1 54 ? 24.823  -11.561 -20.478 1.00 50.84  ? 282  LEU A N   1 
ATOM   456  C  CA  . LEU A 1 54 ? 25.769  -12.542 -19.954 1.00 51.47  ? 282  LEU A CA  1 
ATOM   457  C  C   . LEU A 1 54 ? 25.508  -13.962 -20.403 1.00 51.59  ? 282  LEU A C   1 
ATOM   458  O  O   . LEU A 1 54 ? 26.459  -14.671 -20.673 1.00 52.71  ? 282  LEU A O   1 
ATOM   459  C  CB  . LEU A 1 54 ? 25.816  -12.539 -18.417 1.00 51.51  ? 282  LEU A CB  1 
ATOM   460  C  CG  . LEU A 1 54 ? 26.274  -11.245 -17.763 1.00 50.97  ? 282  LEU A CG  1 
ATOM   461  C  CD1 . LEU A 1 54 ? 26.028  -11.367 -16.279 1.00 51.70  ? 282  LEU A CD1 1 
ATOM   462  C  CD2 . LEU A 1 54 ? 27.737  -10.982 -18.093 1.00 49.23  ? 282  LEU A CD2 1 
ATOM   463  N  N   . GLU A 1 55 ? 24.255  -14.396 -20.462 1.00 51.89  ? 283  GLU A N   1 
ATOM   464  C  CA  A GLU A 1 55 ? 23.923  -15.772 -20.849 0.50 52.26  ? 283  GLU A CA  1 
ATOM   465  C  CA  B GLU A 1 55 ? 23.992  -15.782 -20.838 0.50 52.40  ? 283  GLU A CA  1 
ATOM   466  C  C   . GLU A 1 55 ? 24.141  -15.994 -22.338 1.00 52.55  ? 283  GLU A C   1 
ATOM   467  O  O   . GLU A 1 55 ? 24.598  -17.058 -22.764 1.00 52.27  ? 283  GLU A O   1 
ATOM   468  C  CB  A GLU A 1 55 ? 22.471  -16.098 -20.506 0.50 52.24  ? 283  GLU A CB  1 
ATOM   469  C  CB  B GLU A 1 55 ? 22.640  -16.297 -20.342 0.50 52.46  ? 283  GLU A CB  1 
ATOM   470  C  CG  A GLU A 1 55 ? 22.167  -16.121 -19.026 0.50 52.42  ? 283  GLU A CG  1 
ATOM   471  C  CG  B GLU A 1 55 ? 22.648  -17.812 -20.141 0.50 53.35  ? 283  GLU A CG  1 
ATOM   472  C  CD  A GLU A 1 55 ? 20.774  -15.614 -18.733 0.50 53.33  ? 283  GLU A CD  1 
ATOM   473  C  CD  B GLU A 1 55 ? 21.260  -18.417 -19.937 0.50 55.01  ? 283  GLU A CD  1 
ATOM   474  O  OE1 A GLU A 1 55 ? 20.121  -15.090 -19.670 0.50 52.88  ? 283  GLU A OE1 1 
ATOM   475  O  OE1 B GLU A 1 55 ? 20.297  -17.669 -19.630 0.50 55.05  ? 283  GLU A OE1 1 
ATOM   476  O  OE2 A GLU A 1 55 ? 20.343  -15.725 -17.564 0.50 54.17  ? 283  GLU A OE2 1 
ATOM   477  O  OE2 B GLU A 1 55 ? 21.145  -19.656 -20.081 0.50 54.52  ? 283  GLU A OE2 1 
ATOM   478  N  N   . ASP A 1 56 ? 23.795  -14.985 -23.136 1.00 52.68  ? 284  ASP A N   1 
ATOM   479  C  CA  A ASP A 1 56 ? 23.975  -15.121 -24.570 0.50 53.24  ? 284  ASP A CA  1 
ATOM   480  C  CA  B ASP A 1 56 ? 23.970  -15.092 -24.576 0.50 52.97  ? 284  ASP A CA  1 
ATOM   481  C  C   . ASP A 1 56 ? 25.465  -15.145 -24.901 1.00 53.45  ? 284  ASP A C   1 
ATOM   482  O  O   . ASP A 1 56 ? 25.917  -15.992 -25.692 1.00 53.63  ? 284  ASP A O   1 
ATOM   483  C  CB  A ASP A 1 56 ? 23.104  -14.143 -25.417 0.50 53.44  ? 284  ASP A CB  1 
ATOM   484  C  CB  B ASP A 1 56 ? 23.264  -13.939 -25.307 0.50 52.95  ? 284  ASP A CB  1 
ATOM   485  C  CG  A ASP A 1 56 ? 23.665  -12.716 -25.517 0.50 53.14  ? 284  ASP A CG  1 
ATOM   486  C  CG  B ASP A 1 56 ? 21.765  -14.178 -25.478 0.50 51.48  ? 284  ASP A CG  1 
ATOM   487  O  OD1 A ASP A 1 56 ? 24.865  -12.482 -25.264 0.50 52.23  ? 284  ASP A OD1 1 
ATOM   488  O  OD1 B ASP A 1 56 ? 21.349  -15.357 -25.510 0.50 49.65  ? 284  ASP A OD1 1 
ATOM   489  O  OD2 A ASP A 1 56 ? 22.873  -11.819 -25.889 0.50 52.66  ? 284  ASP A OD2 1 
ATOM   490  O  OD2 B ASP A 1 56 ? 21.017  -13.183 -25.582 0.50 49.89  ? 284  ASP A OD2 1 
ATOM   491  N  N   . ASN A 1 57 ? 26.216  -14.246 -24.258 1.00 53.67  ? 285  ASN A N   1 
ATOM   492  C  CA  . ASN A 1 57 ? 27.668  -14.178 -24.343 1.00 53.73  ? 285  ASN A CA  1 
ATOM   493  C  C   . ASN A 1 57 ? 28.287  -15.527 -24.069 1.00 55.19  ? 285  ASN A C   1 
ATOM   494  O  O   . ASN A 1 57 ? 29.141  -15.973 -24.797 1.00 55.08  ? 285  ASN A O   1 
ATOM   495  C  CB  . ASN A 1 57 ? 28.167  -13.179 -23.340 1.00 52.60  ? 285  ASN A CB  1 
ATOM   496  C  CG  . ASN A 1 57 ? 29.588  -12.806 -23.563 1.00 51.39  ? 285  ASN A CG  1 
ATOM   497  O  OD1 . ASN A 1 57 ? 30.437  -13.665 -23.765 1.00 47.96  ? 285  ASN A OD1 1 
ATOM   498  N  ND2 . ASN A 1 57 ? 29.875  -11.501 -23.500 1.00 49.67  ? 285  ASN A ND2 1 
ATOM   499  N  N   . LEU A 1 58 ? 27.823  -16.198 -23.033 1.00 57.60  ? 286  LEU A N   1 
ATOM   500  C  CA  . LEU A 1 58 ? 28.302  -17.544 -22.726 1.00 60.33  ? 286  LEU A CA  1 
ATOM   501  C  C   . LEU A 1 58 ? 27.948  -18.613 -23.769 1.00 62.58  ? 286  LEU A C   1 
ATOM   502  O  O   . LEU A 1 58 ? 28.672  -19.586 -23.926 1.00 62.82  ? 286  LEU A O   1 
ATOM   503  C  CB  . LEU A 1 58 ? 27.831  -17.980 -21.337 1.00 59.81  ? 286  LEU A CB  1 
ATOM   504  C  CG  . LEU A 1 58 ? 28.484  -17.281 -20.147 1.00 58.57  ? 286  LEU A CG  1 
ATOM   505  C  CD1 . LEU A 1 58 ? 27.767  -17.694 -18.884 1.00 56.61  ? 286  LEU A CD1 1 
ATOM   506  C  CD2 . LEU A 1 58 ? 29.973  -17.606 -20.067 1.00 57.96  ? 286  LEU A CD2 1 
ATOM   507  N  N   . LYS A 1 59 ? 26.821  -18.446 -24.452 1.00 65.72  ? 287  LYS A N   1 
ATOM   508  C  CA  . LYS A 1 59 ? 26.474  -19.303 -25.587 1.00 68.29  ? 287  LYS A CA  1 
ATOM   509  C  C   . LYS A 1 59 ? 27.380  -18.987 -26.785 1.00 69.51  ? 287  LYS A C   1 
ATOM   510  O  O   . LYS A 1 59 ? 28.050  -19.882 -27.285 1.00 69.93  ? 287  LYS A O   1 
ATOM   511  C  CB  . LYS A 1 59 ? 25.006  -19.147 -25.979 1.00 68.65  ? 287  LYS A CB  1 
ATOM   512  C  CG  . LYS A 1 59 ? 24.042  -20.196 -25.418 1.00 70.95  ? 287  LYS A CG  1 
ATOM   513  C  CD  . LYS A 1 59 ? 22.706  -20.149 -26.193 1.00 75.26  ? 287  LYS A CD  1 
ATOM   514  C  CE  . LYS A 1 59 ? 22.280  -18.679 -26.519 1.00 77.57  ? 287  LYS A CE  1 
ATOM   515  N  NZ  . LYS A 1 59 ? 20.948  -18.529 -27.206 1.00 78.61  ? 287  LYS A NZ  1 
ATOM   516  N  N   . GLN A 1 60 ? 27.411  -17.734 -27.245 1.00 71.04  ? 288  GLN A N   1 
ATOM   517  C  CA  . GLN A 1 60 ? 28.374  -17.348 -28.267 1.00 72.95  ? 288  GLN A CA  1 
ATOM   518  C  C   . GLN A 1 60 ? 29.700  -18.061 -28.016 1.00 73.87  ? 288  GLN A C   1 
ATOM   519  O  O   . GLN A 1 60 ? 30.234  -18.677 -28.921 1.00 74.62  ? 288  GLN A O   1 
ATOM   520  C  CB  . GLN A 1 60 ? 28.607  -15.845 -28.286 1.00 73.14  ? 288  GLN A CB  1 
ATOM   521  C  CG  . GLN A 1 60 ? 27.605  -15.072 -29.101 1.00 76.09  ? 288  GLN A CG  1 
ATOM   522  C  CD  . GLN A 1 60 ? 27.937  -13.578 -29.136 1.00 80.51  ? 288  GLN A CD  1 
ATOM   523  O  OE1 . GLN A 1 60 ? 27.941  -12.896 -28.091 1.00 81.46  ? 288  GLN A OE1 1 
ATOM   524  N  NE2 . GLN A 1 60 ? 28.219  -13.057 -30.344 1.00 81.04  ? 288  GLN A NE2 1 
ATOM   525  N  N   . ILE A 1 61 ? 30.213  -18.008 -26.788 1.00 75.07  ? 289  ILE A N   1 
ATOM   526  C  CA  . ILE A 1 61 ? 31.469  -18.687 -26.426 1.00 76.01  ? 289  ILE A CA  1 
ATOM   527  C  C   . ILE A 1 61 ? 31.469  -20.171 -26.823 1.00 77.75  ? 289  ILE A C   1 
ATOM   528  O  O   . ILE A 1 61 ? 32.471  -20.669 -27.337 1.00 78.42  ? 289  ILE A O   1 
ATOM   529  C  CB  . ILE A 1 61 ? 31.868  -18.446 -24.923 1.00 75.38  ? 289  ILE A CB  1 
ATOM   530  C  CG1 . ILE A 1 61 ? 32.784  -17.230 -24.807 1.00 73.17  ? 289  ILE A CG1 1 
ATOM   531  C  CG2 . ILE A 1 61 ? 32.535  -19.654 -24.298 1.00 74.49  ? 289  ILE A CG2 1 
ATOM   532  C  CD1 . ILE A 1 61 ? 32.692  -16.535 -23.482 1.00 70.27  ? 289  ILE A CD1 1 
ATOM   533  N  N   . ASP A 1 62 ? 30.345  -20.856 -26.646 1.00 79.54  ? 290  ASP A N   1 
ATOM   534  C  CA  . ASP A 1 62 ? 30.218  -22.283 -27.020 1.00 81.72  ? 290  ASP A CA  1 
ATOM   535  C  C   . ASP A 1 62 ? 30.410  -22.644 -28.516 1.00 82.59  ? 290  ASP A C   1 
ATOM   536  O  O   . ASP A 1 62 ? 30.315  -23.827 -28.886 1.00 83.06  ? 290  ASP A O   1 
ATOM   537  C  CB  . ASP A 1 62 ? 28.876  -22.848 -26.521 1.00 82.11  ? 290  ASP A CB  1 
ATOM   538  C  CG  . ASP A 1 62 ? 28.949  -23.342 -25.081 1.00 84.17  ? 290  ASP A CG  1 
ATOM   539  O  OD1 . ASP A 1 62 ? 28.397  -24.438 -24.812 1.00 86.70  ? 290  ASP A OD1 1 
ATOM   540  O  OD2 . ASP A 1 62 ? 29.566  -22.653 -24.225 1.00 86.01  ? 290  ASP A OD2 1 
ATOM   541  N  N   . ASP A 1 63 ? 30.675  -21.635 -29.357 1.00 83.51  ? 291  ASP A N   1 
ATOM   542  C  CA  . ASP A 1 63 ? 30.831  -21.796 -30.825 1.00 83.66  ? 291  ASP A CA  1 
ATOM   543  C  C   . ASP A 1 63 ? 32.237  -21.367 -31.301 1.00 83.68  ? 291  ASP A C   1 
ATOM   544  O  O   . ASP A 1 63 ? 33.258  -21.929 -30.871 1.00 83.60  ? 291  ASP A O   1 
ATOM   545  C  CB  . ASP A 1 63 ? 29.736  -21.007 -31.579 1.00 83.59  ? 291  ASP A CB  1 
ATOM   546  C  CG  . ASP A 1 63 ? 28.351  -21.036 -30.862 1.00 83.64  ? 291  ASP A CG  1 
ATOM   547  O  OD1 . ASP A 1 63 ? 28.061  -21.958 -30.058 1.00 83.00  ? 291  ASP A OD1 1 
ATOM   548  O  OD2 . ASP A 1 63 ? 27.535  -20.124 -31.117 1.00 83.35  ? 291  ASP A OD2 1 
ATOM   549  N  N   . GLY B 1 1  ? 38.667  -16.775 -16.932 1.00 52.30  ? 229  GLY B N   1 
ATOM   550  C  CA  . GLY B 1 1  ? 37.834  -17.588 -17.883 1.00 53.54  ? 229  GLY B CA  1 
ATOM   551  C  C   . GLY B 1 1  ? 36.327  -17.300 -17.936 1.00 53.73  ? 229  GLY B C   1 
ATOM   552  O  O   . GLY B 1 1  ? 35.845  -16.321 -17.350 1.00 54.70  ? 229  GLY B O   1 
ATOM   553  N  N   . PRO B 1 2  ? 35.560  -18.135 -18.649 1.00 53.01  ? 230  PRO B N   1 
ATOM   554  C  CA  . PRO B 1 2  ? 34.131  -17.908 -18.661 1.00 52.48  ? 230  PRO B CA  1 
ATOM   555  C  C   . PRO B 1 2  ? 33.458  -18.223 -17.332 1.00 51.77  ? 230  PRO B C   1 
ATOM   556  O  O   . PRO B 1 2  ? 32.310  -17.840 -17.122 1.00 52.21  ? 230  PRO B O   1 
ATOM   557  C  CB  . PRO B 1 2  ? 33.633  -18.869 -19.745 1.00 52.51  ? 230  PRO B CB  1 
ATOM   558  C  CG  . PRO B 1 2  ? 34.757  -18.970 -20.652 1.00 53.37  ? 230  PRO B CG  1 
ATOM   559  C  CD  . PRO B 1 2  ? 35.948  -19.062 -19.712 1.00 53.46  ? 230  PRO B CD  1 
ATOM   560  N  N   . GLN B 1 3  ? 34.142  -18.898 -16.422 1.00 50.44  ? 231  GLN B N   1 
ATOM   561  C  CA  . GLN B 1 3  ? 33.555  -19.025 -15.103 1.00 49.07  ? 231  GLN B CA  1 
ATOM   562  C  C   . GLN B 1 3  ? 33.303  -17.653 -14.475 1.00 47.68  ? 231  GLN B C   1 
ATOM   563  O  O   . GLN B 1 3  ? 32.504  -17.550 -13.567 1.00 47.61  ? 231  GLN B O   1 
ATOM   564  C  CB  . GLN B 1 3  ? 34.430  -19.877 -14.189 1.00 49.86  ? 231  GLN B CB  1 
ATOM   565  C  CG  . GLN B 1 3  ? 33.985  -19.939 -12.719 1.00 50.27  ? 231  GLN B CG  1 
ATOM   566  C  CD  . GLN B 1 3  ? 32.682  -20.690 -12.528 1.00 51.94  ? 231  GLN B CD  1 
ATOM   567  O  OE1 . GLN B 1 3  ? 32.266  -21.482 -13.382 1.00 53.72  ? 231  GLN B OE1 1 
ATOM   568  N  NE2 . GLN B 1 3  ? 32.021  -20.435 -11.415 1.00 50.63  ? 231  GLN B NE2 1 
ATOM   569  N  N   . THR B 1 4  ? 33.962  -16.599 -14.953 1.00 45.96  ? 232  THR B N   1 
ATOM   570  C  CA  . THR B 1 4  ? 33.736  -15.286 -14.358 1.00 44.50  ? 232  THR B CA  1 
ATOM   571  C  C   . THR B 1 4  ? 32.329  -14.800 -14.652 1.00 43.73  ? 232  THR B C   1 
ATOM   572  O  O   . THR B 1 4  ? 31.730  -14.093 -13.847 1.00 43.84  ? 232  THR B O   1 
ATOM   573  C  CB  . THR B 1 4  ? 34.798  -14.195 -14.751 1.00 44.57  ? 232  THR B CB  1 
ATOM   574  O  OG1 . THR B 1 4  ? 34.602  -13.029 -13.945 1.00 45.73  ? 232  THR B OG1 1 
ATOM   575  C  CG2 . THR B 1 4  ? 34.686  -13.749 -16.184 1.00 43.04  ? 232  THR B CG2 1 
ATOM   576  N  N   . LEU B 1 5  ? 31.798  -15.171 -15.814 1.00 42.72  ? 233  LEU B N   1 
ATOM   577  C  CA  . LEU B 1 5  ? 30.506  -14.630 -16.230 1.00 41.30  ? 233  LEU B CA  1 
ATOM   578  C  C   . LEU B 1 5  ? 29.381  -15.398 -15.550 1.00 40.86  ? 233  LEU B C   1 
ATOM   579  O  O   . LEU B 1 5  ? 28.439  -14.789 -15.064 1.00 41.11  ? 233  LEU B O   1 
ATOM   580  C  CB  . LEU B 1 5  ? 30.361  -14.646 -17.733 1.00 40.69  ? 233  LEU B CB  1 
ATOM   581  C  CG  . LEU B 1 5  ? 31.349  -13.866 -18.588 1.00 39.89  ? 233  LEU B CG  1 
ATOM   582  C  CD1 . LEU B 1 5  ? 30.830  -13.912 -20.002 1.00 40.24  ? 233  LEU B CD1 1 
ATOM   583  C  CD2 . LEU B 1 5  ? 31.549  -12.424 -18.151 1.00 37.67  ? 233  LEU B CD2 1 
ATOM   584  N  N   . VAL B 1 6  ? 29.507  -16.721 -15.496 1.00 39.63  ? 234  VAL B N   1 
ATOM   585  C  CA  . VAL B 1 6  ? 28.694  -17.557 -14.643 1.00 39.38  ? 234  VAL B CA  1 
ATOM   586  C  C   . VAL B 1 6  ? 28.650  -17.082 -13.178 1.00 40.24  ? 234  VAL B C   1 
ATOM   587  O  O   . VAL B 1 6  ? 27.590  -17.162 -12.526 1.00 40.47  ? 234  VAL B O   1 
ATOM   588  C  CB  . VAL B 1 6  ? 29.238  -18.958 -14.634 1.00 39.01  ? 234  VAL B CB  1 
ATOM   589  C  CG1 . VAL B 1 6  ? 28.311  -19.885 -13.857 1.00 39.03  ? 234  VAL B CG1 1 
ATOM   590  C  CG2 . VAL B 1 6  ? 29.378  -19.433 -16.030 1.00 38.51  ? 234  VAL B CG2 1 
ATOM   591  N  N   . ASN B 1 7  ? 29.793  -16.622 -12.660 1.00 40.17  ? 235  ASN B N   1 
ATOM   592  C  CA  . ASN B 1 7  ? 29.846  -16.025 -11.327 1.00 40.38  ? 235  ASN B CA  1 
ATOM   593  C  C   . ASN B 1 7  ? 29.001  -14.780 -11.253 1.00 40.45  ? 235  ASN B C   1 
ATOM   594  O  O   . ASN B 1 7  ? 28.255  -14.591 -10.303 1.00 40.64  ? 235  ASN B O   1 
ATOM   595  C  CB  . ASN B 1 7  ? 31.280  -15.660 -10.902 1.00 40.11  ? 235  ASN B CB  1 
ATOM   596  C  CG  . ASN B 1 7  ? 32.101  -16.873 -10.486 1.00 39.74  ? 235  ASN B CG  1 
ATOM   597  O  OD1 . ASN B 1 7  ? 31.618  -18.018 -10.462 1.00 34.19  ? 235  ASN B OD1 1 
ATOM   598  N  ND2 . ASN B 1 7  ? 33.370  -16.620 -10.176 1.00 39.94  ? 235  ASN B ND2 1 
ATOM   599  N  N   . SER B 1 8  ? 29.137  -13.921 -12.251 1.00 40.43  ? 236  SER B N   1 
ATOM   600  C  CA  . SER B 1 8  ? 28.320  -12.730 -12.287 1.00 40.59  ? 236  SER B CA  1 
ATOM   601  C  C   . SER B 1 8  ? 26.821  -13.067 -12.452 1.00 40.71  ? 236  SER B C   1 
ATOM   602  O  O   . SER B 1 8  ? 25.970  -12.315 -12.014 1.00 41.27  ? 236  SER B O   1 
ATOM   603  C  CB  . SER B 1 8  ? 28.809  -11.796 -13.382 1.00 40.45  ? 236  SER B CB  1 
ATOM   604  O  OG  . SER B 1 8  ? 29.798  -10.926 -12.863 1.00 40.01  ? 236  SER B OG  1 
ATOM   605  N  N   . LEU B 1 9  ? 26.488  -14.196 -13.052 1.00 40.08  ? 237  LEU B N   1 
ATOM   606  C  CA  . LEU B 1 9  ? 25.098  -14.511 -13.170 1.00 40.33  ? 237  LEU B CA  1 
ATOM   607  C  C   . LEU B 1 9  ? 24.554  -14.833 -11.809 1.00 40.19  ? 237  LEU B C   1 
ATOM   608  O  O   . LEU B 1 9  ? 23.559  -14.269 -11.382 1.00 40.07  ? 237  LEU B O   1 
ATOM   609  C  CB  . LEU B 1 9  ? 24.843  -15.713 -14.084 1.00 40.73  ? 237  LEU B CB  1 
ATOM   610  C  CG  . LEU B 1 9  ? 24.848  -15.550 -15.596 1.00 40.31  ? 237  LEU B CG  1 
ATOM   611  C  CD1 . LEU B 1 9  ? 24.484  -16.871 -16.225 1.00 39.11  ? 237  LEU B CD1 1 
ATOM   612  C  CD2 . LEU B 1 9  ? 23.879  -14.493 -15.974 1.00 40.36  ? 237  LEU B CD2 1 
ATOM   613  N  N   . GLU B 1 10 ? 25.204  -15.754 -11.134 1.00 40.48  ? 238  GLU B N   1 
ATOM   614  C  CA  A GLU B 1 10 ? 24.677  -16.228 -9.880  0.50 40.86  ? 238  GLU B CA  1 
ATOM   615  C  CA  B GLU B 1 10 ? 24.720  -16.236 -9.850  0.50 40.86  ? 238  GLU B CA  1 
ATOM   616  C  C   . GLU B 1 10 ? 24.659  -15.105 -8.851  1.00 40.91  ? 238  GLU B C   1 
ATOM   617  O  O   . GLU B 1 10 ? 23.854  -15.140 -7.919  1.00 40.96  ? 238  GLU B O   1 
ATOM   618  C  CB  A GLU B 1 10 ? 25.405  -17.497 -9.423  0.50 41.06  ? 238  GLU B CB  1 
ATOM   619  C  CB  B GLU B 1 10 ? 25.585  -17.370 -9.309  0.50 40.97  ? 238  GLU B CB  1 
ATOM   620  C  CG  A GLU B 1 10 ? 24.870  -18.773 -10.134 0.50 42.21  ? 238  GLU B CG  1 
ATOM   621  C  CG  B GLU B 1 10 ? 25.022  -18.027 -8.044  0.50 42.37  ? 238  GLU B CG  1 
ATOM   622  C  CD  A GLU B 1 10 ? 25.914  -19.877 -10.310 0.50 44.47  ? 238  GLU B CD  1 
ATOM   623  C  CD  B GLU B 1 10 ? 23.496  -18.143 -8.055  0.50 43.24  ? 238  GLU B CD  1 
ATOM   624  O  OE1 A GLU B 1 10 ? 26.700  -20.143 -9.370  0.50 45.43  ? 238  GLU B OE1 1 
ATOM   625  O  OE1 B GLU B 1 10 ? 22.922  -18.601 -9.070  0.50 44.19  ? 238  GLU B OE1 1 
ATOM   626  O  OE2 A GLU B 1 10 ? 25.943  -20.492 -11.399 0.50 45.42  ? 238  GLU B OE2 1 
ATOM   627  O  OE2 B GLU B 1 10 ? 22.878  -17.776 -7.036  0.50 43.21  ? 238  GLU B OE2 1 
ATOM   628  N  N   . PHE B 1 11 ? 25.498  -14.089 -9.048  1.00 40.86  ? 239  PHE B N   1 
ATOM   629  C  CA  A PHE B 1 11 ? 25.432  -12.946 -8.162  0.50 41.32  ? 239  PHE B CA  1 
ATOM   630  C  CA  B PHE B 1 11 ? 25.475  -12.865 -8.227  0.50 41.09  ? 239  PHE B CA  1 
ATOM   631  C  C   . PHE B 1 11 ? 24.165  -12.158 -8.445  1.00 41.75  ? 239  PHE B C   1 
ATOM   632  O  O   . PHE B 1 11 ? 23.329  -12.070 -7.561  1.00 42.77  ? 239  PHE B O   1 
ATOM   633  C  CB  A PHE B 1 11 ? 26.731  -12.129 -8.126  0.50 41.05  ? 239  PHE B CB  1 
ATOM   634  C  CB  B PHE B 1 11 ? 26.597  -11.912 -8.634  0.50 40.64  ? 239  PHE B CB  1 
ATOM   635  C  CG  A PHE B 1 11 ? 27.777  -12.724 -7.191  0.50 41.41  ? 239  PHE B CG  1 
ATOM   636  C  CG  B PHE B 1 11 ? 26.702  -10.672 -7.778  0.50 40.07  ? 239  PHE B CG  1 
ATOM   637  C  CD1 A PHE B 1 11 ? 27.941  -12.238 -5.909  0.50 41.26  ? 239  PHE B CD1 1 
ATOM   638  C  CD1 B PHE B 1 11 ? 26.477  -10.726 -6.410  0.50 40.31  ? 239  PHE B CD1 1 
ATOM   639  C  CD2 A PHE B 1 11 ? 28.541  -13.820 -7.581  0.50 41.32  ? 239  PHE B CD2 1 
ATOM   640  C  CD2 B PHE B 1 11 ? 27.086  -9.463  -8.340  0.50 40.06  ? 239  PHE B CD2 1 
ATOM   641  C  CE1 A PHE B 1 11 ? 28.864  -12.807 -5.061  0.50 40.51  ? 239  PHE B CE1 1 
ATOM   642  C  CE1 B PHE B 1 11 ? 26.600  -9.594  -5.622  0.50 40.00  ? 239  PHE B CE1 1 
ATOM   643  C  CE2 A PHE B 1 11 ? 29.459  -14.384 -6.739  0.50 39.68  ? 239  PHE B CE2 1 
ATOM   644  C  CE2 B PHE B 1 11 ? 27.231  -8.332  -7.562  0.50 40.00  ? 239  PHE B CE2 1 
ATOM   645  C  CZ  A PHE B 1 11 ? 29.622  -13.879 -5.486  0.50 39.98  ? 239  PHE B CZ  1 
ATOM   646  C  CZ  B PHE B 1 11 ? 26.985  -8.391  -6.199  0.50 40.27  ? 239  PHE B CZ  1 
ATOM   647  N  N   . LEU B 1 12 ? 24.010  -11.650 -9.666  1.00 41.97  ? 240  LEU B N   1 
ATOM   648  C  CA  . LEU B 1 12 ? 22.781  -11.047 -10.140 1.00 41.68  ? 240  LEU B CA  1 
ATOM   649  C  C   . LEU B 1 12 ? 21.543  -11.834 -9.714  1.00 41.66  ? 240  LEU B C   1 
ATOM   650  O  O   . LEU B 1 12 ? 20.523  -11.295 -9.342  1.00 41.16  ? 240  LEU B O   1 
ATOM   651  C  CB  . LEU B 1 12 ? 22.833  -11.006 -11.655 1.00 41.44  ? 240  LEU B CB  1 
ATOM   652  C  CG  . LEU B 1 12 ? 23.799  -10.003 -12.262 1.00 42.22  ? 240  LEU B CG  1 
ATOM   653  C  CD1 . LEU B 1 12 ? 23.731  -10.215 -13.759 1.00 43.54  ? 240  LEU B CD1 1 
ATOM   654  C  CD2 . LEU B 1 12 ? 23.522  -8.516  -11.880 1.00 40.82  ? 240  LEU B CD2 1 
ATOM   655  N  N   . ASN B 1 13 ? 21.635  -13.128 -9.785  1.00 42.31  ? 241  ASN B N   1 
ATOM   656  C  CA  . ASN B 1 13 ? 20.545  -13.908 -9.384  1.00 44.06  ? 241  ASN B CA  1 
ATOM   657  C  C   . ASN B 1 13 ? 20.256  -13.757 -7.880  1.00 45.02  ? 241  ASN B C   1 
ATOM   658  O  O   . ASN B 1 13 ? 19.110  -13.590 -7.489  1.00 45.73  ? 241  ASN B O   1 
ATOM   659  C  CB  . ASN B 1 13 ? 20.866  -15.321 -9.732  1.00 44.57  ? 241  ASN B CB  1 
ATOM   660  C  CG  . ASN B 1 13 ? 19.680  -16.141 -9.763  1.00 48.48  ? 241  ASN B CG  1 
ATOM   661  O  OD1 . ASN B 1 13 ? 19.075  -16.317 -10.818 1.00 52.80  ? 241  ASN B OD1 1 
ATOM   662  N  ND2 . ASN B 1 13 ? 19.261  -16.618 -8.588  1.00 53.04  ? 241  ASN B ND2 1 
ATOM   663  N  N   . ILE B 1 14 ? 21.293  -13.821 -7.044  1.00 45.82  ? 242  ILE B N   1 
ATOM   664  C  CA  . ILE B 1 14 ? 21.206  -13.526 -5.608  1.00 45.93  ? 242  ILE B CA  1 
ATOM   665  C  C   . ILE B 1 14 ? 20.554  -12.167 -5.348  1.00 46.65  ? 242  ILE B C   1 
ATOM   666  O  O   . ILE B 1 14 ? 19.563  -12.080 -4.614  1.00 47.50  ? 242  ILE B O   1 
ATOM   667  C  CB  . ILE B 1 14 ? 22.612  -13.589 -4.952  1.00 46.24  ? 242  ILE B CB  1 
ATOM   668  C  CG1 . ILE B 1 14 ? 23.020  -15.061 -4.731  1.00 46.65  ? 242  ILE B CG1 1 
ATOM   669  C  CG2 . ILE B 1 14 ? 22.682  -12.770 -3.652  1.00 44.12  ? 242  ILE B CG2 1 
ATOM   670  C  CD1 . ILE B 1 14 ? 24.533  -15.286 -4.585  1.00 46.25  ? 242  ILE B CD1 1 
ATOM   671  N  N   . GLN B 1 15 ? 21.097  -11.121 -5.965  1.00 46.67  ? 243  GLN B N   1 
ATOM   672  C  CA  . GLN B 1 15 ? 20.543  -9.794  -5.888  1.00 47.04  ? 243  GLN B CA  1 
ATOM   673  C  C   . GLN B 1 15 ? 19.074  -9.732  -6.284  1.00 46.63  ? 243  GLN B C   1 
ATOM   674  O  O   . GLN B 1 15 ? 18.345  -8.836  -5.878  1.00 47.40  ? 243  GLN B O   1 
ATOM   675  C  CB  . GLN B 1 15 ? 21.314  -8.878  -6.790  1.00 46.97  ? 243  GLN B CB  1 
ATOM   676  C  CG  . GLN B 1 15 ? 21.081  -7.462  -6.415  1.00 53.02  ? 243  GLN B CG  1 
ATOM   677  C  CD  . GLN B 1 15 ? 21.625  -6.462  -7.438  1.00 62.69  ? 243  GLN B CD  1 
ATOM   678  O  OE1 . GLN B 1 15 ? 22.224  -6.850  -8.463  1.00 65.50  ? 243  GLN B OE1 1 
ATOM   679  N  NE2 . GLN B 1 15 ? 21.403  -5.151  -7.170  1.00 65.74  ? 243  GLN B NE2 1 
ATOM   680  N  N   . LYS B 1 16 ? 18.631  -10.678 -7.080  1.00 45.86  ? 244  LYS B N   1 
ATOM   681  C  CA  . LYS B 1 16 ? 17.302  -10.607 -7.606  1.00 45.63  ? 244  LYS B CA  1 
ATOM   682  C  C   . LYS B 1 16 ? 16.370  -11.191 -6.574  1.00 46.24  ? 244  LYS B C   1 
ATOM   683  O  O   . LYS B 1 16 ? 15.312  -10.635 -6.325  1.00 46.39  ? 244  LYS B O   1 
ATOM   684  C  CB  . LYS B 1 16 ? 17.215  -11.381 -8.924  1.00 45.40  ? 244  LYS B CB  1 
ATOM   685  C  CG  . LYS B 1 16 ? 15.886  -11.334 -9.618  1.00 43.71  ? 244  LYS B CG  1 
ATOM   686  C  CD  . LYS B 1 16 ? 16.003  -11.878 -11.006 1.00 43.02  ? 244  LYS B CD  1 
ATOM   687  C  CE  . LYS B 1 16 ? 16.482  -13.290 -10.988 1.00 44.73  ? 244  LYS B CE  1 
ATOM   688  N  NZ  . LYS B 1 16 ? 16.338  -13.869 -12.338 1.00 44.55  ? 244  LYS B NZ  1 
ATOM   689  N  N   . ASN B 1 17 ? 16.762  -12.321 -5.986  1.00 46.70  ? 245  ASN B N   1 
ATOM   690  C  CA  . ASN B 1 17 ? 15.974  -12.968 -4.950  1.00 47.09  ? 245  ASN B CA  1 
ATOM   691  C  C   . ASN B 1 17 ? 15.818  -12.028 -3.770  1.00 46.46  ? 245  ASN B C   1 
ATOM   692  O  O   . ASN B 1 17 ? 14.776  -11.950 -3.131  1.00 46.41  ? 245  ASN B O   1 
ATOM   693  C  CB  . ASN B 1 17 ? 16.623  -14.277 -4.532  1.00 47.68  ? 245  ASN B CB  1 
ATOM   694  C  CG  . ASN B 1 17 ? 16.613  -15.313 -5.654  1.00 51.54  ? 245  ASN B CG  1 
ATOM   695  O  OD1 . ASN B 1 17 ? 16.642  -14.962 -6.834  1.00 56.93  ? 245  ASN B OD1 1 
ATOM   696  N  ND2 . ASN B 1 17 ? 16.567  -16.595 -5.296  1.00 54.96  ? 245  ASN B ND2 1 
ATOM   697  N  N   . SER B 1 18 ? 16.874  -11.283 -3.517  1.00 45.99  ? 246  SER B N   1 
ATOM   698  C  CA  . SER B 1 18 ? 16.850  -10.258 -2.514  1.00 45.32  ? 246  SER B CA  1 
ATOM   699  C  C   . SER B 1 18 ? 15.870  -9.150  -2.891  1.00 44.80  ? 246  SER B C   1 
ATOM   700  O  O   . SER B 1 18 ? 15.039  -8.769  -2.089  1.00 45.85  ? 246  SER B O   1 
ATOM   701  C  CB  . SER B 1 18 ? 18.250  -9.710  -2.325  1.00 44.78  ? 246  SER B CB  1 
ATOM   702  O  OG  . SER B 1 18 ? 18.169  -8.335  -2.086  1.00 46.01  ? 246  SER B OG  1 
ATOM   703  N  N   . THR B 1 19 ? 15.955  -8.629  -4.100  1.00 44.25  ? 247  THR B N   1 
ATOM   704  C  CA  . THR B 1 19 ? 15.015  -7.598  -4.526  1.00 43.57  ? 247  THR B CA  1 
ATOM   705  C  C   . THR B 1 19 ? 13.572  -8.103  -4.407  1.00 43.28  ? 247  THR B C   1 
ATOM   706  O  O   . THR B 1 19 ? 12.762  -7.427  -3.851  1.00 42.71  ? 247  THR B O   1 
ATOM   707  C  CB  . THR B 1 19 ? 15.402  -7.021  -5.917  1.00 43.39  ? 247  THR B CB  1 
ATOM   708  O  OG1 . THR B 1 19 ? 16.617  -6.270  -5.762  1.00 44.39  ? 247  THR B OG1 1 
ATOM   709  C  CG2 . THR B 1 19 ? 14.369  -6.079  -6.454  1.00 42.20  ? 247  THR B CG2 1 
HETATM 710  N  N   . MSE B 1 20 ? 13.290  -9.316  -4.870  1.00 44.04  ? 248  MSE B N   1 
HETATM 711  C  CA  . MSE B 1 20 ? 11.982  -9.951  -4.750  1.00 44.74  ? 248  MSE B CA  1 
HETATM 712  C  C   . MSE B 1 20 ? 11.468  -9.957  -3.318  1.00 45.48  ? 248  MSE B C   1 
HETATM 713  O  O   . MSE B 1 20 ? 10.280  -9.756  -3.060  1.00 45.49  ? 248  MSE B O   1 
HETATM 714  C  CB  . MSE B 1 20 ? 12.033  -11.399 -5.231  1.00 44.37  ? 248  MSE B CB  1 
HETATM 715  C  CG  . MSE B 1 20 ? 11.838  -11.569 -6.703  1.00 48.09  ? 248  MSE B CG  1 
HETATM 716  SE SE  . MSE B 1 20 ? 10.545  -10.273 -7.433  1.00 56.13  ? 248  MSE B SE  1 
HETATM 717  C  CE  . MSE B 1 20 ? 8.888   -11.119 -6.753  1.00 53.26  ? 248  MSE B CE  1 
ATOM   718  N  N   . SER B 1 21 ? 12.366  -10.209 -2.384  1.00 46.24  ? 249  SER B N   1 
ATOM   719  C  CA  . SER B 1 21 ? 11.958  -10.395 -1.035  1.00 47.04  ? 249  SER B CA  1 
ATOM   720  C  C   . SER B 1 21 ? 11.610  -9.058  -0.430  1.00 47.29  ? 249  SER B C   1 
ATOM   721  O  O   . SER B 1 21 ? 10.747  -8.961  0.430   1.00 47.89  ? 249  SER B O   1 
ATOM   722  C  CB  . SER B 1 21 ? 13.061  -11.032 -0.244  1.00 47.08  ? 249  SER B CB  1 
ATOM   723  O  OG  . SER B 1 21 ? 12.825  -10.727 1.112   1.00 50.08  ? 249  SER B OG  1 
ATOM   724  N  N   . GLU B 1 22 ? 12.292  -8.021  -0.874  1.00 47.21  ? 250  GLU B N   1 
ATOM   725  C  CA  . GLU B 1 22 ? 11.971  -6.690  -0.450  1.00 47.02  ? 250  GLU B CA  1 
ATOM   726  C  C   . GLU B 1 22 ? 10.630  -6.270  -1.028  1.00 47.08  ? 250  GLU B C   1 
ATOM   727  O  O   . GLU B 1 22 ? 9.855   -5.632  -0.357  1.00 47.65  ? 250  GLU B O   1 
ATOM   728  C  CB  . GLU B 1 22 ? 13.058  -5.781  -0.928  1.00 46.87  ? 250  GLU B CB  1 
ATOM   729  C  CG  . GLU B 1 22 ? 12.899  -4.381  -0.545  1.00 49.23  ? 250  GLU B CG  1 
ATOM   730  C  CD  . GLU B 1 22 ? 14.140  -3.610  -0.902  1.00 54.59  ? 250  GLU B CD  1 
ATOM   731  O  OE1 . GLU B 1 22 ? 15.148  -4.254  -1.299  1.00 55.69  ? 250  GLU B OE1 1 
ATOM   732  O  OE2 . GLU B 1 22 ? 14.117  -2.355  -0.787  1.00 58.77  ? 250  GLU B OE2 1 
ATOM   733  N  N   . ILE B 1 23 ? 10.359  -6.625  -2.279  1.00 47.22  ? 251  ILE B N   1 
ATOM   734  C  CA  . ILE B 1 23 ? 9.056   -6.375  -2.881  1.00 47.38  ? 251  ILE B CA  1 
ATOM   735  C  C   . ILE B 1 23 ? 7.965   -7.051  -2.040  1.00 48.67  ? 251  ILE B C   1 
ATOM   736  O  O   . ILE B 1 23 ? 6.906   -6.473  -1.794  1.00 49.00  ? 251  ILE B O   1 
ATOM   737  C  CB  . ILE B 1 23 ? 9.005   -6.827  -4.364  1.00 46.80  ? 251  ILE B CB  1 
ATOM   738  C  CG1 . ILE B 1 23 ? 9.546   -5.711  -5.261  1.00 45.76  ? 251  ILE B CG1 1 
ATOM   739  C  CG2 . ILE B 1 23 ? 7.596   -7.187  -4.791  1.00 45.58  ? 251  ILE B CG2 1 
ATOM   740  C  CD1 . ILE B 1 23 ? 10.268  -6.208  -6.481  1.00 43.77  ? 251  ILE B CD1 1 
ATOM   741  N  N   . ARG B 1 24 ? 8.239   -8.260  -1.565  1.00 49.62  ? 252  ARG B N   1 
ATOM   742  C  CA  . ARG B 1 24 ? 7.246   -8.988  -0.817  1.00 50.27  ? 252  ARG B CA  1 
ATOM   743  C  C   . ARG B 1 24 ? 7.007   -8.370  0.546   1.00 50.38  ? 252  ARG B C   1 
ATOM   744  O  O   . ARG B 1 24 ? 5.882   -8.368  1.025   1.00 50.73  ? 252  ARG B O   1 
ATOM   745  C  CB  . ARG B 1 24 ? 7.591   -10.460 -0.756  1.00 49.92  ? 252  ARG B CB  1 
ATOM   746  C  CG  . ARG B 1 24 ? 7.247   -11.106 -2.047  1.00 52.64  ? 252  ARG B CG  1 
ATOM   747  C  CD  . ARG B 1 24 ? 7.472   -12.593 -2.017  1.00 61.34  ? 252  ARG B CD  1 
ATOM   748  N  NE  . ARG B 1 24 ? 8.048   -13.042 -3.291  1.00 68.41  ? 252  ARG B NE  1 
ATOM   749  C  CZ  . ARG B 1 24 ? 9.330   -13.385 -3.480  1.00 71.44  ? 252  ARG B CZ  1 
ATOM   750  N  NH1 . ARG B 1 24 ? 10.210  -13.367 -2.465  1.00 72.62  ? 252  ARG B NH1 1 
ATOM   751  N  NH2 . ARG B 1 24 ? 9.733   -13.761 -4.697  1.00 72.80  ? 252  ARG B NH2 1 
ATOM   752  N  N   . ASP B 1 25 ? 8.050   -7.797  1.132   1.00 50.44  ? 253  ASP B N   1 
ATOM   753  C  CA  . ASP B 1 25 ? 7.918   -7.054  2.375   1.00 50.73  ? 253  ASP B CA  1 
ATOM   754  C  C   . ASP B 1 25 ? 6.983   -5.913  2.133   1.00 51.19  ? 253  ASP B C   1 
ATOM   755  O  O   . ASP B 1 25 ? 6.152   -5.619  2.983   1.00 52.31  ? 253  ASP B O   1 
ATOM   756  C  CB  . ASP B 1 25 ? 9.255   -6.472  2.859   1.00 50.42  ? 253  ASP B CB  1 
ATOM   757  C  CG  . ASP B 1 25 ? 10.180  -7.521  3.495   1.00 49.90  ? 253  ASP B CG  1 
ATOM   758  O  OD1 . ASP B 1 25 ? 9.768   -8.679  3.761   1.00 48.64  ? 253  ASP B OD1 1 
ATOM   759  O  OD2 . ASP B 1 25 ? 11.344  -7.166  3.734   1.00 49.94  ? 253  ASP B OD2 1 
ATOM   760  N  N   . ILE B 1 26 ? 7.113   -5.273  0.973   1.00 51.57  ? 254  ILE B N   1 
ATOM   761  C  CA  . ILE B 1 26 ? 6.288   -4.105  0.647   1.00 51.84  ? 254  ILE B CA  1 
ATOM   762  C  C   . ILE B 1 26 ? 4.823   -4.492  0.498   1.00 51.81  ? 254  ILE B C   1 
ATOM   763  O  O   . ILE B 1 26 ? 3.949   -3.820  0.999   1.00 51.67  ? 254  ILE B O   1 
ATOM   764  C  CB  . ILE B 1 26 ? 6.804   -3.334  -0.576  1.00 51.40  ? 254  ILE B CB  1 
ATOM   765  C  CG1 . ILE B 1 26 ? 8.152   -2.699  -0.237  1.00 52.51  ? 254  ILE B CG1 1 
ATOM   766  C  CG2 . ILE B 1 26 ? 5.837   -2.236  -0.955  1.00 51.37  ? 254  ILE B CG2 1 
ATOM   767  C  CD1 . ILE B 1 26 ? 8.546   -1.504  -1.123  1.00 54.68  ? 254  ILE B CD1 1 
ATOM   768  N  N   . GLU B 1 27 ? 4.569   -5.609  -0.147  1.00 52.50  ? 255  GLU B N   1 
ATOM   769  C  CA  . GLU B 1 27 ? 3.217   -6.059  -0.340  1.00 53.60  ? 255  GLU B CA  1 
ATOM   770  C  C   . GLU B 1 27 ? 2.536   -6.337  0.987   1.00 54.40  ? 255  GLU B C   1 
ATOM   771  O  O   . GLU B 1 27 ? 1.328   -6.203  1.102   1.00 54.76  ? 255  GLU B O   1 
ATOM   772  C  CB  . GLU B 1 27 ? 3.212   -7.300  -1.212  1.00 53.42  ? 255  GLU B CB  1 
ATOM   773  C  CG  . GLU B 1 27 ? 3.466   -6.979  -2.653  1.00 54.65  ? 255  GLU B CG  1 
ATOM   774  C  CD  . GLU B 1 27 ? 3.724   -8.209  -3.491  1.00 57.60  ? 255  GLU B CD  1 
ATOM   775  O  OE1 . GLU B 1 27 ? 4.080   -9.265  -2.910  1.00 58.16  ? 255  GLU B OE1 1 
ATOM   776  O  OE2 . GLU B 1 27 ? 3.576   -8.113  -4.737  1.00 58.58  ? 255  GLU B OE2 1 
ATOM   777  N  N   . VAL B 1 28 ? 3.318   -6.715  1.985   1.00 55.37  ? 256  VAL B N   1 
ATOM   778  C  CA  . VAL B 1 28 ? 2.791   -6.954  3.314   1.00 56.22  ? 256  VAL B CA  1 
ATOM   779  C  C   . VAL B 1 28 ? 2.416   -5.644  4.003   1.00 56.45  ? 256  VAL B C   1 
ATOM   780  O  O   . VAL B 1 28 ? 1.244   -5.453  4.282   1.00 56.69  ? 256  VAL B O   1 
ATOM   781  C  CB  . VAL B 1 28 ? 3.710   -7.899  4.147   1.00 56.64  ? 256  VAL B CB  1 
ATOM   782  C  CG1 . VAL B 1 28 ? 3.867   -7.408  5.587   1.00 57.86  ? 256  VAL B CG1 1 
ATOM   783  C  CG2 . VAL B 1 28 ? 3.188   -9.363  4.090   1.00 55.71  ? 256  VAL B CG2 1 
ATOM   784  N  N   . GLU B 1 29 ? 3.360   -4.727  4.231   1.00 56.71  ? 257  GLU B N   1 
ATOM   785  C  CA  . GLU B 1 29 ? 2.992   -3.370  4.689   1.00 57.67  ? 257  GLU B CA  1 
ATOM   786  C  C   . GLU B 1 29 ? 1.720   -2.837  4.029   1.00 57.50  ? 257  GLU B C   1 
ATOM   787  O  O   . GLU B 1 29 ? 0.858   -2.308  4.707   1.00 58.04  ? 257  GLU B O   1 
ATOM   788  C  CB  . GLU B 1 29 ? 4.071   -2.350  4.385   1.00 57.86  ? 257  GLU B CB  1 
ATOM   789  C  CG  . GLU B 1 29 ? 5.354   -2.473  5.146   1.00 61.91  ? 257  GLU B CG  1 
ATOM   790  C  CD  . GLU B 1 29 ? 6.101   -1.137  5.167   1.00 67.01  ? 257  GLU B CD  1 
ATOM   791  O  OE1 . GLU B 1 29 ? 5.405   -0.104  5.227   1.00 68.72  ? 257  GLU B OE1 1 
ATOM   792  O  OE2 . GLU B 1 29 ? 7.364   -1.099  5.116   1.00 70.18  ? 257  GLU B OE2 1 
ATOM   793  N  N   . VAL B 1 30 ? 1.615   -2.956  2.706   1.00 57.35  ? 258  VAL B N   1 
ATOM   794  C  CA  . VAL B 1 30 ? 0.480   -2.401  1.983   1.00 57.42  ? 258  VAL B CA  1 
ATOM   795  C  C   . VAL B 1 30 ? -0.806  -3.069  2.446   1.00 58.29  ? 258  VAL B C   1 
ATOM   796  O  O   . VAL B 1 30 ? -1.780  -2.396  2.753   1.00 59.05  ? 258  VAL B O   1 
ATOM   797  C  CB  . VAL B 1 30 ? 0.646   -2.489  0.448   1.00 56.85  ? 258  VAL B CB  1 
ATOM   798  C  CG1 . VAL B 1 30 ? -0.654  -2.215  -0.269  1.00 55.35  ? 258  VAL B CG1 1 
ATOM   799  C  CG2 . VAL B 1 30 ? 1.663   -1.481  -0.016  1.00 57.67  ? 258  VAL B CG2 1 
ATOM   800  N  N   . GLU B 1 31 ? -0.792  -4.389  2.519   1.00 58.97  ? 259  GLU B N   1 
ATOM   801  C  CA  . GLU B 1 31 ? -1.939  -5.161  2.944   1.00 59.55  ? 259  GLU B CA  1 
ATOM   802  C  C   . GLU B 1 31 ? -2.351  -4.796  4.369   1.00 59.96  ? 259  GLU B C   1 
ATOM   803  O  O   . GLU B 1 31 ? -3.547  -4.656  4.673   1.00 59.65  ? 259  GLU B O   1 
ATOM   804  C  CB  . GLU B 1 31 ? -1.605  -6.647  2.864   1.00 59.74  ? 259  GLU B CB  1 
ATOM   805  C  CG  . GLU B 1 31 ? -2.653  -7.546  3.449   1.00 61.72  ? 259  GLU B CG  1 
ATOM   806  C  CD  . GLU B 1 31 ? -4.031  -7.287  2.866   1.00 66.01  ? 259  GLU B CD  1 
ATOM   807  O  OE1 . GLU B 1 31 ? -4.159  -6.547  1.852   1.00 67.14  ? 259  GLU B OE1 1 
ATOM   808  O  OE2 . GLU B 1 31 ? -5.000  -7.833  3.437   1.00 69.16  ? 259  GLU B OE2 1 
ATOM   809  N  N   . ASN B 1 32 ? -1.361  -4.643  5.240   1.00 60.07  ? 260  ASN B N   1 
ATOM   810  C  CA  A ASN B 1 32 ? -1.668  -4.317  6.614   0.50 60.73  ? 260  ASN B CA  1 
ATOM   811  C  CA  B ASN B 1 32 ? -1.617  -4.292  6.620   0.50 60.49  ? 260  ASN B CA  1 
ATOM   812  C  C   . ASN B 1 32 ? -2.129  -2.860  6.741   1.00 61.14  ? 260  ASN B C   1 
ATOM   813  O  O   . ASN B 1 32 ? -2.901  -2.524  7.639   1.00 61.52  ? 260  ASN B O   1 
ATOM   814  C  CB  A ASN B 1 32 ? -0.539  -4.739  7.582   0.50 60.60  ? 260  ASN B CB  1 
ATOM   815  C  CB  B ASN B 1 32 ? -0.362  -4.495  7.461   0.50 60.17  ? 260  ASN B CB  1 
ATOM   816  C  CG  A ASN B 1 32 ? 0.325   -3.580  8.056   0.50 60.88  ? 260  ASN B CG  1 
ATOM   817  C  CG  B ASN B 1 32 ? 0.058   -5.937  7.521   0.50 59.35  ? 260  ASN B CG  1 
ATOM   818  O  OD1 A ASN B 1 32 ? -0.173  -2.576  8.581   0.50 59.73  ? 260  ASN B OD1 1 
ATOM   819  O  OD1 B ASN B 1 32 ? -0.618  -6.812  6.982   0.50 58.22  ? 260  ASN B OD1 1 
ATOM   820  N  ND2 A ASN B 1 32 ? 1.643   -3.737  7.911   0.50 61.57  ? 260  ASN B ND2 1 
ATOM   821  N  ND2 B ASN B 1 32 ? 1.177   -6.200  8.176   0.50 58.64  ? 260  ASN B ND2 1 
ATOM   822  N  N   . LEU B 1 33 ? -1.695  -2.001  5.831   1.00 61.57  ? 261  LEU B N   1 
ATOM   823  C  CA  . LEU B 1 33 ? -2.196  -0.647  5.852   1.00 61.62  ? 261  LEU B CA  1 
ATOM   824  C  C   . LEU B 1 33 ? -3.576  -0.659  5.289   1.00 61.75  ? 261  LEU B C   1 
ATOM   825  O  O   . LEU B 1 33 ? -4.414  0.107   5.723   1.00 61.97  ? 261  LEU B O   1 
ATOM   826  C  CB  . LEU B 1 33 ? -1.329  0.293   5.037   1.00 61.46  ? 261  LEU B CB  1 
ATOM   827  C  CG  . LEU B 1 33 ? -0.083  0.846   5.710   1.00 62.20  ? 261  LEU B CG  1 
ATOM   828  C  CD1 . LEU B 1 33 ? 0.177   2.168   5.063   1.00 62.93  ? 261  LEU B CD1 1 
ATOM   829  C  CD2 . LEU B 1 33 ? -0.232  1.027   7.223   1.00 62.41  ? 261  LEU B CD2 1 
ATOM   830  N  N   . ARG B 1 34 ? -3.822  -1.537  4.330   1.00 62.08  ? 262  ARG B N   1 
ATOM   831  C  CA  . ARG B 1 34 ? -5.091  -1.511  3.626   1.00 63.44  ? 262  ARG B CA  1 
ATOM   832  C  C   . ARG B 1 34 ? -6.213  -1.925  4.558   1.00 63.19  ? 262  ARG B C   1 
ATOM   833  O  O   . ARG B 1 34 ? -7.391  -1.565  4.351   1.00 62.67  ? 262  ARG B O   1 
ATOM   834  C  CB  . ARG B 1 34 ? -5.082  -2.430  2.407   1.00 63.98  ? 262  ARG B CB  1 
ATOM   835  C  CG  . ARG B 1 34 ? -6.049  -1.993  1.292   1.00 68.51  ? 262  ARG B CG  1 
ATOM   836  C  CD  . ARG B 1 34 ? -5.383  -0.911  0.399   1.00 76.37  ? 262  ARG B CD  1 
ATOM   837  N  NE  . ARG B 1 34 ? -4.976  -1.355  -0.948  1.00 81.15  ? 262  ARG B NE  1 
ATOM   838  C  CZ  . ARG B 1 34 ? -4.278  -2.461  -1.249  1.00 84.04  ? 262  ARG B CZ  1 
ATOM   839  N  NH1 . ARG B 1 34 ? -3.886  -3.329  -0.314  1.00 85.26  ? 262  ARG B NH1 1 
ATOM   840  N  NH2 . ARG B 1 34 ? -3.981  -2.716  -2.522  1.00 85.63  ? 262  ARG B NH2 1 
ATOM   841  N  N   . GLN B 1 35 ? -5.839  -2.700  5.576   1.00 63.10  ? 263  GLN B N   1 
ATOM   842  C  CA  . GLN B 1 35 ? -6.819  -3.191  6.507   1.00 62.85  ? 263  GLN B CA  1 
ATOM   843  C  C   . GLN B 1 35 ? -7.069  -2.093  7.513   1.00 62.04  ? 263  GLN B C   1 
ATOM   844  O  O   . GLN B 1 35 ? -8.221  -1.715  7.723   1.00 62.83  ? 263  GLN B O   1 
ATOM   845  C  CB  . GLN B 1 35 ? -6.431  -4.538  7.120   1.00 62.91  ? 263  GLN B CB  1 
ATOM   846  C  CG  . GLN B 1 35 ? -5.239  -4.506  8.057   1.00 66.08  ? 263  GLN B CG  1 
ATOM   847  C  CD  . GLN B 1 35 ? -4.522  -5.864  8.174   1.00 70.93  ? 263  GLN B CD  1 
ATOM   848  O  OE1 . GLN B 1 35 ? -4.785  -6.796  7.395   1.00 73.37  ? 263  GLN B OE1 1 
ATOM   849  N  NE2 . GLN B 1 35 ? -3.596  -5.970  9.140   1.00 71.30  ? 263  GLN B NE2 1 
ATOM   850  N  N   . LYS B 1 36 ? -6.018  -1.517  8.080   1.00 60.48  ? 264  LYS B N   1 
ATOM   851  C  CA  . LYS B 1 36 ? -6.210  -0.376  8.947   1.00 59.67  ? 264  LYS B CA  1 
ATOM   852  C  C   . LYS B 1 36 ? -7.193  0.616   8.332   1.00 58.53  ? 264  LYS B C   1 
ATOM   853  O  O   . LYS B 1 36 ? -8.069  1.128   9.022   1.00 58.78  ? 264  LYS B O   1 
ATOM   854  C  CB  . LYS B 1 36 ? -4.889  0.294   9.265   1.00 60.03  ? 264  LYS B CB  1 
ATOM   855  C  CG  . LYS B 1 36 ? -4.231  -0.340  10.458  1.00 63.39  ? 264  LYS B CG  1 
ATOM   856  C  CD  . LYS B 1 36 ? -2.702  -0.269  10.409  1.00 67.72  ? 264  LYS B CD  1 
ATOM   857  C  CE  . LYS B 1 36 ? -2.100  -1.003  11.615  1.00 69.70  ? 264  LYS B CE  1 
ATOM   858  N  NZ  . LYS B 1 36 ? -0.912  -1.821  11.227  1.00 72.65  ? 264  LYS B NZ  1 
ATOM   859  N  N   . LYS B 1 37 ? -7.077  0.856   7.032   1.00 56.98  ? 265  LYS B N   1 
ATOM   860  C  CA  . LYS B 1 37 ? -7.962  1.799   6.337   1.00 55.50  ? 265  LYS B CA  1 
ATOM   861  C  C   . LYS B 1 37 ? -9.401  1.285   6.333   1.00 55.25  ? 265  LYS B C   1 
ATOM   862  O  O   . LYS B 1 37 ? -10.367 2.057   6.406   1.00 54.76  ? 265  LYS B O   1 
ATOM   863  C  CB  . LYS B 1 37 ? -7.475  2.012   4.908   1.00 54.77  ? 265  LYS B CB  1 
ATOM   864  C  CG  . LYS B 1 37 ? -8.167  3.082   4.118   1.00 53.14  ? 265  LYS B CG  1 
ATOM   865  C  CD  . LYS B 1 37 ? -8.657  2.464   2.820   1.00 53.07  ? 265  LYS B CD  1 
ATOM   866  C  CE  . LYS B 1 37 ? -9.105  3.487   1.795   1.00 52.88  ? 265  LYS B CE  1 
ATOM   867  N  NZ  . LYS B 1 37 ? -8.019  3.864   0.854   1.00 52.47  ? 265  LYS B NZ  1 
ATOM   868  N  N   . GLU B 1 38 ? -9.537  -0.029  6.258   1.00 55.02  ? 266  GLU B N   1 
ATOM   869  C  CA  . GLU B 1 38 ? -10.846 -0.625  6.183   1.00 55.05  ? 266  GLU B CA  1 
ATOM   870  C  C   . GLU B 1 38 ? -11.528 -0.496  7.542   1.00 54.49  ? 266  GLU B C   1 
ATOM   871  O  O   . GLU B 1 38 ? -12.710 -0.174  7.596   1.00 54.48  ? 266  GLU B O   1 
ATOM   872  C  CB  . GLU B 1 38 ? -10.765 -2.073  5.683   1.00 54.89  ? 266  GLU B CB  1 
ATOM   873  C  CG  . GLU B 1 38 ? -11.950 -2.466  4.784   1.00 57.72  ? 266  GLU B CG  1 
ATOM   874  C  CD  . GLU B 1 38 ? -12.148 -1.572  3.508   1.00 61.45  ? 266  GLU B CD  1 
ATOM   875  O  OE1 . GLU B 1 38 ? -11.163 -1.204  2.808   1.00 61.58  ? 266  GLU B OE1 1 
ATOM   876  O  OE2 . GLU B 1 38 ? -13.326 -1.268  3.177   1.00 63.98  ? 266  GLU B OE2 1 
ATOM   877  N  N   . LYS B 1 39 ? -10.769 -0.704  8.620   1.00 53.80  ? 267  LYS B N   1 
ATOM   878  C  CA  . LYS B 1 39 ? -11.274 -0.548  9.975   1.00 53.71  ? 267  LYS B CA  1 
ATOM   879  C  C   . LYS B 1 39 ? -11.739 0.868   10.192  1.00 53.64  ? 267  LYS B C   1 
ATOM   880  O  O   . LYS B 1 39 ? -12.872 1.112   10.641  1.00 54.63  ? 267  LYS B O   1 
ATOM   881  C  CB  . LYS B 1 39 ? -10.201 -0.862  11.005  1.00 53.58  ? 267  LYS B CB  1 
ATOM   882  C  CG  . LYS B 1 39 ? -10.333 -2.233  11.564  1.00 55.15  ? 267  LYS B CG  1 
ATOM   883  C  CD  . LYS B 1 39 ? -10.164 -2.202  13.061  1.00 58.28  ? 267  LYS B CD  1 
ATOM   884  C  CE  . LYS B 1 39 ? -11.269 -3.038  13.735  1.00 60.32  ? 267  LYS B CE  1 
ATOM   885  N  NZ  . LYS B 1 39 ? -11.217 -2.984  15.242  1.00 60.69  ? 267  LYS B NZ  1 
ATOM   886  N  N   . LEU B 1 40 ? -10.857 1.804   9.869   1.00 52.61  ? 268  LEU B N   1 
ATOM   887  C  CA  . LEU B 1 40 ? -11.179 3.207   9.914   1.00 51.53  ? 268  LEU B CA  1 
ATOM   888  C  C   . LEU B 1 40 ? -12.447 3.562   9.137   1.00 51.08  ? 268  LEU B C   1 
ATOM   889  O  O   . LEU B 1 40 ? -13.165 4.468   9.556   1.00 51.94  ? 268  LEU B O   1 
ATOM   890  C  CB  . LEU B 1 40 ? -10.000 4.036   9.417   1.00 51.39  ? 268  LEU B CB  1 
ATOM   891  C  CG  . LEU B 1 40 ? -8.800  4.031   10.355  1.00 51.37  ? 268  LEU B CG  1 
ATOM   892  C  CD1 . LEU B 1 40 ? -7.705  4.889   9.803   1.00 52.73  ? 268  LEU B CD1 1 
ATOM   893  C  CD2 . LEU B 1 40 ? -9.192  4.531   11.720  1.00 51.62  ? 268  LEU B CD2 1 
ATOM   894  N  N   . LEU B 1 41 ? -12.735 2.879   8.027   1.00 49.78  ? 269  LEU B N   1 
ATOM   895  C  CA  . LEU B 1 41 ? -13.957 3.168   7.269   1.00 48.79  ? 269  LEU B CA  1 
ATOM   896  C  C   . LEU B 1 41 ? -15.172 2.590   7.992   1.00 48.85  ? 269  LEU B C   1 
ATOM   897  O  O   . LEU B 1 41 ? -16.296 3.051   7.813   1.00 48.26  ? 269  LEU B O   1 
ATOM   898  C  CB  . LEU B 1 41 ? -13.880 2.621   5.844   1.00 48.35  ? 269  LEU B CB  1 
ATOM   899  C  CG  . LEU B 1 41 ? -12.924 3.322   4.892   1.00 46.92  ? 269  LEU B CG  1 
ATOM   900  C  CD1 . LEU B 1 41 ? -12.655 2.483   3.663   1.00 45.33  ? 269  LEU B CD1 1 
ATOM   901  C  CD2 . LEU B 1 41 ? -13.518 4.618   4.508   1.00 45.36  ? 269  LEU B CD2 1 
ATOM   902  N  N   . GLY B 1 42 ? -14.926 1.575   8.811   1.00 48.91  ? 270  GLY B N   1 
ATOM   903  C  CA  . GLY B 1 42 ? -15.951 1.000   9.650   1.00 49.29  ? 270  GLY B CA  1 
ATOM   904  C  C   . GLY B 1 42 ? -16.363 2.011   10.699  1.00 49.76  ? 270  GLY B C   1 
ATOM   905  O  O   . GLY B 1 42 ? -17.554 2.252   10.886  1.00 50.02  ? 270  GLY B O   1 
ATOM   906  N  N   . LYS B 1 43 ? -15.380 2.596   11.388  1.00 49.84  ? 271  LYS B N   1 
ATOM   907  C  CA  . LYS B 1 43 ? -15.629 3.713   12.290  1.00 49.69  ? 271  LYS B CA  1 
ATOM   908  C  C   . LYS B 1 43 ? -16.541 4.743   11.660  1.00 48.89  ? 271  LYS B C   1 
ATOM   909  O  O   . LYS B 1 43 ? -17.593 4.999   12.183  1.00 48.82  ? 271  LYS B O   1 
ATOM   910  C  CB  . LYS B 1 43 ? -14.338 4.397   12.639  1.00 50.34  ? 271  LYS B CB  1 
ATOM   911  C  CG  . LYS B 1 43 ? -13.913 4.265   14.069  1.00 53.43  ? 271  LYS B CG  1 
ATOM   912  C  CD  . LYS B 1 43 ? -13.095 5.517   14.457  1.00 57.07  ? 271  LYS B CD  1 
ATOM   913  C  CE  . LYS B 1 43 ? -12.055 5.187   15.515  1.00 59.98  ? 271  LYS B CE  1 
ATOM   914  N  NZ  . LYS B 1 43 ? -11.819 6.364   16.404  1.00 62.36  ? 271  LYS B NZ  1 
ATOM   915  N  N   . ILE B 1 44 ? -16.138 5.328   10.537  1.00 48.52  ? 272  ILE B N   1 
ATOM   916  C  CA  . ILE B 1 44 ? -16.965 6.323   9.847   1.00 48.50  ? 272  ILE B CA  1 
ATOM   917  C  C   . ILE B 1 44 ? -18.396 5.807   9.678   1.00 48.90  ? 272  ILE B C   1 
ATOM   918  O  O   . ILE B 1 44 ? -19.370 6.491   9.988   1.00 49.30  ? 272  ILE B O   1 
ATOM   919  C  CB  . ILE B 1 44 ? -16.426 6.690   8.441   1.00 48.11  ? 272  ILE B CB  1 
ATOM   920  C  CG1 . ILE B 1 44 ? -14.935 7.000   8.464   1.00 48.33  ? 272  ILE B CG1 1 
ATOM   921  C  CG2 . ILE B 1 44 ? -17.192 7.860   7.852   1.00 47.79  ? 272  ILE B CG2 1 
ATOM   922  C  CD1 . ILE B 1 44 ? -14.608 8.441   8.554   1.00 49.33  ? 272  ILE B CD1 1 
ATOM   923  N  N   . ALA B 1 45 ? -18.517 4.588   9.185   1.00 49.33  ? 273  ALA B N   1 
ATOM   924  C  CA  . ALA B 1 45 ? -19.810 3.982   8.941   1.00 49.36  ? 273  ALA B CA  1 
ATOM   925  C  C   . ALA B 1 45 ? -20.670 4.080   10.188  1.00 49.57  ? 273  ALA B C   1 
ATOM   926  O  O   . ALA B 1 45 ? -21.800 4.547   10.129  1.00 49.94  ? 273  ALA B O   1 
ATOM   927  C  CB  . ALA B 1 45 ? -19.629 2.528   8.524   1.00 48.95  ? 273  ALA B CB  1 
ATOM   928  N  N   . ASN B 1 46 ? -20.115 3.640   11.304  1.00 49.76  ? 274  ASN B N   1 
ATOM   929  C  CA  . ASN B 1 46 ? -20.784 3.657   12.579  1.00 50.87  ? 274  ASN B CA  1 
ATOM   930  C  C   . ASN B 1 46 ? -21.073 5.050   13.085  1.00 51.26  ? 274  ASN B C   1 
ATOM   931  O  O   . ASN B 1 46 ? -22.146 5.299   13.619  1.00 51.56  ? 274  ASN B O   1 
ATOM   932  C  CB  . ASN B 1 46 ? -19.944 2.910   13.595  1.00 51.10  ? 274  ASN B CB  1 
ATOM   933  C  CG  . ASN B 1 46 ? -19.747 1.466   13.210  1.00 53.52  ? 274  ASN B CG  1 
ATOM   934  O  OD1 . ASN B 1 46 ? -20.475 0.927   12.356  1.00 55.90  ? 274  ASN B OD1 1 
ATOM   935  N  ND2 . ASN B 1 46 ? -18.757 0.824   13.817  1.00 54.36  ? 274  ASN B ND2 1 
ATOM   936  N  N   . ILE B 1 47 ? -20.115 5.958   12.929  1.00 51.63  ? 275  ILE B N   1 
ATOM   937  C  CA  . ILE B 1 47 ? -20.318 7.348   13.313  1.00 51.50  ? 275  ILE B CA  1 
ATOM   938  C  C   . ILE B 1 47 ? -21.519 7.867   12.561  1.00 51.72  ? 275  ILE B C   1 
ATOM   939  O  O   . ILE B 1 47 ? -22.443 8.377   13.172  1.00 52.26  ? 275  ILE B O   1 
ATOM   940  C  CB  . ILE B 1 47 ? -19.075 8.239   13.057  1.00 51.10  ? 275  ILE B CB  1 
ATOM   941  C  CG1 . ILE B 1 47 ? -17.995 7.955   14.113  1.00 51.37  ? 275  ILE B CG1 1 
ATOM   942  C  CG2 . ILE B 1 47 ? -19.474 9.715   13.041  1.00 50.42  ? 275  ILE B CG2 1 
ATOM   943  C  CD1 . ILE B 1 47 ? -16.670 8.682   13.883  1.00 51.10  ? 275  ILE B CD1 1 
ATOM   944  N  N   . GLU B 1 48 ? -21.521 7.703   11.246  1.00 52.02  ? 276  GLU B N   1 
ATOM   945  C  CA  . GLU B 1 48 ? -22.621 8.168   10.427  1.00 52.78  ? 276  GLU B CA  1 
ATOM   946  C  C   . GLU B 1 48 ? -23.938 7.545   10.867  1.00 53.65  ? 276  GLU B C   1 
ATOM   947  O  O   . GLU B 1 48 ? -24.956 8.207   10.894  1.00 53.70  ? 276  GLU B O   1 
ATOM   948  C  CB  . GLU B 1 48 ? -22.354 7.843   8.973   1.00 52.30  ? 276  GLU B CB  1 
ATOM   949  C  CG  . GLU B 1 48 ? -21.372 8.770   8.344   1.00 53.80  ? 276  GLU B CG  1 
ATOM   950  C  CD  . GLU B 1 48 ? -20.832 8.266   7.020   1.00 56.59  ? 276  GLU B CD  1 
ATOM   951  O  OE1 . GLU B 1 48 ? -20.645 7.035   6.848   1.00 58.44  ? 276  GLU B OE1 1 
ATOM   952  O  OE2 . GLU B 1 48 ? -20.562 9.115   6.148   1.00 57.70  ? 276  GLU B OE2 1 
ATOM   953  N  N   . GLN B 1 49 ? -23.912 6.274   11.225  1.00 54.93  ? 277  GLN B N   1 
ATOM   954  C  CA  . GLN B 1 49 ? -25.121 5.592   11.545  1.00 56.70  ? 277  GLN B CA  1 
ATOM   955  C  C   . GLN B 1 49 ? -25.573 6.002   12.922  1.00 57.61  ? 277  GLN B C   1 
ATOM   956  O  O   . GLN B 1 49 ? -26.762 6.031   13.193  1.00 58.98  ? 277  GLN B O   1 
ATOM   957  C  CB  . GLN B 1 49 ? -24.924 4.092   11.474  1.00 56.97  ? 277  GLN B CB  1 
ATOM   958  C  CG  . GLN B 1 49 ? -26.232 3.305   11.336  1.00 60.45  ? 277  GLN B CG  1 
ATOM   959  C  CD  . GLN B 1 49 ? -26.146 1.912   11.974  1.00 65.33  ? 277  GLN B CD  1 
ATOM   960  O  OE1 . GLN B 1 49 ? -25.076 1.500   12.457  1.00 67.86  ? 277  GLN B OE1 1 
ATOM   961  N  NE2 . GLN B 1 49 ? -27.272 1.186   11.987  1.00 64.77  ? 277  GLN B NE2 1 
ATOM   962  N  N   . ASN B 1 50 ? -24.632 6.312   13.803  1.00 58.28  ? 278  ASN B N   1 
ATOM   963  C  CA  . ASN B 1 50 ? -24.966 6.843   15.115  1.00 58.65  ? 278  ASN B CA  1 
ATOM   964  C  C   . ASN B 1 50 ? -25.558 8.247   14.961  1.00 59.77  ? 278  ASN B C   1 
ATOM   965  O  O   . ASN B 1 50 ? -26.620 8.531   15.478  1.00 59.80  ? 278  ASN B O   1 
ATOM   966  C  CB  . ASN B 1 50 ? -23.740 6.855   16.031  1.00 58.05  ? 278  ASN B CB  1 
ATOM   967  C  CG  . ASN B 1 50 ? -24.108 6.797   17.478  1.00 56.87  ? 278  ASN B CG  1 
ATOM   968  O  OD1 . ASN B 1 50 ? -25.181 7.229   17.854  1.00 59.04  ? 278  ASN B OD1 1 
ATOM   969  N  ND2 . ASN B 1 50 ? -23.233 6.255   18.302  1.00 55.48  ? 278  ASN B ND2 1 
ATOM   970  N  N   . GLN B 1 51 ? -24.868 9.109   14.223  1.00 61.25  ? 279  GLN B N   1 
ATOM   971  C  CA  . GLN B 1 51 ? -25.388 10.417  13.845  1.00 62.72  ? 279  GLN B CA  1 
ATOM   972  C  C   . GLN B 1 51 ? -26.819 10.410  13.309  1.00 64.29  ? 279  GLN B C   1 
ATOM   973  O  O   . GLN B 1 51 ? -27.566 11.350  13.541  1.00 64.93  ? 279  GLN B O   1 
ATOM   974  C  CB  . GLN B 1 51 ? -24.498 11.062  12.794  1.00 61.98  ? 279  GLN B CB  1 
ATOM   975  C  CG  . GLN B 1 51 ? -23.190 11.519  13.327  1.00 61.23  ? 279  GLN B CG  1 
ATOM   976  C  CD  . GLN B 1 51 ? -22.381 12.301  12.317  1.00 61.36  ? 279  GLN B CD  1 
ATOM   977  O  OE1 . GLN B 1 51 ? -22.286 11.947  11.134  1.00 60.50  ? 279  GLN B OE1 1 
ATOM   978  N  NE2 . GLN B 1 51 ? -21.761 13.372  12.794  1.00 63.16  ? 279  GLN B NE2 1 
ATOM   979  N  N   . LEU B 1 52 ? -27.214 9.384   12.575  1.00 66.06  ? 280  LEU B N   1 
ATOM   980  C  CA  . LEU B 1 52 ? -28.530 9.450   11.967  1.00 67.87  ? 280  LEU B CA  1 
ATOM   981  C  C   . LEU B 1 52 ? -29.616 8.979   12.939  1.00 68.84  ? 280  LEU B C   1 
ATOM   982  O  O   . LEU B 1 52 ? -30.782 9.290   12.772  1.00 68.99  ? 280  LEU B O   1 
ATOM   983  C  CB  . LEU B 1 52 ? -28.577 8.710   10.626  1.00 68.02  ? 280  LEU B CB  1 
ATOM   984  C  CG  . LEU B 1 52 ? -29.602 9.348   9.668   1.00 69.88  ? 280  LEU B CG  1 
ATOM   985  C  CD1 . LEU B 1 52 ? -28.963 9.939   8.380   1.00 70.93  ? 280  LEU B CD1 1 
ATOM   986  C  CD2 . LEU B 1 52 ? -30.781 8.389   9.339   1.00 70.86  ? 280  LEU B CD2 1 
HETATM 987  N  N   . MSE B 1 53 ? -29.221 8.232   13.960  1.00 70.32  ? 281  MSE B N   1 
HETATM 988  C  CA  . MSE B 1 53 ? -30.132 7.852   15.026  1.00 71.65  ? 281  MSE B CA  1 
HETATM 989  C  C   . MSE B 1 53 ? -30.234 9.009   16.006  1.00 72.47  ? 281  MSE B C   1 
HETATM 990  O  O   . MSE B 1 53 ? -30.955 8.949   16.985  1.00 72.68  ? 281  MSE B O   1 
HETATM 991  C  CB  . MSE B 1 53 ? -29.634 6.600   15.738  1.00 71.80  ? 281  MSE B CB  1 
HETATM 992  C  CG  . MSE B 1 53 ? -29.500 5.377   14.855  1.00 72.62  ? 281  MSE B CG  1 
HETATM 993  SE SE  . MSE B 1 53 ? -29.533 3.708   15.885  1.00 77.50  ? 281  MSE B SE  1 
HETATM 994  C  CE  . MSE B 1 53 ? -31.442 3.321   15.896  0.90 76.60  ? 281  MSE B CE  1 
ATOM   995  N  N   . LEU B 1 54 ? -29.481 10.061  15.734  1.00 73.66  ? 282  LEU B N   1 
ATOM   996  C  CA  . LEU B 1 54 ? -29.623 11.291  16.455  1.00 74.88  ? 282  LEU B CA  1 
ATOM   997  C  C   . LEU B 1 54 ? -30.465 12.229  15.607  1.00 76.29  ? 282  LEU B C   1 
ATOM   998  O  O   . LEU B 1 54 ? -31.580 12.501  16.010  1.00 76.58  ? 282  LEU B O   1 
ATOM   999  C  CB  . LEU B 1 54 ? -28.267 11.890  16.823  1.00 74.76  ? 282  LEU B CB  1 
ATOM   1000 C  CG  . LEU B 1 54 ? -27.373 11.056  17.751  1.00 74.26  ? 282  LEU B CG  1 
ATOM   1001 C  CD1 . LEU B 1 54 ? -26.172 11.871  18.198  1.00 73.41  ? 282  LEU B CD1 1 
ATOM   1002 C  CD2 . LEU B 1 54 ? -28.131 10.508  18.951  1.00 73.15  ? 282  LEU B CD2 1 
ATOM   1003 N  N   . GLU B 1 55 ? -29.965 12.678  14.440  1.00 77.58  ? 283  GLU B N   1 
ATOM   1004 C  CA  A GLU B 1 55 ? -30.712 13.540  13.490  0.50 78.32  ? 283  GLU B CA  1 
ATOM   1005 C  CA  B GLU B 1 55 ? -30.725 13.573  13.540  0.50 78.20  ? 283  GLU B CA  1 
ATOM   1006 C  C   . GLU B 1 55 ? -32.190 13.164  13.389  1.00 79.05  ? 283  GLU B C   1 
ATOM   1007 O  O   . GLU B 1 55 ? -33.027 14.002  13.046  1.00 78.94  ? 283  GLU B O   1 
ATOM   1008 C  CB  A GLU B 1 55 ? -30.081 13.484  12.093  0.50 78.13  ? 283  GLU B CB  1 
ATOM   1009 C  CB  B GLU B 1 55 ? -30.056 13.687  12.168  0.50 77.94  ? 283  GLU B CB  1 
ATOM   1010 C  CG  A GLU B 1 55 ? -30.668 14.474  11.096  0.50 78.44  ? 283  GLU B CG  1 
ATOM   1011 C  CG  B GLU B 1 55 ? -28.979 14.758  12.098  0.50 77.62  ? 283  GLU B CG  1 
ATOM   1012 C  CD  A GLU B 1 55 ? -30.640 13.972  9.654   0.50 78.78  ? 283  GLU B CD  1 
ATOM   1013 C  CD  B GLU B 1 55 ? -27.859 14.405  11.132  0.50 77.66  ? 283  GLU B CD  1 
ATOM   1014 O  OE1 A GLU B 1 55 ? -29.928 12.983  9.370   0.50 78.82  ? 283  GLU B OE1 1 
ATOM   1015 O  OE1 B GLU B 1 55 ? -27.955 13.351  10.463  0.50 78.26  ? 283  GLU B OE1 1 
ATOM   1016 O  OE2 A GLU B 1 55 ? -31.332 14.572  8.800   0.50 78.11  ? 283  GLU B OE2 1 
ATOM   1017 O  OE2 B GLU B 1 55 ? -26.879 15.177  11.044  0.50 76.75  ? 283  GLU B OE2 1 
ATOM   1018 N  N   . ASP B 1 56 ? -32.476 11.881  13.661  1.00 80.42  ? 284  ASP B N   1 
ATOM   1019 C  CA  A ASP B 1 56 ? -33.838 11.349  13.785  0.50 81.44  ? 284  ASP B CA  1 
ATOM   1020 C  CA  B ASP B 1 56 ? -33.847 11.363  13.775  0.50 81.46  ? 284  ASP B CA  1 
ATOM   1021 C  C   . ASP B 1 56 ? -34.557 12.057  14.922  1.00 82.33  ? 284  ASP B C   1 
ATOM   1022 O  O   . ASP B 1 56 ? -35.566 12.736  14.711  1.00 82.86  ? 284  ASP B O   1 
ATOM   1023 C  CB  A ASP B 1 56 ? -33.803 9.834   14.056  0.50 81.17  ? 284  ASP B CB  1 
ATOM   1024 C  CB  B ASP B 1 56 ? -33.866 9.845   14.015  0.50 81.19  ? 284  ASP B CB  1 
ATOM   1025 C  CG  A ASP B 1 56 ? -34.890 9.383   15.018  0.50 80.42  ? 284  ASP B CG  1 
ATOM   1026 C  CG  B ASP B 1 56 ? -34.287 9.062   12.789  0.50 80.54  ? 284  ASP B CG  1 
ATOM   1027 O  OD1 A ASP B 1 56 ? -36.051 9.262   14.580  0.50 79.30  ? 284  ASP B OD1 1 
ATOM   1028 O  OD1 B ASP B 1 56 ? -34.660 9.696   11.782  0.50 79.49  ? 284  ASP B OD1 1 
ATOM   1029 O  OD2 A ASP B 1 56 ? -34.580 9.164   16.213  0.50 79.71  ? 284  ASP B OD2 1 
ATOM   1030 O  OD2 B ASP B 1 56 ? -34.244 7.814   12.836  0.50 79.80  ? 284  ASP B OD2 1 
ATOM   1031 N  N   . ASN B 1 57 ? -34.019 11.876  16.126  1.00 83.69  ? 285  ASN B N   1 
ATOM   1032 C  CA  . ASN B 1 57 ? -34.546 12.452  17.346  1.00 85.65  ? 285  ASN B CA  1 
ATOM   1033 C  C   . ASN B 1 57 ? -34.728 13.980  17.305  1.00 86.97  ? 285  ASN B C   1 
ATOM   1034 O  O   . ASN B 1 57 ? -35.725 14.498  17.806  1.00 86.87  ? 285  ASN B O   1 
ATOM   1035 C  CB  . ASN B 1 57 ? -33.607 12.080  18.473  1.00 85.46  ? 285  ASN B CB  1 
ATOM   1036 C  CG  . ASN B 1 57 ? -34.329 11.607  19.676  1.00 86.02  ? 285  ASN B CG  1 
ATOM   1037 O  OD1 . ASN B 1 57 ? -34.135 12.138  20.777  1.00 85.64  ? 285  ASN B OD1 1 
ATOM   1038 N  ND2 . ASN B 1 57 ? -35.177 10.586  19.493  1.00 86.23  ? 285  ASN B ND2 1 
ATOM   1039 N  N   . LEU B 1 58 ? -33.764 14.671  16.691  1.00 88.92  ? 286  LEU B N   1 
ATOM   1040 C  CA  . LEU B 1 58 ? -33.732 16.125  16.598  1.00 90.97  ? 286  LEU B CA  1 
ATOM   1041 C  C   . LEU B 1 58 ? -34.915 16.628  15.825  1.00 92.59  ? 286  LEU B C   1 
ATOM   1042 O  O   . LEU B 1 58 ? -35.653 17.486  16.306  1.00 93.41  ? 286  LEU B O   1 
ATOM   1043 C  CB  . LEU B 1 58 ? -32.451 16.622  15.909  1.00 90.92  ? 286  LEU B CB  1 
ATOM   1044 C  CG  . LEU B 1 58 ? -32.268 18.133  15.653  1.00 90.91  ? 286  LEU B CG  1 
ATOM   1045 C  CD1 . LEU B 1 58 ? -31.933 18.916  16.937  1.00 90.89  ? 286  LEU B CD1 1 
ATOM   1046 C  CD2 . LEU B 1 58 ? -31.209 18.386  14.587  1.00 90.37  ? 286  LEU B CD2 1 
ATOM   1047 N  N   . LYS B 1 59 ? -35.092 16.113  14.617  1.00 94.40  ? 287  LYS B N   1 
ATOM   1048 C  CA  . LYS B 1 59 ? -36.165 16.615  13.761  1.00 96.19  ? 287  LYS B CA  1 
ATOM   1049 C  C   . LYS B 1 59 ? -37.541 15.970  14.062  1.00 97.02  ? 287  LYS B C   1 
ATOM   1050 O  O   . LYS B 1 59 ? -38.557 16.381  13.502  1.00 97.18  ? 287  LYS B O   1 
ATOM   1051 C  CB  . LYS B 1 59 ? -35.742 16.599  12.281  1.00 96.38  ? 287  LYS B CB  1 
ATOM   1052 C  CG  . LYS B 1 59 ? -34.709 17.708  11.952  1.00 97.42  ? 287  LYS B CG  1 
ATOM   1053 C  CD  . LYS B 1 59 ? -33.412 17.148  11.330  1.00 98.82  ? 287  LYS B CD  1 
ATOM   1054 C  CE  . LYS B 1 59 ? -32.371 18.254  11.097  1.00 99.15  ? 287  LYS B CE  1 
ATOM   1055 N  NZ  . LYS B 1 59 ? -31.063 17.731  10.593  1.00 98.99  ? 287  LYS B NZ  1 
ATOM   1056 N  N   . GLN B 1 60 ? -37.563 14.993  14.974  1.00 98.13  ? 288  GLN B N   1 
ATOM   1057 C  CA  . GLN B 1 60 ? -38.805 14.543  15.607  1.00 99.32  ? 288  GLN B CA  1 
ATOM   1058 C  C   . GLN B 1 60 ? -39.205 15.508  16.719  1.00 100.17 ? 288  GLN B C   1 
ATOM   1059 O  O   . GLN B 1 60 ? -40.389 15.813  16.895  1.00 100.30 ? 288  GLN B O   1 
ATOM   1060 C  CB  . GLN B 1 60 ? -38.674 13.124  16.157  1.00 99.23  ? 288  GLN B CB  1 
ATOM   1061 C  CG  . GLN B 1 60 ? -38.907 12.043  15.103  1.00 100.19 ? 288  GLN B CG  1 
ATOM   1062 C  CD  . GLN B 1 60 ? -38.838 10.624  15.658  1.00 100.97 ? 288  GLN B CD  1 
ATOM   1063 O  OE1 . GLN B 1 60 ? -38.095 10.341  16.603  1.00 101.45 ? 288  GLN B OE1 1 
ATOM   1064 N  NE2 . GLN B 1 60 ? -39.612 9.722   15.060  1.00 100.77 ? 288  GLN B NE2 1 
ATOM   1065 N  N   . ILE B 1 61 ? -38.213 15.996  17.459  1.00 101.28 ? 289  ILE B N   1 
ATOM   1066 C  CA  . ILE B 1 61 ? -38.467 16.997  18.492  1.00 102.32 ? 289  ILE B CA  1 
ATOM   1067 C  C   . ILE B 1 61 ? -38.609 18.388  17.895  1.00 102.98 ? 289  ILE B C   1 
ATOM   1068 O  O   . ILE B 1 61 ? -39.075 19.293  18.574  1.00 103.19 ? 289  ILE B O   1 
ATOM   1069 C  CB  . ILE B 1 61 ? -37.394 17.001  19.637  1.00 102.39 ? 289  ILE B CB  1 
ATOM   1070 C  CG1 . ILE B 1 61 ? -36.065 17.624  19.157  1.00 102.33 ? 289  ILE B CG1 1 
ATOM   1071 C  CG2 . ILE B 1 61 ? -37.266 15.588  20.292  1.00 102.61 ? 289  ILE B CG2 1 
ATOM   1072 C  CD1 . ILE B 1 61 ? -34.918 17.614  20.168  1.00 102.06 ? 289  ILE B CD1 1 
ATOM   1073 N  N   . ASP B 1 62 ? -38.236 18.553  16.629  1.00 104.02 ? 290  ASP B N   1 
ATOM   1074 C  CA  . ASP B 1 62 ? -38.272 19.875  15.990  1.00 105.39 ? 290  ASP B CA  1 
ATOM   1075 C  C   . ASP B 1 62 ? -39.690 20.300  15.570  1.00 106.07 ? 290  ASP B C   1 
ATOM   1076 O  O   . ASP B 1 62 ? -39.873 21.273  14.814  1.00 106.21 ? 290  ASP B O   1 
ATOM   1077 C  CB  . ASP B 1 62 ? -37.285 19.960  14.817  1.00 105.52 ? 290  ASP B CB  1 
ATOM   1078 C  CG  . ASP B 1 62 ? -36.443 21.236  14.852  1.00 106.29 ? 290  ASP B CG  1 
ATOM   1079 O  OD1 . ASP B 1 62 ? -35.777 21.505  15.883  1.00 105.75 ? 290  ASP B OD1 1 
ATOM   1080 O  OD2 . ASP B 1 62 ? -36.445 21.969  13.839  1.00 107.28 ? 290  ASP B OD2 1 
ATOM   1081 N  N   . ASP B 1 63 ? -40.673 19.552  16.081  1.00 106.88 ? 291  ASP B N   1 
ATOM   1082 C  CA  . ASP B 1 63 ? -42.113 19.863  15.992  1.00 107.40 ? 291  ASP B CA  1 
ATOM   1083 C  C   . ASP B 1 63 ? -42.886 19.213  17.166  1.00 107.67 ? 291  ASP B C   1 
ATOM   1084 O  O   . ASP B 1 63 ? -44.124 19.225  17.192  1.00 107.59 ? 291  ASP B O   1 
ATOM   1085 C  CB  . ASP B 1 63 ? -42.689 19.425  14.638  1.00 107.39 ? 291  ASP B CB  1 
ATOM   1086 C  CG  . ASP B 1 63 ? -42.213 18.043  14.218  1.00 107.54 ? 291  ASP B CG  1 
ATOM   1087 O  OD1 . ASP B 1 63 ? -41.680 17.922  13.095  1.00 107.52 ? 291  ASP B OD1 1 
ATOM   1088 O  OD2 . ASP B 1 63 ? -42.358 17.084  15.012  1.00 107.65 ? 291  ASP B OD2 1 
ATOM   1089 N  N   . ARG B 1 64 ? -42.128 18.639  18.112  1.00 107.96 ? 292  ARG B N   1 
ATOM   1090 C  CA  . ARG B 1 64 ? -42.619 18.146  19.413  1.00 108.12 ? 292  ARG B CA  1 
ATOM   1091 C  C   . ARG B 1 64 ? -44.066 17.641  19.386  1.00 108.14 ? 292  ARG B C   1 
ATOM   1092 O  O   . ARG B 1 64 ? -44.685 17.420  20.426  1.00 108.31 ? 292  ARG B O   1 
ATOM   1093 C  CB  . ARG B 1 64 ? -42.415 19.221  20.499  1.00 108.14 ? 292  ARG B CB  1 
ATOM   1094 C  CG  . ARG B 1 64 ? -43.329 20.449  20.374  1.00 108.83 ? 292  ARG B CG  1 
ATOM   1095 C  CD  . ARG B 1 64 ? -42.543 21.762  20.368  1.00 109.73 ? 292  ARG B CD  1 
ATOM   1096 N  NE  . ARG B 1 64 ? -41.945 22.049  19.062  1.00 110.54 ? 292  ARG B NE  1 
ATOM   1097 C  CZ  . ARG B 1 64 ? -41.236 23.140  18.766  1.00 110.79 ? 292  ARG B CZ  1 
ATOM   1098 N  NH1 . ARG B 1 64 ? -41.016 24.078  19.685  1.00 110.57 ? 292  ARG B NH1 1 
ATOM   1099 N  NH2 . ARG B 1 64 ? -40.743 23.292  17.540  1.00 110.53 ? 292  ARG B NH2 1 
HETATM 1100 O  O   . HOH C 2 .  ? -24.532 18.361  25.227  1.00 23.98  ? 2001 HOH A O   1 
HETATM 1101 O  O   . HOH C 2 .  ? -19.865 20.613  21.645  1.00 27.87  ? 2002 HOH A O   1 
HETATM 1102 O  O   . HOH C 2 .  ? -13.233 10.299  4.699   1.00 67.81  ? 2003 HOH A O   1 
HETATM 1103 O  O   . HOH C 2 .  ? -5.011  14.789  5.234   1.00 60.87  ? 2004 HOH A O   1 
HETATM 1104 O  O   . HOH C 2 .  ? 4.589   3.929   3.550   1.00 66.54  ? 2005 HOH A O   1 
HETATM 1105 O  O   . HOH C 2 .  ? 1.846   3.995   -7.891  1.00 48.28  ? 2006 HOH A O   1 
HETATM 1106 O  O   . HOH C 2 .  ? 3.140   -1.233  -7.244  1.00 63.05  ? 2007 HOH A O   1 
HETATM 1107 O  O   . HOH C 2 .  ? 3.591   -1.736  -10.170 0.50 5.07   ? 2008 HOH A O   1 
HETATM 1108 O  O   . HOH C 2 .  ? 22.157  -4.414  -12.889 1.00 41.11  ? 2009 HOH A O   1 
HETATM 1109 O  O   . HOH C 2 .  ? 27.948  -8.968  -24.439 1.00 32.36  ? 2010 HOH A O   1 
HETATM 1110 O  O   . HOH C 2 .  ? 32.377  -24.493 -30.776 1.00 63.23  ? 2011 HOH A O   1 
HETATM 1111 O  O   . HOH D 2 .  ? 40.250  -15.210 -18.379 1.00 58.37  ? 2001 HOH B O   1 
HETATM 1112 O  O   . HOH D 2 .  ? 17.691  -11.547 1.335   1.00 59.89  ? 2002 HOH B O   1 
HETATM 1113 O  O   . HOH D 2 .  ? 5.698   -11.450 -4.955  1.00 49.79  ? 2003 HOH B O   1 
HETATM 1114 O  O   . HOH D 2 .  ? 6.804   -5.785  5.522   1.00 57.79  ? 2004 HOH B O   1 
HETATM 1115 O  O   . HOH D 2 .  ? -7.184  -5.098  2.596   1.00 64.49  ? 2005 HOH B O   1 
HETATM 1116 O  O   . HOH D 2 .  ? -15.428 -0.955  5.763   1.00 57.73  ? 2006 HOH B O   1 
HETATM 1117 O  O   . HOH D 2 .  ? -14.137 -0.120  12.975  1.00 55.48  ? 2007 HOH B O   1 
HETATM 1118 O  O   . HOH D 2 .  ? -17.247 4.191   5.724   1.00 54.92  ? 2008 HOH B O   1 
HETATM 1119 O  O   . HOH D 2 .  ? -16.835 2.285   15.418  1.00 59.46  ? 2009 HOH B O   1 
HETATM 1120 O  O   . HOH D 2 .  ? -26.214 11.254  9.106   1.00 77.77  ? 2010 HOH B O   1 
# 
